data_6HUP
#
_entry.id   6HUP
#
loop_
_entity.id
_entity.type
_entity.pdbx_description
1 polymer 'Gamma-aminobutyric acid receptor subunit alpha-1,Gamma-aminobutyric acid receptor subunit alpha-1'
2 polymer 'Gamma-aminobutyric acid receptor subunit beta-3'
3 polymer 'Gamma-aminobutyric acid receptor subunit gamma-2'
4 polymer 'Megabody Mb38'
5 branched alpha-D-mannopyranose-(1-3)-[alpha-D-mannopyranose-(1-6)]alpha-D-mannopyranose-(1-6)-[alpha-D-mannopyranose-(1-3)]beta-D-mannopyranose-(1-4)-2-acetamido-2-deoxy-beta-D-glucopyranose-(1-4)-2-acetamido-2-deoxy-beta-D-glucopyranose
6 branched 2-acetamido-2-deoxy-beta-D-glucopyranose-(1-4)-2-acetamido-2-deoxy-beta-D-glucopyranose
7 branched alpha-D-mannopyranose-(1-3)-alpha-D-mannopyranose-(1-6)-[alpha-D-mannopyranose-(1-3)]beta-D-mannopyranose-(1-4)-2-acetamido-2-deoxy-beta-D-glucopyranose-(1-4)-2-acetamido-2-deoxy-beta-D-glucopyranose
8 branched alpha-D-mannopyranose-(1-3)-[alpha-D-mannopyranose-(1-6)]beta-D-mannopyranose-(1-4)-2-acetamido-2-deoxy-beta-D-glucopyranose-(1-4)-2-acetamido-2-deoxy-beta-D-glucopyranose
9 non-polymer '[(2R)-2-octanoyloxy-3-[oxidanyl-[(1R,2R,3S,4R,5R,6S)-2,3,6-tris(oxidanyl)-4,5-diphosphonooxy-cyclohexyl]oxy-phosphoryl]oxy-propyl] octanoate'
10 non-polymer 'GAMMA-AMINO-BUTANOIC ACID'
11 non-polymer 7-CHLORO-1-METHYL-5-PHENYL-1,3-DIHYDRO-2H-1,4-BENZODIAZEPIN-2-ONE
#
loop_
_entity_poly.entity_id
_entity_poly.type
_entity_poly.pdbx_seq_one_letter_code
_entity_poly.pdbx_strand_id
1 'polypeptide(L)'
;MKKSPGLSDYLWAWTLFLSTLTGRSYGDYKDDDDKQPSLQDELKDNTTVFTRILDRLLDGYDNRLRPGLGERVTEVKTDI
FVTSFGPVSDHDMEYTIDVFFRQSWKDERLKFKGPMTVLRLNNLMASKIWTPDTFFHNGKKSVAHNMTMPNKLLRITEDG
TLLYTMRLTVRAECPMHLEDFPMDAHACPLKFGSYAYTRAEVVYEWTREPARSVVVAEDGSRLNQYDLLGQTVDSGIVQS
STGEYVVMTTHFHLKRKIGYFVIQTYLPCIMTVILSQVSFWLNRESVPARTVFGVTTVLTMTTLSISARNSLPKVAYATA
MDWFIAVCYAFVFSALIEFATVNYFTKRGYAWDGKSVVPEKPKKVKDPLIKKNNTYAPTATSYTPNLARGDPGLATIAKS
ATIEPKEVKPETKPPEPKKTFNSVSKIDRLSRIAFPLLFGIFNLVYWATYLNREPQLKAPTPHQ
;
A,D
2 'polypeptide(L)'
;MCSGLLELLLPIWLSWTLGTRGSEPRSVNDPGNMSFVKETVDKLLKGYDIRLRPDFGGPPVCVGMNIDIASIDMVSEVNM
DYTLTMYFQQYWRDKRLAYSGIPLNLTLDNRVADQLWVPDTYFLNDKKSFVHGVTVKNRMIRLHPDGTVLYGLRITTTAA
CMMDLRRYPLDEQNCTLEIESYGYTTDDIEFYWRGGDKAVTGVERIELPQFSIVEHRLVSRNVVFATGAYPRLSLSFRLK
RNIGYFILQTYMPSILITILSWVSFWINYDASAARVALGITTVLTMTTINTHLRETLPKIPYVKAIDMYLMGCFVFVFLA
LLEYAFVNYIFFGRGPQRQKKLAEKTAKAKNDRSKSESNRVDAHGNILLTSLEVHNEMNEVSGGIGDTRNSAISFDNSGI
QYRKQSMPREGHGRFLGDRSLPHKKTHLRRRSSQLKIKIPDLTDVNAIDRWSRIVFPFTFSLFNLVYWLYYVN
;
B,E
3 'polypeptide(L)'
;MSSPNIWSTGSSVYSTPVFSQKMTVWILLLLSLYPGFTSQKSDDDYEDYASNKTWVLTPKVPEGDVTVILNNLLEGYDNK
LRPDIGVKPTLIHTDMYVNSIGPVNAINMEYTIDIFFAQTWYDRRLKFNSTIKVLRLNSNMVGKIWIPDTFFRNSKKADA
HWITTPNRMLRIWNDGRVLYTLRLTIDAECQLQLHNFPMDEHSCPLEFSSYGYPREEIVYQWKRSSVEVGDTRSWRLYQF
SFVGLRNTTEVVKTTSGDYVVMSVYFDLSRRMGYFTIQTYIPCTLIVVLSWVSFWINKDAVPARTSLGITTVLTMTTLST
IARKSLPKVSYVTAMDLFVSVCFIFVFSALVEYGTLHYFVSNRKPSKDKDKKKKNPLLRMFSFKAPTIDIRPRSATIQMN
NATHLQERDEEYGYECLDGKDCASFFCCFEDCRTGAWRHGRIHIRIAKMDSYARIFFPTAFCLFNLVYWVSYLYLGGSGG
SGGSGKTETSQVAPA
;
C
4 'polypeptide(L)'
;QVQLQESGGGLVQTKTTTSVIDTTNDAQNLLTQAQTIVNTLKDYCPILIAKSSSSNGGTNNANTPSWQTAGGGKNSCATF
GAEFSAASDMINNAQKIVQETQQLSANQPKNITQPHNLNLNSPSSLTALAQKMLKNAQSQAEILKLANQVESDFNKLSSG
HLKDYIGKCDASAISSANMTMQNQKNNWGNGCAGVEETQSLLKTSAADFNNQTPQINQAQNLANTLIQELGNNPFRASGG
GSGGGGSGKLSDTYEQLSRLLTNDNGTNSKTSAQAINQAVNNLNERAKTLAGGTTNSPAYQATLLALRSVLGLWNSMGYA
VICGGYTKSPGENNQKDFHYTDENGNGTTINCGGSTNSNGTHSYNGTNTLKADKNVSLSIEQYEKIHEAYQILSKALKQA
GLAPLNSKGEKLEAHVTTSKYGSLRVSCAASGRTFTTYIMAWFRQAPGKEREFLAAMDQGRIQYYGDSVRGRFTISRDYA
KNSVDLQLDGLRPEDTAVYYCAAGAGFWGLRTASSYHYWGQGTQVTVSSHHHHHHEPEA
;
G
#
loop_
_chem_comp.id
_chem_comp.type
_chem_comp.name
_chem_comp.formula
ABU non-polymer 'GAMMA-AMINO-BUTANOIC ACID' 'C4 H9 N O2'
BMA D-saccharide, beta linking beta-D-mannopyranose 'C6 H12 O6'
DZP non-polymer 7-CHLORO-1-METHYL-5-PHENYL-1,3-DIHYDRO-2H-1,4-BENZODIAZEPIN-2-ONE 'C16 H13 Cl N2 O'
MAN D-saccharide, alpha linking alpha-D-mannopyranose 'C6 H12 O6'
NAG D-saccharide, beta linking 2-acetamido-2-deoxy-beta-D-glucopyranose 'C8 H15 N O6'
PIO non-polymer '[(2R)-2-octanoyloxy-3-[oxidanyl-[(1R,2R,3S,4R,5R,6S)-2,3,6-tris(oxidanyl)-4,5-diphosphonooxy-cyclohexyl]oxy-phosphoryl]oxy-propyl] octanoate' 'C25 H49 O19 P3'
#
# COMPACT_ATOMS: atom_id res chain seq x y z
N THR A 48 -5.18 33.36 -38.78
CA THR A 48 -6.32 33.87 -39.52
C THR A 48 -6.76 32.87 -40.55
N VAL A 49 -5.82 32.47 -41.39
CA VAL A 49 -6.10 31.52 -42.45
C VAL A 49 -6.35 30.14 -41.87
N PHE A 50 -5.55 29.77 -40.88
CA PHE A 50 -5.65 28.43 -40.30
C PHE A 50 -6.91 28.25 -39.50
N THR A 51 -7.51 29.33 -39.01
CA THR A 51 -8.81 29.22 -38.35
C THR A 51 -9.88 28.73 -39.30
N ARG A 52 -9.96 29.32 -40.49
CA ARG A 52 -10.98 28.89 -41.44
C ARG A 52 -10.61 27.57 -42.11
N ILE A 53 -9.32 27.23 -42.15
CA ILE A 53 -8.92 25.89 -42.58
C ILE A 53 -9.46 24.83 -41.63
N LEU A 54 -9.24 25.04 -40.32
CA LEU A 54 -9.72 24.08 -39.34
C LEU A 54 -11.23 24.06 -39.27
N ASP A 55 -11.88 25.20 -39.48
CA ASP A 55 -13.33 25.22 -39.52
C ASP A 55 -13.85 24.46 -40.73
N ARG A 56 -13.17 24.57 -41.86
CA ARG A 56 -13.56 23.84 -43.06
C ARG A 56 -13.33 22.33 -42.90
N LEU A 57 -12.33 21.94 -42.12
CA LEU A 57 -12.14 20.53 -41.81
C LEU A 57 -13.26 19.98 -40.94
N LEU A 58 -13.62 20.68 -39.88
CA LEU A 58 -14.65 20.21 -38.96
C LEU A 58 -16.07 20.51 -39.42
N ASP A 59 -16.27 21.10 -40.59
CA ASP A 59 -17.61 21.23 -41.13
C ASP A 59 -18.29 19.89 -41.38
N GLY A 60 -17.77 19.11 -42.31
CA GLY A 60 -18.40 17.87 -42.69
C GLY A 60 -17.81 16.66 -42.01
N TYR A 61 -17.50 16.79 -40.73
CA TYR A 61 -16.78 15.76 -40.02
C TYR A 61 -17.62 15.19 -38.90
N ASP A 62 -17.52 13.88 -38.74
CA ASP A 62 -18.05 13.16 -37.60
C ASP A 62 -16.88 12.46 -36.91
N ASN A 63 -16.85 12.53 -35.59
CA ASN A 63 -15.84 11.82 -34.83
C ASN A 63 -16.39 10.55 -34.20
N ARG A 64 -17.49 10.03 -34.72
CA ARG A 64 -18.13 8.85 -34.16
C ARG A 64 -17.95 7.62 -35.02
N LEU A 65 -17.44 7.77 -36.22
CA LEU A 65 -17.37 6.64 -37.13
C LEU A 65 -16.01 6.61 -37.81
N ARG A 66 -15.58 5.39 -38.09
CA ARG A 66 -14.26 5.08 -38.59
C ARG A 66 -14.05 5.68 -39.98
N PRO A 67 -12.87 6.20 -40.28
CA PRO A 67 -12.56 6.66 -41.64
C PRO A 67 -12.60 5.53 -42.66
N GLY A 68 -13.50 5.65 -43.62
CA GLY A 68 -13.74 4.56 -44.53
C GLY A 68 -14.41 3.42 -43.80
N LEU A 69 -15.63 3.67 -43.31
CA LEU A 69 -16.30 2.71 -42.46
C LEU A 69 -16.78 1.52 -43.28
N GLY A 70 -17.31 1.76 -44.48
CA GLY A 70 -17.77 0.69 -45.32
C GLY A 70 -16.86 0.39 -46.48
N GLU A 71 -15.62 0.87 -46.47
CA GLU A 71 -14.73 0.69 -47.60
C GLU A 71 -13.58 -0.26 -47.30
N ARG A 72 -12.78 0.01 -46.28
CA ARG A 72 -11.58 -0.79 -46.08
C ARG A 72 -11.16 -0.68 -44.62
N VAL A 73 -10.13 -1.43 -44.27
CA VAL A 73 -9.60 -1.36 -42.92
C VAL A 73 -8.79 -0.09 -42.73
N THR A 74 -8.63 0.30 -41.48
CA THR A 74 -7.83 1.47 -41.11
C THR A 74 -6.49 1.00 -40.57
N GLU A 75 -5.45 1.12 -41.37
CA GLU A 75 -4.11 0.70 -40.96
C GLU A 75 -3.53 1.71 -39.96
N VAL A 76 -3.57 1.39 -38.68
CA VAL A 76 -2.96 2.22 -37.65
C VAL A 76 -1.52 1.79 -37.47
N LYS A 77 -0.59 2.71 -37.66
CA LYS A 77 0.83 2.42 -37.53
C LYS A 77 1.35 2.80 -36.14
N THR A 78 1.36 1.84 -35.21
CA THR A 78 1.70 2.12 -33.82
C THR A 78 3.21 2.14 -33.66
N ASP A 79 3.66 2.68 -32.53
CA ASP A 79 5.06 2.87 -32.19
C ASP A 79 5.15 3.23 -30.71
N ILE A 80 6.21 2.77 -30.04
CA ILE A 80 6.45 2.96 -28.62
C ILE A 80 7.89 3.45 -28.42
N PHE A 81 8.05 4.48 -27.62
CA PHE A 81 9.34 4.94 -27.10
C PHE A 81 9.37 4.73 -25.59
N VAL A 82 9.99 3.63 -25.12
CA VAL A 82 10.07 3.40 -23.67
C VAL A 82 11.07 4.35 -23.03
N THR A 83 10.56 5.33 -22.29
CA THR A 83 11.49 6.23 -21.63
C THR A 83 12.12 5.59 -20.42
N SER A 84 11.30 5.02 -19.54
CA SER A 84 11.79 4.44 -18.30
C SER A 84 10.99 3.21 -17.90
N PHE A 85 11.64 2.05 -17.86
CA PHE A 85 11.00 0.79 -17.52
C PHE A 85 10.94 0.63 -16.00
N GLY A 86 9.83 0.97 -15.38
CA GLY A 86 9.78 1.17 -13.94
C GLY A 86 9.85 -0.12 -13.16
N PRO A 87 9.76 -0.01 -11.84
CA PRO A 87 10.15 -1.12 -10.97
C PRO A 87 9.16 -2.27 -11.02
N VAL A 88 9.68 -3.49 -11.03
CA VAL A 88 8.88 -4.68 -11.29
C VAL A 88 8.44 -5.28 -9.95
N SER A 89 7.20 -4.98 -9.56
CA SER A 89 6.70 -5.41 -8.27
C SER A 89 6.41 -6.90 -8.29
N ASP A 90 7.22 -7.68 -7.56
CA ASP A 90 7.00 -9.12 -7.51
C ASP A 90 5.75 -9.49 -6.75
N HIS A 91 5.48 -8.81 -5.64
CA HIS A 91 4.33 -9.12 -4.80
C HIS A 91 3.01 -8.93 -5.51
N ASP A 92 2.94 -7.99 -6.44
CA ASP A 92 1.73 -7.81 -7.21
C ASP A 92 1.80 -8.53 -8.54
N MET A 93 2.95 -9.14 -8.85
CA MET A 93 3.27 -9.75 -10.13
C MET A 93 3.04 -8.80 -11.30
N GLU A 94 3.41 -7.55 -11.12
CA GLU A 94 3.17 -6.51 -12.12
C GLU A 94 4.47 -5.82 -12.45
N TYR A 95 4.41 -4.86 -13.36
CA TYR A 95 5.50 -3.91 -13.48
C TYR A 95 4.94 -2.57 -13.92
N THR A 96 5.78 -1.55 -13.89
CA THR A 96 5.41 -0.21 -14.33
C THR A 96 6.27 0.11 -15.54
N ILE A 97 5.68 0.74 -16.54
CA ILE A 97 6.33 1.23 -17.73
C ILE A 97 5.74 2.61 -18.05
N ASP A 98 6.60 3.54 -18.45
CA ASP A 98 6.16 4.85 -18.93
C ASP A 98 6.52 5.01 -20.40
N VAL A 99 5.54 5.03 -21.29
CA VAL A 99 5.81 5.23 -22.69
C VAL A 99 5.19 6.31 -23.54
N PHE A 100 5.91 6.87 -24.51
CA PHE A 100 5.32 7.92 -25.35
C PHE A 100 4.72 7.14 -26.50
N PHE A 101 3.39 7.08 -26.56
CA PHE A 101 2.70 6.04 -27.32
C PHE A 101 2.31 6.52 -28.72
N ARG A 102 3.09 6.25 -29.75
CA ARG A 102 2.79 6.87 -31.04
C ARG A 102 1.77 6.06 -31.81
N GLN A 103 0.83 6.75 -32.45
CA GLN A 103 -0.09 6.18 -33.41
C GLN A 103 -0.16 7.03 -34.67
N SER A 104 -0.43 6.39 -35.79
CA SER A 104 -0.59 7.09 -37.06
C SER A 104 -1.53 6.36 -38.01
N TRP A 105 -2.36 7.11 -38.69
CA TRP A 105 -3.25 6.52 -39.69
C TRP A 105 -3.58 7.57 -40.71
N LYS A 106 -4.42 7.21 -41.67
CA LYS A 106 -4.77 8.10 -42.77
C LYS A 106 -6.26 8.31 -42.81
N ASP A 107 -6.66 9.57 -42.74
CA ASP A 107 -8.06 10.00 -42.77
C ASP A 107 -8.24 10.93 -43.95
N GLU A 108 -9.05 10.53 -44.92
CA GLU A 108 -9.18 11.31 -46.15
C GLU A 108 -9.98 12.58 -45.91
N ARG A 109 -10.81 12.61 -44.88
CA ARG A 109 -11.64 13.77 -44.59
C ARG A 109 -10.83 14.94 -44.07
N LEU A 110 -9.61 14.70 -43.62
CA LEU A 110 -8.76 15.74 -43.06
C LEU A 110 -7.68 16.15 -44.03
N LYS A 111 -7.98 16.17 -45.32
CA LYS A 111 -7.11 16.80 -46.29
C LYS A 111 -7.31 18.30 -46.28
N PHE A 112 -6.23 19.03 -46.44
CA PHE A 112 -6.33 20.46 -46.65
C PHE A 112 -5.26 20.88 -47.65
N LYS A 113 -5.36 22.12 -48.08
CA LYS A 113 -4.27 22.82 -48.74
C LYS A 113 -4.10 24.19 -48.11
N GLY A 114 -2.86 24.56 -47.79
CA GLY A 114 -2.62 25.85 -47.21
C GLY A 114 -1.16 26.23 -47.22
N PRO A 115 -0.77 27.19 -46.39
CA PRO A 115 0.63 27.60 -46.37
C PRO A 115 1.57 26.58 -45.76
N MET A 116 1.08 25.77 -44.84
CA MET A 116 1.90 24.76 -44.17
C MET A 116 1.60 23.38 -44.71
N THR A 117 2.55 22.47 -44.51
CA THR A 117 2.33 21.07 -44.81
C THR A 117 1.69 20.32 -43.65
N VAL A 118 2.28 20.42 -42.46
CA VAL A 118 1.85 19.71 -41.27
C VAL A 118 1.27 20.70 -40.29
N LEU A 119 0.13 20.37 -39.70
CA LEU A 119 -0.49 21.17 -38.65
C LEU A 119 -0.22 20.64 -37.26
N ARG A 120 0.78 21.19 -36.59
CA ARG A 120 1.06 20.84 -35.22
C ARG A 120 0.10 21.58 -34.31
N LEU A 121 -0.76 20.84 -33.62
CA LEU A 121 -1.98 21.41 -33.08
C LEU A 121 -2.08 21.12 -31.59
N ASN A 122 -3.18 21.59 -31.03
CA ASN A 122 -3.58 21.37 -29.66
C ASN A 122 -4.43 20.12 -29.58
N ASN A 123 -4.34 19.44 -28.44
CA ASN A 123 -5.03 18.19 -28.19
C ASN A 123 -6.54 18.33 -28.06
N LEU A 124 -7.07 19.55 -28.02
CA LEU A 124 -8.52 19.73 -28.02
C LEU A 124 -9.10 19.25 -29.33
N MET A 125 -8.42 19.51 -30.44
CA MET A 125 -8.87 19.04 -31.74
C MET A 125 -8.68 17.53 -31.87
N ALA A 126 -7.71 16.98 -31.14
CA ALA A 126 -7.56 15.53 -31.05
C ALA A 126 -8.70 14.89 -30.30
N SER A 127 -9.35 15.62 -29.42
CA SER A 127 -10.56 15.13 -28.81
C SER A 127 -11.77 15.31 -29.72
N LYS A 128 -11.65 16.16 -30.73
CA LYS A 128 -12.73 16.40 -31.67
C LYS A 128 -12.70 15.50 -32.89
N ILE A 129 -11.76 14.57 -32.98
CA ILE A 129 -11.47 13.78 -34.16
C ILE A 129 -11.45 12.33 -33.73
N TRP A 130 -11.93 11.43 -34.60
CA TRP A 130 -11.81 9.99 -34.39
C TRP A 130 -10.41 9.57 -33.99
N THR A 131 -10.32 8.63 -33.06
CA THR A 131 -9.12 8.14 -32.45
C THR A 131 -9.32 6.70 -32.03
N PRO A 132 -8.43 5.78 -32.40
CA PRO A 132 -8.65 4.37 -32.10
C PRO A 132 -8.58 4.06 -30.61
N ASP A 133 -9.52 3.24 -30.15
CA ASP A 133 -9.67 2.94 -28.73
C ASP A 133 -8.68 1.88 -28.25
N THR A 134 -7.40 2.21 -28.33
CA THR A 134 -6.34 1.27 -27.98
C THR A 134 -6.33 1.07 -26.50
N PHE A 135 -6.42 -0.17 -26.07
CA PHE A 135 -6.31 -0.47 -24.66
C PHE A 135 -5.28 -1.55 -24.43
N PHE A 136 -4.49 -1.43 -23.37
CA PHE A 136 -3.51 -2.43 -23.03
C PHE A 136 -4.16 -3.65 -22.41
N HIS A 137 -3.90 -4.82 -23.00
CA HIS A 137 -4.60 -6.04 -22.60
C HIS A 137 -4.19 -6.51 -21.22
N ASN A 138 -3.04 -6.05 -20.73
CA ASN A 138 -2.62 -6.47 -19.40
C ASN A 138 -2.32 -5.28 -18.51
N GLY A 139 -2.89 -4.12 -18.78
CA GLY A 139 -2.79 -3.01 -17.85
C GLY A 139 -3.72 -3.23 -16.66
N LYS A 140 -3.26 -2.77 -15.50
CA LYS A 140 -4.03 -2.89 -14.27
C LYS A 140 -4.65 -1.55 -13.85
N LYS A 141 -3.84 -0.54 -13.68
CA LYS A 141 -4.33 0.79 -13.33
C LYS A 141 -3.36 1.75 -13.99
N SER A 142 -3.72 2.17 -15.19
CA SER A 142 -2.79 2.89 -16.05
C SER A 142 -3.29 4.32 -16.23
N VAL A 143 -2.34 5.25 -16.28
CA VAL A 143 -2.60 6.67 -16.15
C VAL A 143 -2.08 7.39 -17.37
N ALA A 144 -2.96 8.07 -18.08
CA ALA A 144 -2.57 9.02 -19.11
C ALA A 144 -2.31 10.35 -18.44
N HIS A 145 -1.06 10.78 -18.41
CA HIS A 145 -0.66 12.00 -17.70
C HIS A 145 -1.25 13.24 -18.34
N ASN A 146 -1.81 14.14 -17.52
CA ASN A 146 -2.29 15.41 -18.04
C ASN A 146 -1.75 16.63 -17.30
N MET A 147 -0.57 16.55 -16.72
CA MET A 147 0.12 17.71 -16.16
C MET A 147 1.14 18.25 -17.16
N THR A 148 1.04 19.54 -17.53
CA THR A 148 0.08 20.50 -17.02
C THR A 148 -1.15 20.54 -17.91
N MET A 149 -1.02 20.03 -19.12
CA MET A 149 -2.11 19.86 -20.06
C MET A 149 -2.11 18.40 -20.47
N PRO A 150 -3.20 17.89 -21.05
CA PRO A 150 -3.17 16.49 -21.51
C PRO A 150 -2.11 16.25 -22.57
N ASN A 151 -1.16 15.38 -22.23
CA ASN A 151 0.06 15.22 -23.00
C ASN A 151 -0.22 14.44 -24.28
N LYS A 152 -0.86 15.11 -25.23
CA LYS A 152 -1.29 14.51 -26.47
C LYS A 152 -0.96 15.48 -27.58
N LEU A 153 -0.29 15.03 -28.62
CA LEU A 153 -0.08 15.87 -29.78
C LEU A 153 -0.86 15.28 -30.95
N LEU A 154 -1.60 16.12 -31.63
CA LEU A 154 -2.17 15.77 -32.92
C LEU A 154 -1.46 16.57 -34.01
N ARG A 155 -0.86 15.88 -34.97
CA ARG A 155 -0.26 16.52 -36.12
C ARG A 155 -0.95 16.04 -37.38
N ILE A 156 -1.40 16.97 -38.21
CA ILE A 156 -2.10 16.66 -39.44
C ILE A 156 -1.24 17.07 -40.62
N THR A 157 -0.68 16.11 -41.34
CA THR A 157 -0.05 16.44 -42.61
C THR A 157 -1.15 16.59 -43.66
N GLU A 158 -0.81 17.23 -44.78
CA GLU A 158 -1.84 17.77 -45.66
C GLU A 158 -2.57 16.71 -46.45
N ASP A 159 -2.04 15.50 -46.52
CA ASP A 159 -2.70 14.41 -47.20
C ASP A 159 -3.53 13.57 -46.24
N GLY A 160 -3.77 14.08 -45.04
CA GLY A 160 -4.66 13.40 -44.10
C GLY A 160 -4.01 12.33 -43.27
N THR A 161 -2.69 12.35 -43.15
CA THR A 161 -1.97 11.34 -42.38
C THR A 161 -1.75 11.86 -40.96
N LEU A 162 -2.54 11.37 -40.02
CA LEU A 162 -2.51 11.86 -38.65
C LEU A 162 -1.34 11.28 -37.87
N LEU A 163 -0.84 12.04 -36.91
CA LEU A 163 0.07 11.52 -35.90
C LEU A 163 -0.46 11.86 -34.52
N TYR A 164 -0.61 10.85 -33.68
CA TYR A 164 -1.28 11.03 -32.39
C TYR A 164 -0.54 10.28 -31.29
N THR A 165 0.31 10.97 -30.57
CA THR A 165 1.14 10.34 -29.55
C THR A 165 0.65 10.76 -28.18
N MET A 166 0.60 9.81 -27.27
CA MET A 166 0.27 10.05 -25.89
C MET A 166 1.48 9.80 -25.00
N ARG A 167 1.33 10.09 -23.72
CA ARG A 167 2.39 9.86 -22.74
C ARG A 167 1.77 9.07 -21.60
N LEU A 168 2.05 7.80 -21.52
CA LEU A 168 1.28 6.90 -20.70
C LEU A 168 2.15 6.35 -19.59
N THR A 169 1.52 5.93 -18.52
CA THR A 169 2.17 5.06 -17.54
C THR A 169 1.30 3.84 -17.38
N VAL A 170 1.82 2.69 -17.77
CA VAL A 170 1.06 1.45 -17.83
C VAL A 170 1.56 0.51 -16.75
N ARG A 171 0.72 0.27 -15.75
CA ARG A 171 1.04 -0.66 -14.66
C ARG A 171 0.66 -2.06 -15.11
N ALA A 172 1.54 -2.68 -15.87
CA ALA A 172 1.17 -3.85 -16.65
C ALA A 172 1.33 -5.13 -15.85
N GLU A 173 0.65 -6.19 -16.29
CA GLU A 173 0.60 -7.44 -15.57
C GLU A 173 1.52 -8.48 -16.21
N CYS A 174 2.57 -8.86 -15.49
CA CYS A 174 3.58 -9.82 -15.94
C CYS A 174 3.47 -11.10 -15.14
N PRO A 175 2.88 -12.17 -15.68
CA PRO A 175 2.81 -13.43 -14.94
C PRO A 175 4.18 -14.07 -14.83
N MET A 176 4.50 -14.58 -13.64
CA MET A 176 5.85 -15.01 -13.33
C MET A 176 5.88 -16.48 -12.98
N HIS A 177 7.05 -17.08 -13.26
CA HIS A 177 7.37 -18.46 -12.93
C HIS A 177 8.57 -18.28 -12.02
N LEU A 178 8.36 -18.37 -10.71
CA LEU A 178 9.39 -18.11 -9.74
C LEU A 178 10.00 -19.39 -9.18
N GLU A 179 10.07 -20.44 -9.97
CA GLU A 179 10.59 -21.71 -9.49
C GLU A 179 12.10 -21.72 -9.39
N ASP A 180 12.77 -20.79 -10.02
CA ASP A 180 14.20 -20.58 -9.86
C ASP A 180 14.44 -19.26 -9.14
N PHE A 181 13.61 -18.97 -8.17
CA PHE A 181 13.80 -17.75 -7.40
C PHE A 181 15.02 -17.90 -6.51
N PRO A 182 15.97 -16.98 -6.56
CA PRO A 182 15.97 -15.75 -7.31
C PRO A 182 16.72 -15.79 -8.59
N MET A 183 17.19 -16.95 -9.02
CA MET A 183 18.10 -17.02 -10.15
C MET A 183 17.35 -17.21 -11.46
N ASP A 184 16.12 -16.70 -11.55
CA ASP A 184 15.29 -16.90 -12.72
C ASP A 184 15.33 -15.72 -13.69
N ALA A 185 14.62 -15.89 -14.79
CA ALA A 185 14.40 -14.88 -15.80
C ALA A 185 13.12 -15.22 -16.53
N HIS A 186 12.40 -14.17 -16.93
CA HIS A 186 11.10 -14.34 -17.55
C HIS A 186 10.72 -13.13 -18.38
N ALA A 187 9.79 -13.35 -19.29
CA ALA A 187 9.34 -12.35 -20.23
C ALA A 187 8.15 -11.62 -19.65
N CYS A 188 8.27 -10.31 -19.55
CA CYS A 188 7.13 -9.49 -19.15
C CYS A 188 6.46 -8.83 -20.34
N PRO A 189 5.25 -9.21 -20.67
CA PRO A 189 4.63 -8.78 -21.93
C PRO A 189 3.96 -7.43 -21.81
N LEU A 190 3.68 -6.83 -22.96
CA LEU A 190 2.93 -5.58 -23.05
C LEU A 190 2.09 -5.57 -24.31
N LYS A 191 0.78 -5.74 -24.19
CA LYS A 191 -0.07 -6.15 -25.30
C LYS A 191 -1.24 -5.20 -25.47
N PHE A 192 -1.37 -4.59 -26.65
CA PHE A 192 -2.38 -3.55 -26.85
C PHE A 192 -3.15 -3.74 -28.14
N GLY A 193 -4.48 -3.70 -28.05
CA GLY A 193 -5.32 -3.82 -29.22
C GLY A 193 -6.48 -2.84 -29.17
N SER A 194 -7.24 -2.78 -30.24
CA SER A 194 -8.44 -1.98 -30.21
C SER A 194 -9.49 -2.65 -29.35
N TYR A 195 -10.42 -1.86 -28.85
CA TYR A 195 -11.44 -2.44 -27.99
C TYR A 195 -12.73 -2.74 -28.73
N ALA A 196 -13.07 -1.96 -29.75
CA ALA A 196 -14.33 -2.15 -30.43
C ALA A 196 -14.19 -2.57 -31.87
N TYR A 197 -13.06 -2.31 -32.51
CA TYR A 197 -12.90 -2.56 -33.94
C TYR A 197 -12.22 -3.89 -34.15
N THR A 198 -12.81 -4.72 -35.00
CA THR A 198 -12.31 -6.07 -35.28
C THR A 198 -11.17 -6.06 -36.28
N ARG A 199 -10.83 -7.24 -36.79
CA ARG A 199 -9.85 -7.31 -37.86
C ARG A 199 -10.43 -6.75 -39.15
N ALA A 200 -11.75 -6.79 -39.30
CA ALA A 200 -12.34 -6.28 -40.52
C ALA A 200 -12.37 -4.77 -40.56
N GLU A 201 -12.09 -4.10 -39.45
CA GLU A 201 -12.30 -2.67 -39.34
C GLU A 201 -11.02 -1.91 -39.05
N VAL A 202 -10.26 -2.27 -38.03
CA VAL A 202 -8.98 -1.62 -37.75
C VAL A 202 -7.90 -2.68 -37.64
N VAL A 203 -6.86 -2.53 -38.44
CA VAL A 203 -5.69 -3.40 -38.45
C VAL A 203 -4.48 -2.58 -37.98
N TYR A 204 -3.76 -3.09 -36.99
CA TYR A 204 -2.56 -2.45 -36.47
C TYR A 204 -1.31 -2.91 -37.20
N GLU A 205 -0.34 -2.01 -37.30
CA GLU A 205 0.97 -2.36 -37.83
C GLU A 205 2.01 -1.77 -36.91
N TRP A 206 3.26 -1.77 -37.34
CA TRP A 206 4.30 -0.93 -36.75
C TRP A 206 4.79 0.03 -37.82
N THR A 207 5.33 1.16 -37.38
CA THR A 207 5.70 2.21 -38.32
C THR A 207 6.89 1.80 -39.17
N ARG A 208 7.92 1.27 -38.55
CA ARG A 208 9.00 0.64 -39.28
C ARG A 208 9.05 -0.81 -38.87
N GLU A 209 10.13 -1.47 -39.26
CA GLU A 209 10.36 -2.87 -38.95
C GLU A 209 10.29 -3.13 -37.44
N PRO A 210 9.71 -4.25 -37.02
CA PRO A 210 9.17 -4.36 -35.66
C PRO A 210 10.20 -4.32 -34.56
N ALA A 211 11.34 -4.97 -34.73
CA ALA A 211 12.30 -4.99 -33.64
C ALA A 211 13.06 -3.67 -33.50
N ARG A 212 12.91 -2.76 -34.45
CA ARG A 212 13.55 -1.45 -34.41
C ARG A 212 12.53 -0.39 -34.02
N SER A 213 11.24 -0.71 -34.10
CA SER A 213 10.17 0.24 -33.76
C SER A 213 10.15 0.60 -32.28
N VAL A 214 10.01 -0.40 -31.41
CA VAL A 214 9.98 -0.16 -29.97
C VAL A 214 11.38 0.19 -29.49
N VAL A 215 11.53 1.39 -28.95
CA VAL A 215 12.82 1.91 -28.53
C VAL A 215 12.81 2.14 -27.03
N VAL A 216 13.74 1.53 -26.33
CA VAL A 216 13.91 1.77 -24.90
C VAL A 216 15.01 2.81 -24.71
N ALA A 217 14.67 3.91 -24.06
CA ALA A 217 15.64 4.95 -23.79
C ALA A 217 16.62 4.48 -22.72
N GLU A 218 17.78 5.11 -22.69
CA GLU A 218 18.92 4.63 -21.93
C GLU A 218 18.99 5.19 -20.52
N ASP A 219 18.62 6.46 -20.33
CA ASP A 219 18.66 7.06 -19.00
C ASP A 219 17.62 6.48 -18.06
N GLY A 220 16.47 6.14 -18.59
CA GLY A 220 15.42 5.59 -17.77
C GLY A 220 15.56 4.11 -17.51
N SER A 221 16.47 3.74 -16.61
CA SER A 221 16.52 2.35 -16.20
C SER A 221 15.37 2.03 -15.26
N ARG A 222 15.37 2.66 -14.10
CA ARG A 222 14.38 2.53 -13.03
C ARG A 222 14.12 1.07 -12.71
N LEU A 223 15.17 0.31 -12.46
CA LEU A 223 15.05 -1.07 -12.00
C LEU A 223 15.92 -1.26 -10.78
N ASN A 224 15.37 -1.88 -9.75
CA ASN A 224 16.21 -2.24 -8.63
C ASN A 224 16.83 -3.62 -8.83
N GLN A 225 15.99 -4.64 -8.89
CA GLN A 225 16.51 -6.01 -8.95
C GLN A 225 16.88 -6.41 -10.36
N TYR A 226 15.90 -6.42 -11.25
CA TYR A 226 16.03 -7.02 -12.54
C TYR A 226 16.98 -6.25 -13.46
N ASP A 227 17.42 -6.94 -14.48
CA ASP A 227 18.14 -6.38 -15.60
C ASP A 227 17.25 -6.49 -16.83
N LEU A 228 17.43 -5.59 -17.78
CA LEU A 228 16.69 -5.62 -19.03
C LEU A 228 17.57 -6.12 -20.18
N LEU A 229 17.32 -7.34 -20.62
CA LEU A 229 18.18 -7.97 -21.60
C LEU A 229 17.74 -7.72 -23.03
N GLY A 230 16.56 -7.14 -23.24
CA GLY A 230 16.05 -6.85 -24.56
C GLY A 230 14.56 -7.15 -24.65
N GLN A 231 13.92 -6.62 -25.68
CA GLN A 231 12.52 -6.85 -25.92
C GLN A 231 12.30 -7.79 -27.10
N THR A 232 11.04 -8.07 -27.40
CA THR A 232 10.65 -8.93 -28.50
C THR A 232 9.31 -8.45 -29.05
N VAL A 233 9.31 -7.89 -30.26
CA VAL A 233 8.17 -7.17 -30.80
C VAL A 233 7.40 -8.11 -31.71
N ASP A 234 6.09 -8.23 -31.52
CA ASP A 234 5.35 -9.18 -32.36
C ASP A 234 3.95 -8.73 -32.70
N SER A 235 3.09 -9.68 -33.04
CA SER A 235 1.71 -9.35 -33.40
C SER A 235 0.84 -10.60 -33.30
N GLY A 236 -0.38 -10.45 -32.78
CA GLY A 236 -1.25 -11.59 -32.55
C GLY A 236 -2.69 -11.33 -32.94
N ILE A 237 -3.53 -12.35 -32.72
CA ILE A 237 -4.97 -12.30 -32.98
C ILE A 237 -5.65 -12.96 -31.80
N VAL A 238 -6.68 -12.33 -31.23
CA VAL A 238 -7.51 -12.98 -30.23
C VAL A 238 -8.85 -13.44 -30.79
N GLN A 239 -9.54 -14.28 -30.04
CA GLN A 239 -10.83 -14.81 -30.45
C GLN A 239 -11.84 -14.57 -29.32
N SER A 240 -12.20 -13.32 -29.14
CA SER A 240 -13.16 -12.91 -28.13
C SER A 240 -14.56 -13.25 -28.61
N SER A 241 -15.50 -13.25 -27.67
CA SER A 241 -16.89 -13.58 -28.00
C SER A 241 -17.42 -12.59 -29.03
N THR A 242 -17.11 -11.31 -28.85
CA THR A 242 -17.55 -10.27 -29.76
C THR A 242 -16.99 -10.50 -31.17
N GLY A 243 -15.70 -10.82 -31.26
CA GLY A 243 -15.08 -11.05 -32.56
C GLY A 243 -13.57 -11.10 -32.47
N GLU A 244 -12.96 -11.27 -33.62
CA GLU A 244 -11.50 -11.33 -33.74
C GLU A 244 -10.90 -9.94 -33.66
N TYR A 245 -9.74 -9.82 -33.02
CA TYR A 245 -9.10 -8.52 -32.94
C TYR A 245 -7.61 -8.66 -33.18
N VAL A 246 -6.99 -7.57 -33.61
CA VAL A 246 -5.56 -7.50 -33.83
C VAL A 246 -4.90 -7.06 -32.53
N VAL A 247 -3.90 -7.80 -32.07
CA VAL A 247 -3.21 -7.53 -30.83
C VAL A 247 -1.72 -7.37 -31.10
N MET A 248 -1.20 -6.15 -30.92
CA MET A 248 0.24 -5.96 -30.91
C MET A 248 0.81 -6.50 -29.60
N THR A 249 2.09 -6.85 -29.61
CA THR A 249 2.71 -7.43 -28.43
C THR A 249 4.19 -7.10 -28.36
N THR A 250 4.65 -6.61 -27.22
CA THR A 250 6.06 -6.52 -26.90
C THR A 250 6.32 -7.35 -25.66
N HIS A 251 7.39 -8.14 -25.67
CA HIS A 251 7.75 -8.96 -24.53
C HIS A 251 9.09 -8.51 -23.94
N PHE A 252 9.04 -7.75 -22.86
CA PHE A 252 10.26 -7.28 -22.22
C PHE A 252 10.87 -8.38 -21.37
N HIS A 253 12.17 -8.66 -21.56
CA HIS A 253 12.84 -9.80 -20.94
C HIS A 253 13.73 -9.38 -19.77
N LEU A 254 13.47 -9.96 -18.60
CA LEU A 254 14.03 -9.50 -17.34
C LEU A 254 14.70 -10.63 -16.60
N LYS A 255 16.00 -10.51 -16.35
CA LYS A 255 16.73 -11.47 -15.54
C LYS A 255 17.10 -10.86 -14.22
N ARG A 256 16.74 -11.54 -13.13
CA ARG A 256 16.96 -10.98 -11.81
C ARG A 256 18.41 -11.04 -11.39
N LYS A 257 18.95 -9.89 -10.97
CA LYS A 257 20.20 -9.86 -10.24
C LYS A 257 20.03 -10.44 -8.85
N ILE A 258 20.89 -11.38 -8.48
CA ILE A 258 20.75 -12.09 -7.23
C ILE A 258 21.68 -11.51 -6.17
N GLY A 259 22.20 -10.32 -6.38
CA GLY A 259 23.12 -9.75 -5.43
C GLY A 259 22.46 -9.43 -4.10
N TYR A 260 21.25 -8.87 -4.14
CA TYR A 260 20.50 -8.59 -2.91
C TYR A 260 20.19 -9.85 -2.14
N PHE A 261 19.81 -10.91 -2.84
CA PHE A 261 19.39 -12.13 -2.17
C PHE A 261 20.55 -12.94 -1.65
N VAL A 262 21.69 -12.92 -2.35
CA VAL A 262 22.90 -13.51 -1.82
C VAL A 262 23.29 -12.85 -0.51
N ILE A 263 23.40 -11.53 -0.53
CA ILE A 263 23.80 -10.76 0.65
C ILE A 263 22.82 -10.95 1.79
N GLN A 264 21.52 -10.87 1.53
CA GLN A 264 20.59 -10.91 2.65
C GLN A 264 20.15 -12.30 3.05
N THR A 265 20.35 -13.32 2.23
CA THR A 265 19.82 -14.62 2.64
C THR A 265 20.89 -15.71 2.60
N TYR A 266 21.73 -15.75 1.56
CA TYR A 266 22.61 -16.90 1.38
C TYR A 266 23.78 -16.84 2.33
N LEU A 267 24.52 -15.73 2.32
CA LEU A 267 25.59 -15.56 3.30
C LEU A 267 25.13 -15.62 4.76
N PRO A 268 23.95 -15.15 5.15
CA PRO A 268 23.51 -15.45 6.52
C PRO A 268 23.30 -16.92 6.80
N CYS A 269 22.66 -17.64 5.87
CA CYS A 269 22.43 -19.07 6.07
C CYS A 269 23.74 -19.85 6.03
N ILE A 270 24.65 -19.47 5.13
CA ILE A 270 25.96 -20.14 5.04
C ILE A 270 26.76 -19.92 6.32
N MET A 271 26.81 -18.69 6.81
CA MET A 271 27.59 -18.45 8.01
C MET A 271 26.94 -19.00 9.25
N THR A 272 25.62 -19.18 9.26
CA THR A 272 24.99 -19.85 10.38
C THR A 272 25.37 -21.32 10.41
N VAL A 273 25.43 -21.96 9.24
CA VAL A 273 25.84 -23.36 9.15
C VAL A 273 27.31 -23.50 9.53
N ILE A 274 28.14 -22.53 9.16
CA ILE A 274 29.56 -22.54 9.52
C ILE A 274 29.71 -22.47 11.03
N LEU A 275 28.89 -21.64 11.68
CA LEU A 275 28.84 -21.60 13.14
C LEU A 275 28.45 -22.94 13.75
N SER A 276 27.32 -23.49 13.33
CA SER A 276 26.80 -24.75 13.85
C SER A 276 27.68 -25.96 13.56
N GLN A 277 28.69 -25.80 12.74
CA GLN A 277 29.75 -26.77 12.55
C GLN A 277 31.01 -26.42 13.30
N VAL A 278 31.16 -25.16 13.70
CA VAL A 278 32.26 -24.80 14.60
C VAL A 278 32.09 -25.42 15.98
N SER A 279 30.85 -25.66 16.42
CA SER A 279 30.52 -26.30 17.70
C SER A 279 31.24 -27.61 17.98
N PHE A 280 31.79 -28.27 16.97
CA PHE A 280 32.45 -29.55 17.18
C PHE A 280 33.83 -29.35 17.74
N TRP A 281 34.44 -28.21 17.46
CA TRP A 281 35.81 -28.03 17.90
C TRP A 281 35.88 -27.61 19.36
N LEU A 282 34.75 -27.48 20.06
CA LEU A 282 34.78 -27.43 21.50
C LEU A 282 34.94 -28.85 22.05
N ASN A 283 35.14 -28.96 23.35
CA ASN A 283 35.17 -30.31 23.90
C ASN A 283 33.77 -30.85 24.15
N ARG A 284 33.72 -32.13 24.46
CA ARG A 284 32.44 -32.81 24.61
C ARG A 284 31.81 -32.60 25.97
N GLU A 285 32.54 -32.02 26.91
CA GLU A 285 32.09 -31.87 28.28
C GLU A 285 31.39 -30.55 28.52
N SER A 286 31.65 -29.56 27.67
CA SER A 286 31.02 -28.26 27.75
C SER A 286 29.58 -28.37 27.26
N VAL A 287 28.76 -29.00 28.07
CA VAL A 287 27.38 -29.28 27.69
C VAL A 287 26.55 -28.01 27.50
N PRO A 288 26.58 -27.01 28.41
CA PRO A 288 25.78 -25.79 28.14
C PRO A 288 26.33 -24.96 27.01
N ALA A 289 27.63 -25.00 26.76
CA ALA A 289 28.21 -24.22 25.67
C ALA A 289 27.67 -24.71 24.34
N ARG A 290 27.78 -26.02 24.06
CA ARG A 290 27.32 -26.58 22.80
C ARG A 290 25.80 -26.60 22.71
N THR A 291 25.11 -26.67 23.85
CA THR A 291 23.64 -26.65 23.87
C THR A 291 23.12 -25.29 23.49
N VAL A 292 23.61 -24.25 24.15
CA VAL A 292 23.25 -22.87 23.82
C VAL A 292 23.60 -22.62 22.37
N PHE A 293 24.77 -23.06 21.96
CA PHE A 293 25.25 -22.93 20.59
C PHE A 293 24.29 -23.53 19.56
N GLY A 294 23.90 -24.78 19.76
CA GLY A 294 23.05 -25.42 18.77
C GLY A 294 21.64 -24.89 18.68
N VAL A 295 20.98 -24.65 19.82
CA VAL A 295 19.60 -24.20 19.75
C VAL A 295 19.53 -22.73 19.29
N THR A 296 20.58 -21.93 19.54
CA THR A 296 20.53 -20.55 19.06
C THR A 296 20.73 -20.47 17.56
N THR A 297 21.60 -21.30 17.00
CA THR A 297 21.74 -21.30 15.54
C THR A 297 20.48 -21.84 14.89
N VAL A 298 19.77 -22.76 15.56
CA VAL A 298 18.48 -23.18 15.05
C VAL A 298 17.50 -22.01 15.04
N LEU A 299 17.48 -21.21 16.11
CA LEU A 299 16.62 -20.04 16.14
C LEU A 299 16.99 -19.05 15.05
N THR A 300 18.28 -18.91 14.80
CA THR A 300 18.75 -18.01 13.76
C THR A 300 18.29 -18.48 12.39
N MET A 301 18.33 -19.79 12.15
CA MET A 301 17.87 -20.30 10.86
C MET A 301 16.36 -20.19 10.72
N THR A 302 15.61 -20.32 11.81
CA THR A 302 14.17 -20.14 11.72
C THR A 302 13.81 -18.69 11.42
N THR A 303 14.51 -17.75 12.06
CA THR A 303 14.32 -16.33 11.80
C THR A 303 14.64 -15.99 10.36
N LEU A 304 15.74 -16.50 9.83
CA LEU A 304 16.13 -16.26 8.44
C LEU A 304 15.15 -16.90 7.48
N SER A 305 14.58 -18.05 7.84
CA SER A 305 13.57 -18.71 7.02
C SER A 305 12.36 -17.83 6.78
N ILE A 306 11.71 -17.35 7.83
CA ILE A 306 10.51 -16.55 7.64
C ILE A 306 10.82 -15.19 7.04
N SER A 307 11.91 -14.55 7.45
CA SER A 307 12.24 -13.22 6.95
C SER A 307 12.80 -13.20 5.53
N ALA A 308 13.18 -14.35 4.97
CA ALA A 308 13.54 -14.40 3.56
C ALA A 308 12.37 -14.79 2.67
N ARG A 309 11.46 -15.62 3.17
CA ARG A 309 10.29 -15.98 2.38
C ARG A 309 9.33 -14.82 2.23
N ASN A 310 9.35 -13.87 3.18
CA ASN A 310 8.52 -12.67 3.16
C ASN A 310 8.71 -11.79 1.94
N SER A 311 9.83 -11.90 1.24
CA SER A 311 10.07 -10.96 0.15
C SER A 311 9.56 -11.48 -1.19
N LEU A 312 8.29 -11.90 -1.24
CA LEU A 312 7.86 -12.82 -2.28
C LEU A 312 6.35 -12.97 -2.21
N PRO A 313 5.70 -13.35 -3.33
CA PRO A 313 4.34 -13.88 -3.26
C PRO A 313 4.20 -15.22 -2.58
N LYS A 314 3.00 -15.76 -2.58
CA LYS A 314 2.70 -16.88 -1.71
C LYS A 314 2.40 -18.14 -2.52
N VAL A 315 3.26 -18.42 -3.51
CA VAL A 315 3.08 -19.57 -4.38
C VAL A 315 3.13 -20.90 -3.63
N ALA A 316 2.54 -21.92 -4.25
CA ALA A 316 2.31 -23.20 -3.58
C ALA A 316 3.50 -24.15 -3.57
N TYR A 317 4.42 -24.04 -4.52
CA TYR A 317 5.59 -24.89 -4.58
C TYR A 317 6.65 -24.36 -3.64
N ALA A 318 7.85 -24.91 -3.74
CA ALA A 318 9.02 -24.42 -3.05
C ALA A 318 9.98 -23.87 -4.09
N THR A 319 10.47 -22.65 -3.87
CA THR A 319 11.42 -22.01 -4.76
C THR A 319 12.82 -22.51 -4.49
N ALA A 320 13.79 -21.98 -5.24
CA ALA A 320 15.17 -22.43 -5.09
C ALA A 320 15.76 -21.97 -3.77
N MET A 321 15.40 -20.78 -3.33
CA MET A 321 15.87 -20.29 -2.04
C MET A 321 15.24 -21.12 -0.92
N ASP A 322 14.02 -21.63 -1.15
CA ASP A 322 13.41 -22.54 -0.20
C ASP A 322 14.16 -23.84 -0.10
N TRP A 323 14.65 -24.37 -1.22
CA TRP A 323 15.46 -25.57 -1.15
C TRP A 323 16.73 -25.32 -0.35
N PHE A 324 17.39 -24.18 -0.60
CA PHE A 324 18.61 -23.84 0.11
C PHE A 324 18.37 -23.65 1.60
N ILE A 325 17.32 -22.92 1.95
CA ILE A 325 17.04 -22.67 3.37
C ILE A 325 16.66 -23.95 4.07
N ALA A 326 15.91 -24.83 3.41
CA ALA A 326 15.50 -26.08 4.04
C ALA A 326 16.67 -27.01 4.25
N VAL A 327 17.60 -27.06 3.29
CA VAL A 327 18.77 -27.92 3.45
C VAL A 327 19.71 -27.38 4.50
N CYS A 328 19.89 -26.05 4.55
CA CYS A 328 20.74 -25.45 5.57
C CYS A 328 20.12 -25.61 6.93
N TYR A 329 18.80 -25.58 7.02
CA TYR A 329 18.13 -25.79 8.30
C TYR A 329 18.25 -27.24 8.74
N ALA A 330 18.31 -28.16 7.78
CA ALA A 330 18.56 -29.57 8.10
C ALA A 330 19.96 -29.80 8.63
N PHE A 331 20.97 -29.08 8.12
CA PHE A 331 22.31 -29.17 8.68
C PHE A 331 22.35 -28.71 10.13
N VAL A 332 21.73 -27.57 10.43
CA VAL A 332 21.76 -27.03 11.78
C VAL A 332 20.93 -27.87 12.72
N PHE A 333 19.90 -28.52 12.20
CA PHE A 333 19.13 -29.47 12.98
C PHE A 333 19.98 -30.69 13.30
N SER A 334 20.70 -31.20 12.30
CA SER A 334 21.54 -32.39 12.46
C SER A 334 22.73 -32.13 13.37
N ALA A 335 23.17 -30.89 13.48
CA ALA A 335 24.24 -30.56 14.42
C ALA A 335 23.79 -30.75 15.85
N LEU A 336 22.56 -30.38 16.16
CA LEU A 336 22.09 -30.53 17.52
C LEU A 336 21.74 -31.98 17.84
N ILE A 337 21.24 -32.72 16.85
CA ILE A 337 21.00 -34.15 17.03
C ILE A 337 22.33 -34.86 17.22
N GLU A 338 23.38 -34.39 16.54
CA GLU A 338 24.72 -34.92 16.73
C GLU A 338 25.22 -34.71 18.15
N PHE A 339 25.00 -33.52 18.71
CA PHE A 339 25.45 -33.27 20.07
C PHE A 339 24.67 -34.05 21.09
N ALA A 340 23.37 -34.29 20.84
CA ALA A 340 22.60 -35.17 21.70
C ALA A 340 23.18 -36.58 21.65
N THR A 341 23.63 -37.00 20.47
CA THR A 341 24.22 -38.32 20.33
C THR A 341 25.57 -38.37 21.05
N VAL A 342 26.32 -37.27 21.06
CA VAL A 342 27.56 -37.18 21.84
C VAL A 342 27.25 -37.29 23.32
N ASN A 343 26.26 -36.54 23.78
CA ASN A 343 25.98 -36.45 25.19
C ASN A 343 25.28 -37.69 25.73
N TYR A 344 24.82 -38.60 24.87
CA TYR A 344 24.35 -39.88 25.36
C TYR A 344 25.52 -40.74 25.87
N PHE A 345 26.72 -40.52 25.34
CA PHE A 345 27.86 -41.38 25.62
C PHE A 345 28.94 -40.66 26.41
N THR A 346 28.57 -39.85 27.39
CA THR A 346 29.57 -38.99 28.00
C THR A 346 30.35 -39.71 29.09
N LYS A 347 29.64 -40.39 29.99
CA LYS A 347 30.09 -41.40 30.95
C LYS A 347 30.86 -40.79 32.11
N ARG A 348 31.24 -39.51 32.03
CA ARG A 348 31.89 -38.80 33.12
C ARG A 348 31.32 -37.39 33.21
N GLY A 349 31.90 -36.57 34.07
CA GLY A 349 31.37 -35.25 34.30
C GLY A 349 32.33 -34.11 34.08
N TYR A 350 33.62 -34.39 34.19
CA TYR A 350 34.66 -33.38 34.09
C TYR A 350 35.46 -33.59 32.81
N ALA A 351 36.41 -32.71 32.59
CA ALA A 351 37.26 -32.76 31.42
C ALA A 351 38.71 -32.81 31.86
N TRP A 352 39.60 -32.77 30.89
CA TRP A 352 41.02 -32.94 31.12
C TRP A 352 41.64 -31.67 31.70
N ASP A 353 42.29 -31.80 32.86
CA ASP A 353 43.03 -30.69 33.45
C ASP A 353 44.42 -30.59 32.82
N GLY A 354 44.99 -29.39 32.87
CA GLY A 354 46.25 -29.16 32.18
C GLY A 354 47.47 -29.73 32.86
N LYS A 355 47.35 -30.21 34.10
CA LYS A 355 48.48 -30.72 34.85
C LYS A 355 48.69 -32.21 34.65
N SER A 356 47.76 -32.90 34.01
CA SER A 356 47.88 -34.35 33.79
C SER A 356 48.03 -34.67 32.31
N LYS A 419 42.97 -40.53 38.62
CA LYS A 419 41.61 -40.52 38.09
C LYS A 419 41.65 -40.76 36.59
N THR A 420 40.48 -41.06 36.03
CA THR A 420 40.35 -41.28 34.59
C THR A 420 39.96 -39.97 33.89
N PHE A 421 39.85 -40.02 32.57
CA PHE A 421 39.35 -38.90 31.79
C PHE A 421 38.48 -39.41 30.66
N ASN A 422 37.85 -38.47 29.97
CA ASN A 422 37.18 -38.75 28.70
C ASN A 422 38.14 -38.52 27.54
N SER A 423 37.99 -39.33 26.50
CA SER A 423 38.63 -39.06 25.23
C SER A 423 37.74 -38.17 24.38
N VAL A 424 38.35 -37.53 23.38
CA VAL A 424 37.57 -36.86 22.35
C VAL A 424 36.79 -37.91 21.59
N SER A 425 35.47 -37.74 21.53
CA SER A 425 34.59 -38.78 21.03
C SER A 425 34.76 -39.01 19.54
N LYS A 426 34.36 -40.21 19.12
CA LYS A 426 34.65 -40.66 17.76
C LYS A 426 33.76 -39.95 16.75
N ILE A 427 32.50 -39.69 17.10
CA ILE A 427 31.59 -39.05 16.15
C ILE A 427 31.89 -37.56 16.08
N ASP A 428 32.58 -37.02 17.07
CA ASP A 428 33.09 -35.65 16.97
C ASP A 428 34.17 -35.59 15.90
N ARG A 429 35.16 -36.49 15.98
CA ARG A 429 36.24 -36.53 15.02
C ARG A 429 35.78 -36.85 13.61
N LEU A 430 34.69 -37.61 13.49
CA LEU A 430 34.16 -37.89 12.16
C LEU A 430 33.42 -36.68 11.60
N SER A 431 32.54 -36.08 12.43
CA SER A 431 31.68 -34.99 11.97
C SER A 431 32.43 -33.69 11.71
N ARG A 432 33.58 -33.49 12.36
CA ARG A 432 34.42 -32.33 12.04
C ARG A 432 34.77 -32.28 10.55
N ILE A 433 34.90 -33.43 9.90
CA ILE A 433 35.27 -33.50 8.52
C ILE A 433 34.07 -33.84 7.65
N ALA A 434 33.08 -34.54 8.22
CA ALA A 434 31.93 -34.99 7.47
C ALA A 434 31.00 -33.83 7.12
N PHE A 435 30.58 -33.06 8.11
CA PHE A 435 29.61 -32.01 7.83
C PHE A 435 30.13 -30.83 7.01
N PRO A 436 31.35 -30.30 7.18
CA PRO A 436 31.78 -29.25 6.26
C PRO A 436 32.00 -29.77 4.85
N LEU A 437 32.35 -31.05 4.71
CA LEU A 437 32.51 -31.61 3.38
C LEU A 437 31.17 -31.77 2.68
N LEU A 438 30.13 -32.18 3.42
CA LEU A 438 28.80 -32.30 2.84
C LEU A 438 28.24 -30.92 2.50
N PHE A 439 28.57 -29.93 3.29
CA PHE A 439 28.12 -28.57 3.01
C PHE A 439 28.84 -28.01 1.78
N GLY A 440 30.10 -28.36 1.60
CA GLY A 440 30.81 -27.92 0.40
C GLY A 440 30.30 -28.62 -0.84
N ILE A 441 29.96 -29.91 -0.72
CA ILE A 441 29.35 -30.66 -1.83
C ILE A 441 28.00 -30.07 -2.21
N PHE A 442 27.21 -29.71 -1.22
CA PHE A 442 25.90 -29.11 -1.50
C PHE A 442 26.03 -27.76 -2.16
N ASN A 443 27.03 -26.96 -1.78
CA ASN A 443 27.28 -25.68 -2.43
C ASN A 443 27.69 -25.86 -3.88
N LEU A 444 28.53 -26.86 -4.16
CA LEU A 444 28.92 -27.12 -5.54
C LEU A 444 27.73 -27.54 -6.39
N VAL A 445 26.90 -28.46 -5.87
CA VAL A 445 25.74 -28.92 -6.62
C VAL A 445 24.72 -27.81 -6.82
N TYR A 446 24.50 -27.00 -5.79
CA TYR A 446 23.52 -25.92 -5.87
C TYR A 446 23.92 -24.83 -6.85
N TRP A 447 25.15 -24.37 -6.78
CA TRP A 447 25.58 -23.27 -7.64
C TRP A 447 26.10 -23.73 -8.99
N ALA A 448 26.11 -25.03 -9.26
CA ALA A 448 26.27 -25.50 -10.62
C ALA A 448 24.94 -25.88 -11.26
N THR A 449 23.91 -26.19 -10.47
CA THR A 449 22.64 -26.59 -11.04
C THR A 449 21.90 -25.38 -11.58
N TYR A 450 21.81 -24.31 -10.80
CA TYR A 450 20.84 -23.25 -11.02
C TYR A 450 21.45 -22.06 -11.74
N LEU A 451 22.77 -21.98 -11.81
CA LEU A 451 23.40 -21.01 -12.68
C LEU A 451 23.64 -21.58 -14.06
N ASN A 452 23.10 -22.75 -14.36
CA ASN A 452 23.02 -23.27 -15.72
C ASN A 452 21.83 -22.66 -16.47
N ARG A 453 20.67 -22.63 -15.83
CA ARG A 453 19.42 -22.14 -16.45
C ARG A 453 19.50 -20.63 -16.66
N ASN B 33 -16.17 52.26 -15.93
CA ASN B 33 -15.11 51.62 -15.17
C ASN B 33 -15.17 50.11 -15.33
N MET B 34 -16.38 49.62 -15.55
CA MET B 34 -16.66 48.19 -15.61
C MET B 34 -17.12 47.77 -17.00
N SER B 35 -17.95 48.59 -17.63
CA SER B 35 -18.47 48.28 -18.96
C SER B 35 -17.34 48.27 -19.97
N PHE B 36 -16.37 49.17 -19.80
CA PHE B 36 -15.26 49.24 -20.74
C PHE B 36 -14.35 48.04 -20.57
N VAL B 37 -14.16 47.57 -19.34
CA VAL B 37 -13.34 46.40 -19.10
C VAL B 37 -14.01 45.16 -19.67
N LYS B 38 -15.32 45.06 -19.51
CA LYS B 38 -16.07 43.93 -20.04
C LYS B 38 -16.07 43.93 -21.56
N GLU B 39 -16.15 45.12 -22.17
CA GLU B 39 -16.08 45.21 -23.62
C GLU B 39 -14.72 44.79 -24.14
N THR B 40 -13.64 45.18 -23.46
CA THR B 40 -12.30 44.77 -23.87
C THR B 40 -12.08 43.27 -23.74
N VAL B 41 -12.54 42.67 -22.64
CA VAL B 41 -12.39 41.23 -22.43
C VAL B 41 -13.20 40.44 -23.45
N ASP B 42 -14.44 40.83 -23.68
CA ASP B 42 -15.25 40.12 -24.65
C ASP B 42 -14.81 40.36 -26.08
N LYS B 43 -14.08 41.44 -26.33
CA LYS B 43 -13.50 41.63 -27.65
C LYS B 43 -12.28 40.75 -27.82
N LEU B 44 -11.51 40.55 -26.76
CA LEU B 44 -10.35 39.68 -26.86
C LEU B 44 -10.75 38.22 -27.04
N LEU B 45 -11.73 37.75 -26.29
CA LEU B 45 -12.06 36.33 -26.34
C LEU B 45 -12.89 35.96 -27.56
N LYS B 46 -13.50 36.93 -28.22
CA LYS B 46 -14.26 36.67 -29.45
C LYS B 46 -13.30 36.43 -30.60
N GLY B 47 -13.42 35.27 -31.24
CA GLY B 47 -12.58 34.93 -32.37
C GLY B 47 -11.21 34.41 -32.01
N TYR B 48 -10.89 34.34 -30.72
CA TYR B 48 -9.61 33.80 -30.30
C TYR B 48 -9.63 32.29 -30.43
N ASP B 49 -8.76 31.77 -31.28
CA ASP B 49 -8.73 30.35 -31.57
C ASP B 49 -7.70 29.69 -30.66
N ILE B 50 -8.15 28.79 -29.81
CA ILE B 50 -7.27 28.18 -28.83
C ILE B 50 -6.64 26.92 -29.35
N ARG B 51 -6.89 26.57 -30.60
CA ARG B 51 -6.21 25.45 -31.25
C ARG B 51 -4.95 25.90 -31.95
N LEU B 52 -4.59 27.16 -31.83
CA LEU B 52 -3.44 27.71 -32.51
C LEU B 52 -2.56 28.43 -31.51
N ARG B 53 -1.26 28.16 -31.58
CA ARG B 53 -0.32 28.94 -30.80
C ARG B 53 -0.21 30.33 -31.41
N PRO B 54 0.32 31.29 -30.65
CA PRO B 54 0.79 32.54 -31.26
C PRO B 54 1.87 32.28 -32.29
N ASP B 55 1.80 33.08 -33.37
CA ASP B 55 2.74 33.04 -34.49
C ASP B 55 2.80 31.66 -35.13
N PHE B 56 1.62 31.21 -35.58
CA PHE B 56 1.43 29.82 -35.93
C PHE B 56 2.11 29.47 -37.24
N GLY B 57 2.40 30.48 -38.06
CA GLY B 57 3.22 30.26 -39.22
C GLY B 57 4.49 31.06 -39.11
N GLY B 58 4.65 31.77 -38.00
CA GLY B 58 5.78 32.64 -37.84
C GLY B 58 6.83 32.10 -36.89
N PRO B 59 7.38 32.98 -36.05
CA PRO B 59 8.49 32.60 -35.19
C PRO B 59 8.04 31.70 -34.07
N PRO B 60 8.95 30.98 -33.43
CA PRO B 60 8.58 30.23 -32.23
C PRO B 60 8.28 31.15 -31.07
N VAL B 61 7.22 30.82 -30.33
CA VAL B 61 6.85 31.56 -29.14
C VAL B 61 7.88 31.33 -28.04
N CYS B 62 8.32 32.40 -27.40
CA CYS B 62 9.27 32.32 -26.31
C CYS B 62 8.53 32.32 -24.99
N VAL B 63 8.66 31.24 -24.23
CA VAL B 63 7.98 31.06 -22.95
C VAL B 63 8.97 31.25 -21.81
N GLY B 64 8.71 32.23 -20.96
CA GLY B 64 9.50 32.36 -19.75
C GLY B 64 9.07 31.38 -18.68
N MET B 65 10.02 30.90 -17.89
CA MET B 65 9.75 29.99 -16.80
C MET B 65 10.22 30.55 -15.47
N ASN B 66 9.52 30.15 -14.43
CA ASN B 66 9.73 30.70 -13.09
C ASN B 66 9.10 29.75 -12.09
N ILE B 67 9.89 29.27 -11.13
CA ILE B 67 9.44 28.35 -10.10
C ILE B 67 9.72 28.91 -8.72
N ASP B 68 8.70 28.99 -7.87
CA ASP B 68 8.89 29.19 -6.44
C ASP B 68 8.48 27.91 -5.73
N ILE B 69 9.40 27.29 -5.01
CA ILE B 69 9.17 26.01 -4.36
C ILE B 69 8.60 26.23 -2.97
N ALA B 70 7.43 25.65 -2.71
CA ALA B 70 6.92 25.63 -1.35
C ALA B 70 7.75 24.72 -0.46
N SER B 71 7.80 23.43 -0.81
CA SER B 71 8.57 22.46 -0.02
C SER B 71 8.89 21.27 -0.88
N ILE B 72 9.92 20.53 -0.48
CA ILE B 72 10.07 19.14 -0.85
C ILE B 72 9.55 18.29 0.29
N ASP B 73 8.48 17.54 0.02
CA ASP B 73 7.74 16.91 1.12
C ASP B 73 8.46 15.69 1.66
N MET B 74 8.66 14.67 0.84
CA MET B 74 9.41 13.50 1.23
C MET B 74 10.44 13.23 0.16
N VAL B 75 11.50 12.52 0.53
CA VAL B 75 12.39 11.89 -0.42
C VAL B 75 12.51 10.43 -0.01
N SER B 76 11.82 9.55 -0.72
CA SER B 76 11.81 8.15 -0.39
C SER B 76 12.91 7.42 -1.13
N GLU B 77 13.75 6.71 -0.38
CA GLU B 77 14.70 5.80 -1.00
C GLU B 77 14.04 4.50 -1.39
N VAL B 78 12.88 4.19 -0.80
CA VAL B 78 12.18 2.97 -1.14
C VAL B 78 11.59 3.07 -2.53
N ASN B 79 10.84 4.14 -2.80
CA ASN B 79 10.15 4.30 -4.06
C ASN B 79 10.97 5.05 -5.09
N MET B 80 12.20 5.42 -4.74
CA MET B 80 13.13 6.19 -5.58
C MET B 80 12.53 7.50 -6.09
N ASP B 81 11.72 8.16 -5.28
CA ASP B 81 11.05 9.39 -5.73
C ASP B 81 11.25 10.52 -4.73
N TYR B 82 10.71 11.68 -5.05
CA TYR B 82 10.63 12.79 -4.13
C TYR B 82 9.41 13.64 -4.46
N THR B 83 8.67 14.02 -3.45
CA THR B 83 7.46 14.81 -3.64
C THR B 83 7.78 16.30 -3.56
N LEU B 84 7.33 17.06 -4.54
CA LEU B 84 7.73 18.45 -4.73
C LEU B 84 6.51 19.32 -4.91
N THR B 85 6.29 20.23 -3.97
CA THR B 85 5.19 21.19 -4.05
C THR B 85 5.75 22.54 -4.43
N MET B 86 5.28 23.09 -5.54
CA MET B 86 5.89 24.31 -6.04
C MET B 86 4.85 25.20 -6.66
N TYR B 87 5.25 26.46 -6.88
CA TYR B 87 4.50 27.44 -7.65
C TYR B 87 5.14 27.61 -9.02
N PHE B 88 4.43 27.22 -10.06
CA PHE B 88 4.99 27.09 -11.39
C PHE B 88 4.41 28.11 -12.34
N GLN B 89 5.24 29.02 -12.84
CA GLN B 89 4.78 30.20 -13.55
C GLN B 89 5.35 30.26 -14.96
N GLN B 90 4.52 30.70 -15.90
CA GLN B 90 4.87 30.78 -17.31
C GLN B 90 4.53 32.14 -17.89
N TYR B 91 5.53 32.92 -18.29
CA TYR B 91 5.30 34.11 -19.10
C TYR B 91 5.37 33.79 -20.57
N TRP B 92 4.49 34.40 -21.35
CA TRP B 92 4.68 34.55 -22.78
C TRP B 92 3.86 35.74 -23.24
N ARG B 93 4.25 36.32 -24.37
CA ARG B 93 3.44 37.35 -24.99
C ARG B 93 2.48 36.73 -26.00
N ASP B 94 1.39 37.43 -26.25
CA ASP B 94 0.34 36.89 -27.11
C ASP B 94 -0.37 38.08 -27.75
N LYS B 95 -0.09 38.31 -29.03
CA LYS B 95 -0.53 39.53 -29.70
C LYS B 95 -2.02 39.52 -30.01
N ARG B 96 -2.68 38.40 -29.80
CA ARG B 96 -4.11 38.32 -29.91
C ARG B 96 -4.80 38.70 -28.61
N LEU B 97 -4.01 39.02 -27.58
CA LEU B 97 -4.53 39.41 -26.28
C LEU B 97 -3.98 40.75 -25.85
N ALA B 98 -3.53 41.56 -26.80
CA ALA B 98 -3.08 42.91 -26.52
C ALA B 98 -4.27 43.85 -26.49
N TYR B 99 -4.53 44.46 -25.33
CA TYR B 99 -5.58 45.45 -25.19
C TYR B 99 -4.93 46.80 -24.95
N SER B 100 -5.53 47.84 -25.51
CA SER B 100 -5.07 49.21 -25.32
C SER B 100 -6.05 50.00 -24.46
N GLY B 101 -5.57 51.14 -24.02
CA GLY B 101 -6.41 52.07 -23.28
C GLY B 101 -6.38 51.91 -21.77
N ILE B 102 -6.47 50.69 -21.29
CA ILE B 102 -6.52 50.45 -19.84
C ILE B 102 -5.10 50.36 -19.32
N PRO B 103 -4.74 51.08 -18.26
CA PRO B 103 -3.40 51.00 -17.69
C PRO B 103 -3.21 49.86 -16.71
N LEU B 104 -4.24 49.05 -16.47
CA LEU B 104 -4.14 47.98 -15.50
C LEU B 104 -3.33 46.80 -16.03
N ASN B 105 -2.83 46.00 -15.12
CA ASN B 105 -2.60 44.57 -15.36
C ASN B 105 -3.85 43.79 -14.97
N LEU B 106 -4.61 43.37 -15.98
CA LEU B 106 -5.89 42.72 -15.76
C LEU B 106 -5.69 41.33 -15.19
N THR B 107 -6.06 41.11 -13.94
CA THR B 107 -6.11 39.77 -13.37
C THR B 107 -7.52 39.21 -13.52
N LEU B 108 -7.65 38.17 -14.33
CA LEU B 108 -8.94 37.56 -14.54
C LEU B 108 -9.13 36.39 -13.59
N ASP B 109 -10.36 35.92 -13.53
CA ASP B 109 -10.66 34.66 -12.86
C ASP B 109 -10.00 33.50 -13.58
N ASN B 110 -9.66 32.46 -12.84
CA ASN B 110 -8.96 31.31 -13.40
C ASN B 110 -9.78 30.50 -14.39
N ARG B 111 -11.08 30.76 -14.53
CA ARG B 111 -11.89 29.99 -15.47
C ARG B 111 -11.75 30.51 -16.89
N VAL B 112 -10.91 31.52 -17.12
CA VAL B 112 -10.67 32.01 -18.46
C VAL B 112 -9.47 31.27 -19.04
N ALA B 113 -8.75 30.51 -18.21
CA ALA B 113 -7.62 29.72 -18.69
C ALA B 113 -8.06 28.50 -19.46
N ASP B 114 -9.34 28.18 -19.46
CA ASP B 114 -9.87 27.18 -20.38
C ASP B 114 -10.20 27.81 -21.72
N GLN B 115 -10.09 29.12 -21.82
CA GLN B 115 -10.48 29.83 -23.02
C GLN B 115 -9.28 30.50 -23.64
N LEU B 116 -8.07 30.15 -23.21
CA LEU B 116 -6.84 30.69 -23.75
C LEU B 116 -5.94 29.56 -24.20
N TRP B 117 -4.92 29.91 -24.97
CA TRP B 117 -3.82 29.01 -25.25
C TRP B 117 -2.86 28.97 -24.07
N VAL B 118 -2.38 27.77 -23.75
CA VAL B 118 -1.28 27.59 -22.79
C VAL B 118 -0.28 26.58 -23.32
N PRO B 119 0.99 26.74 -22.94
CA PRO B 119 1.99 25.73 -23.30
C PRO B 119 1.73 24.42 -22.58
N ASP B 120 1.64 23.34 -23.34
CA ASP B 120 1.30 22.03 -22.78
C ASP B 120 2.50 21.31 -22.15
N THR B 121 3.15 21.98 -21.22
CA THR B 121 4.42 21.49 -20.72
C THR B 121 4.20 20.30 -19.81
N TYR B 122 4.99 19.27 -19.99
CA TYR B 122 4.98 18.13 -19.09
C TYR B 122 6.28 18.07 -18.29
N PHE B 123 6.32 17.10 -17.39
CA PHE B 123 7.46 16.79 -16.54
C PHE B 123 7.85 15.36 -16.80
N LEU B 124 9.08 15.15 -17.27
CA LEU B 124 9.47 13.81 -17.68
C LEU B 124 9.68 12.94 -16.45
N ASN B 125 10.06 13.53 -15.33
CA ASN B 125 10.27 12.80 -14.10
C ASN B 125 8.98 12.48 -13.38
N ASP B 126 7.85 12.94 -13.88
CA ASP B 126 6.62 12.93 -13.11
C ASP B 126 6.03 11.54 -12.99
N LYS B 127 5.70 11.15 -11.77
CA LYS B 127 4.92 9.95 -11.55
C LYS B 127 3.46 10.27 -11.34
N LYS B 128 3.17 11.24 -10.48
CA LYS B 128 1.80 11.48 -10.04
C LYS B 128 1.71 12.90 -9.51
N SER B 129 0.96 13.77 -10.19
CA SER B 129 0.90 15.17 -9.81
C SER B 129 -0.54 15.67 -9.93
N PHE B 130 -0.80 16.81 -9.29
CA PHE B 130 -2.13 17.40 -9.29
C PHE B 130 -2.02 18.86 -8.95
N VAL B 131 -2.80 19.68 -9.62
CA VAL B 131 -2.98 21.07 -9.22
C VAL B 131 -4.00 21.11 -8.10
N HIS B 132 -3.65 21.75 -6.99
CA HIS B 132 -4.51 21.81 -5.82
C HIS B 132 -5.82 22.53 -6.08
N GLY B 133 -6.86 22.05 -5.43
CA GLY B 133 -8.20 22.46 -5.78
C GLY B 133 -9.03 22.98 -4.63
N VAL B 134 -8.40 23.71 -3.70
CA VAL B 134 -9.09 24.38 -2.60
C VAL B 134 -8.63 25.81 -2.53
N THR B 135 -9.57 26.77 -2.58
CA THR B 135 -11.01 26.52 -2.68
C THR B 135 -11.47 26.43 -4.11
N VAL B 136 -10.65 26.93 -5.02
CA VAL B 136 -10.84 26.72 -6.44
C VAL B 136 -9.55 26.12 -6.98
N LYS B 137 -9.52 25.85 -8.28
CA LYS B 137 -8.29 25.41 -8.93
C LYS B 137 -7.30 26.56 -8.96
N ASN B 138 -6.06 26.29 -8.58
CA ASN B 138 -5.06 27.34 -8.43
C ASN B 138 -4.40 27.69 -9.75
N ARG B 139 -5.06 28.57 -10.50
CA ARG B 139 -4.47 29.18 -11.69
C ARG B 139 -4.51 30.68 -11.51
N MET B 140 -3.63 31.38 -12.20
CA MET B 140 -3.78 32.81 -12.34
C MET B 140 -3.60 33.22 -13.79
N ILE B 141 -4.35 34.22 -14.20
CA ILE B 141 -4.20 34.85 -15.50
C ILE B 141 -3.99 36.32 -15.26
N ARG B 142 -2.79 36.81 -15.50
CA ARG B 142 -2.54 38.24 -15.31
C ARG B 142 -2.17 38.80 -16.67
N LEU B 143 -3.18 39.20 -17.43
CA LEU B 143 -2.94 39.76 -18.76
C LEU B 143 -2.30 41.13 -18.63
N HIS B 144 -1.29 41.35 -19.40
CA HIS B 144 -0.63 42.65 -19.48
C HIS B 144 -1.02 43.34 -20.79
N PRO B 145 -1.13 44.66 -20.83
CA PRO B 145 -1.66 45.32 -22.03
C PRO B 145 -0.76 45.30 -23.25
N ASP B 146 0.40 44.66 -23.20
CA ASP B 146 1.20 44.44 -24.39
C ASP B 146 1.04 43.02 -24.90
N GLY B 147 0.19 42.23 -24.26
CA GLY B 147 -0.03 40.86 -24.64
C GLY B 147 0.69 39.84 -23.79
N THR B 148 1.55 40.28 -22.89
CA THR B 148 2.22 39.36 -22.00
C THR B 148 1.22 38.78 -21.02
N VAL B 149 1.32 37.48 -20.74
CA VAL B 149 0.42 36.85 -19.81
C VAL B 149 1.20 35.92 -18.89
N LEU B 150 1.03 36.13 -17.60
CA LEU B 150 1.47 35.20 -16.57
C LEU B 150 0.40 34.12 -16.37
N TYR B 151 0.82 32.87 -16.41
CA TYR B 151 -0.02 31.73 -16.09
C TYR B 151 0.65 30.85 -15.06
N GLY B 152 0.24 31.02 -13.80
CA GLY B 152 0.90 30.39 -12.69
C GLY B 152 0.05 29.27 -12.13
N LEU B 153 0.65 28.11 -12.04
CA LEU B 153 0.03 26.94 -11.43
C LEU B 153 0.63 26.71 -10.05
N ARG B 154 -0.04 25.88 -9.27
CA ARG B 154 0.42 25.45 -7.94
C ARG B 154 0.43 23.92 -7.90
N ILE B 155 1.59 23.34 -8.13
CA ILE B 155 1.74 21.93 -8.46
C ILE B 155 2.37 21.21 -7.28
N THR B 156 1.78 20.11 -6.86
CA THR B 156 2.45 19.08 -6.08
C THR B 156 2.74 17.89 -6.98
N THR B 157 3.99 17.72 -7.36
CA THR B 157 4.41 16.60 -8.18
C THR B 157 5.13 15.57 -7.34
N THR B 158 5.29 14.37 -7.91
CA THR B 158 6.07 13.32 -7.25
C THR B 158 7.08 12.78 -8.26
N ALA B 159 8.23 13.42 -8.33
CA ALA B 159 9.17 13.17 -9.40
C ALA B 159 10.09 12.01 -9.04
N ALA B 160 10.59 11.32 -10.06
CA ALA B 160 11.45 10.17 -9.82
C ALA B 160 12.92 10.39 -10.19
N CYS B 161 13.80 10.26 -9.20
CA CYS B 161 15.22 10.41 -9.41
C CYS B 161 15.97 9.18 -8.92
N MET B 162 16.87 8.66 -9.75
CA MET B 162 17.64 7.47 -9.39
C MET B 162 18.58 7.78 -8.24
N MET B 163 18.84 6.78 -7.41
CA MET B 163 19.70 6.97 -6.25
C MET B 163 20.87 5.99 -6.09
N ASP B 164 22.01 6.34 -6.68
CA ASP B 164 23.21 5.54 -6.56
C ASP B 164 23.52 5.40 -5.09
N LEU B 165 23.27 4.22 -4.54
CA LEU B 165 23.45 3.97 -3.12
C LEU B 165 24.70 3.16 -2.85
N ARG B 166 25.76 3.40 -3.61
CA ARG B 166 27.05 2.78 -3.34
C ARG B 166 27.79 3.49 -2.21
N ARG B 167 27.32 4.65 -1.79
CA ARG B 167 27.94 5.35 -0.68
C ARG B 167 26.91 5.68 0.38
N TYR B 168 25.86 4.87 0.47
CA TYR B 168 24.89 5.01 1.54
C TYR B 168 25.54 4.64 2.87
N PRO B 169 25.18 5.30 3.96
CA PRO B 169 24.40 6.52 4.07
C PRO B 169 25.24 7.75 4.20
N LEU B 170 26.26 7.83 3.36
CA LEU B 170 27.12 9.00 3.27
C LEU B 170 26.98 9.65 1.91
N ASP B 171 25.99 9.20 1.15
CA ASP B 171 25.79 9.63 -0.23
C ASP B 171 25.18 11.00 -0.50
N GLU B 172 25.64 11.61 -1.60
CA GLU B 172 25.14 12.90 -2.04
C GLU B 172 24.46 12.72 -3.38
N GLN B 173 23.33 12.02 -3.37
CA GLN B 173 22.58 11.76 -4.59
C GLN B 173 22.02 13.03 -5.23
N ASN B 174 22.00 13.05 -6.55
CA ASN B 174 21.52 14.19 -7.31
C ASN B 174 20.17 13.87 -7.96
N CYS B 175 19.17 14.70 -7.68
CA CYS B 175 17.83 14.53 -8.23
C CYS B 175 17.46 15.68 -9.14
N THR B 176 16.96 15.36 -10.33
CA THR B 176 16.59 16.39 -11.28
C THR B 176 15.11 16.44 -11.66
N LEU B 177 14.68 17.62 -12.11
CA LEU B 177 13.31 17.84 -12.54
C LEU B 177 13.46 18.27 -13.99
N GLU B 178 12.68 17.69 -14.90
CA GLU B 178 12.82 18.02 -16.32
C GLU B 178 11.53 18.58 -16.87
N ILE B 179 11.58 19.81 -17.36
CA ILE B 179 10.42 20.58 -17.80
C ILE B 179 10.50 20.73 -19.31
N GLU B 180 9.43 20.38 -20.01
CA GLU B 180 9.53 20.19 -21.45
C GLU B 180 8.17 20.27 -22.10
N SER B 181 8.09 20.94 -23.25
CA SER B 181 6.86 20.95 -24.02
C SER B 181 6.57 19.60 -24.64
N TYR B 182 5.29 19.32 -24.83
CA TYR B 182 4.93 18.05 -25.43
C TYR B 182 4.73 18.15 -26.93
N GLY B 183 3.77 18.94 -27.35
CA GLY B 183 3.31 18.86 -28.72
C GLY B 183 4.07 19.76 -29.64
N TYR B 184 4.77 20.75 -29.08
CA TYR B 184 5.46 21.74 -29.88
C TYR B 184 6.95 21.50 -29.83
N THR B 185 7.55 21.47 -31.01
CA THR B 185 8.97 21.24 -31.20
C THR B 185 9.76 22.49 -30.84
N THR B 186 11.05 22.50 -31.15
CA THR B 186 11.88 23.66 -30.83
C THR B 186 11.65 24.80 -31.79
N ASP B 187 11.01 24.54 -32.92
CA ASP B 187 10.69 25.56 -33.90
C ASP B 187 9.32 26.14 -33.67
N ASP B 188 8.57 25.60 -32.73
CA ASP B 188 7.30 26.16 -32.35
C ASP B 188 7.35 26.89 -31.03
N ILE B 189 8.12 26.40 -30.07
CA ILE B 189 8.14 26.95 -28.73
C ILE B 189 9.59 27.04 -28.28
N GLU B 190 9.90 28.02 -27.45
CA GLU B 190 11.20 28.09 -26.78
C GLU B 190 10.99 28.40 -25.31
N PHE B 191 11.67 27.65 -24.45
CA PHE B 191 11.67 27.98 -23.04
C PHE B 191 12.90 28.77 -22.65
N TYR B 192 12.77 29.51 -21.55
CA TYR B 192 13.95 30.01 -20.86
C TYR B 192 13.60 30.17 -19.39
N TRP B 193 14.58 29.98 -18.52
CA TRP B 193 14.43 30.42 -17.15
C TRP B 193 14.51 31.94 -17.11
N ARG B 194 13.56 32.57 -16.41
CA ARG B 194 13.51 34.02 -16.30
C ARG B 194 14.39 34.50 -15.17
N GLY B 195 15.47 35.20 -15.52
CA GLY B 195 16.50 35.48 -14.54
C GLY B 195 17.24 34.20 -14.21
N GLY B 196 18.02 33.71 -15.17
CA GLY B 196 18.44 32.32 -15.19
C GLY B 196 19.34 31.89 -14.05
N ASP B 197 19.92 32.83 -13.33
CA ASP B 197 20.67 32.46 -12.14
C ASP B 197 19.78 32.39 -10.92
N LYS B 198 18.69 33.15 -10.93
CA LYS B 198 17.83 33.32 -9.76
C LYS B 198 16.37 33.07 -10.11
N ALA B 199 16.11 32.21 -11.09
CA ALA B 199 14.75 31.92 -11.49
C ALA B 199 14.03 31.09 -10.45
N VAL B 200 14.75 30.18 -9.81
CA VAL B 200 14.17 29.30 -8.80
C VAL B 200 14.49 29.86 -7.43
N THR B 201 13.46 30.33 -6.73
CA THR B 201 13.60 30.93 -5.42
C THR B 201 13.03 29.99 -4.37
N GLY B 202 13.49 30.17 -3.14
CA GLY B 202 12.99 29.35 -2.06
C GLY B 202 13.67 28.01 -1.92
N VAL B 203 14.86 27.85 -2.49
CA VAL B 203 15.61 26.62 -2.30
C VAL B 203 16.14 26.56 -0.87
N GLU B 204 16.53 27.71 -0.33
CA GLU B 204 17.10 27.79 1.01
C GLU B 204 16.10 27.47 2.11
N ARG B 205 14.84 27.81 1.93
CA ARG B 205 13.82 27.64 2.96
C ARG B 205 13.13 26.29 2.87
N ILE B 206 13.81 25.29 2.32
CA ILE B 206 13.36 23.91 2.36
C ILE B 206 14.11 23.21 3.48
N GLU B 207 13.38 22.65 4.42
CA GLU B 207 13.98 22.03 5.59
C GLU B 207 13.70 20.54 5.62
N LEU B 208 14.54 19.78 4.94
CA LEU B 208 14.37 18.34 4.85
C LEU B 208 14.85 17.69 6.15
N PRO B 209 14.10 16.71 6.66
CA PRO B 209 14.49 16.10 7.94
C PRO B 209 15.70 15.20 7.82
N GLN B 210 16.11 14.85 6.62
CA GLN B 210 17.22 13.92 6.42
C GLN B 210 18.34 14.51 5.60
N PHE B 211 18.05 15.38 4.66
CA PHE B 211 19.02 15.87 3.68
C PHE B 211 19.27 17.34 3.92
N SER B 212 20.36 17.83 3.35
CA SER B 212 20.62 19.25 3.21
C SER B 212 20.87 19.54 1.75
N ILE B 213 20.16 20.50 1.16
CA ILE B 213 20.36 20.78 -0.26
C ILE B 213 21.55 21.71 -0.45
N VAL B 214 22.68 21.14 -0.85
CA VAL B 214 23.90 21.89 -1.07
C VAL B 214 23.85 22.92 -2.21
N GLU B 215 23.29 22.52 -3.35
CA GLU B 215 23.22 23.41 -4.50
C GLU B 215 22.16 23.02 -5.53
N HIS B 216 21.82 23.95 -6.40
CA HIS B 216 20.85 23.70 -7.47
C HIS B 216 21.33 24.35 -8.75
N ARG B 217 21.28 23.61 -9.86
CA ARG B 217 21.75 24.12 -11.15
C ARG B 217 20.65 24.24 -12.21
N LEU B 218 20.62 25.38 -12.87
CA LEU B 218 19.66 25.63 -13.95
C LEU B 218 20.38 25.44 -15.28
N VAL B 219 19.91 24.48 -16.07
CA VAL B 219 20.52 24.16 -17.35
C VAL B 219 19.44 24.09 -18.42
N SER B 220 19.62 24.84 -19.50
CA SER B 220 18.74 24.78 -20.66
C SER B 220 19.39 24.00 -21.80
N ARG B 221 18.62 23.11 -22.43
CA ARG B 221 19.10 22.35 -23.57
C ARG B 221 17.90 21.88 -24.39
N ASN B 222 18.17 21.34 -25.56
CA ASN B 222 17.16 20.62 -26.31
C ASN B 222 17.27 19.13 -26.07
N VAL B 223 16.36 18.38 -26.69
CA VAL B 223 16.54 16.97 -26.96
C VAL B 223 16.26 16.70 -28.43
N VAL B 224 16.48 15.47 -28.86
CA VAL B 224 15.95 14.96 -30.13
C VAL B 224 15.16 13.71 -29.82
N PHE B 225 13.84 13.79 -29.95
CA PHE B 225 13.03 12.60 -30.02
C PHE B 225 12.78 12.26 -31.48
N ALA B 226 11.97 11.23 -31.70
CA ALA B 226 11.77 10.75 -33.06
C ALA B 226 10.88 11.69 -33.86
N THR B 227 9.99 12.42 -33.20
CA THR B 227 9.10 13.32 -33.92
C THR B 227 9.73 14.68 -34.19
N GLY B 228 10.59 15.15 -33.30
CA GLY B 228 11.16 16.47 -33.47
C GLY B 228 12.12 16.75 -32.35
N ALA B 229 12.67 17.96 -32.37
CA ALA B 229 13.56 18.45 -31.32
C ALA B 229 12.76 19.31 -30.36
N TYR B 230 12.85 19.02 -29.07
CA TYR B 230 12.03 19.64 -28.05
C TYR B 230 12.88 20.37 -27.02
N PRO B 231 12.47 21.56 -26.61
CA PRO B 231 13.22 22.31 -25.59
C PRO B 231 12.96 21.78 -24.20
N ARG B 232 14.02 21.69 -23.40
CA ARG B 232 13.93 21.09 -22.08
C ARG B 232 14.68 21.93 -21.05
N LEU B 233 14.05 22.19 -19.91
CA LEU B 233 14.70 22.83 -18.78
C LEU B 233 14.88 21.83 -17.64
N SER B 234 15.98 22.00 -16.91
CA SER B 234 16.32 21.08 -15.83
C SER B 234 16.54 21.81 -14.52
N LEU B 235 15.80 21.42 -13.49
CA LEU B 235 15.92 21.99 -12.16
C LEU B 235 16.40 20.88 -11.26
N SER B 236 17.71 20.74 -11.14
CA SER B 236 18.30 19.70 -10.32
C SER B 236 18.96 20.29 -9.07
N PHE B 237 18.73 19.64 -7.95
CA PHE B 237 19.33 20.08 -6.70
C PHE B 237 20.02 18.89 -6.05
N ARG B 238 21.30 19.06 -5.75
CA ARG B 238 22.11 18.02 -5.13
C ARG B 238 21.67 17.85 -3.68
N LEU B 239 21.83 16.65 -3.14
CA LEU B 239 21.37 16.41 -1.77
C LEU B 239 22.31 15.61 -0.87
N LYS B 240 23.05 16.29 0.01
CA LYS B 240 23.88 15.57 0.95
C LYS B 240 23.02 14.91 2.00
N ARG B 241 23.31 13.66 2.32
CA ARG B 241 22.62 12.96 3.39
C ARG B 241 23.29 13.24 4.72
N ASN B 242 22.51 13.76 5.67
CA ASN B 242 23.00 13.95 7.01
C ASN B 242 22.91 12.65 7.78
N ILE B 243 23.91 12.38 8.61
CA ILE B 243 24.30 11.04 9.01
C ILE B 243 24.02 10.78 10.46
N GLY B 244 23.41 11.75 11.16
CA GLY B 244 23.23 11.64 12.59
C GLY B 244 22.25 10.57 12.98
N TYR B 245 21.30 10.26 12.10
CA TYR B 245 20.37 9.19 12.37
C TYR B 245 21.06 7.84 12.43
N PHE B 246 22.15 7.68 11.68
CA PHE B 246 22.87 6.41 11.56
C PHE B 246 23.97 6.27 12.57
N ILE B 247 24.46 7.39 13.08
CA ILE B 247 25.38 7.34 14.19
C ILE B 247 24.60 6.93 15.42
N LEU B 248 23.39 7.41 15.56
CA LEU B 248 22.59 7.08 16.73
C LEU B 248 21.94 5.70 16.60
N GLN B 249 21.70 5.20 15.38
CA GLN B 249 20.90 4.00 15.18
C GLN B 249 21.79 2.79 14.90
N THR B 250 22.79 2.94 14.05
CA THR B 250 23.48 1.83 13.40
C THR B 250 24.96 1.74 13.75
N TYR B 251 25.71 2.83 13.53
CA TYR B 251 27.16 2.76 13.68
C TYR B 251 27.61 2.63 15.12
N MET B 252 27.19 3.55 15.99
CA MET B 252 27.58 3.45 17.40
C MET B 252 27.14 2.17 18.11
N PRO B 253 25.95 1.61 17.93
CA PRO B 253 25.70 0.30 18.56
C PRO B 253 26.50 -0.82 17.94
N SER B 254 26.89 -0.71 16.68
CA SER B 254 27.76 -1.71 16.09
C SER B 254 29.15 -1.67 16.70
N ILE B 255 29.64 -0.47 16.99
CA ILE B 255 30.92 -0.32 17.69
C ILE B 255 30.85 -0.95 19.06
N LEU B 256 29.81 -0.62 19.82
CA LEU B 256 29.70 -1.09 21.20
C LEU B 256 29.40 -2.57 21.27
N ILE B 257 28.72 -3.14 20.28
CA ILE B 257 28.53 -4.59 20.26
C ILE B 257 29.82 -5.28 19.89
N THR B 258 30.61 -4.67 19.02
CA THR B 258 31.91 -5.21 18.65
C THR B 258 32.86 -5.21 19.84
N ILE B 259 32.77 -4.21 20.70
CA ILE B 259 33.64 -4.13 21.86
C ILE B 259 33.16 -5.12 22.92
N LEU B 260 31.84 -5.26 23.08
CA LEU B 260 31.29 -6.22 24.02
C LEU B 260 31.48 -7.65 23.57
N SER B 261 31.85 -7.89 22.32
CA SER B 261 32.34 -9.21 21.95
C SER B 261 33.69 -9.50 22.59
N TRP B 262 34.44 -8.47 23.00
CA TRP B 262 35.79 -8.63 23.51
C TRP B 262 35.84 -8.63 25.02
N VAL B 263 34.71 -8.83 25.68
CA VAL B 263 34.75 -9.01 27.12
C VAL B 263 35.27 -10.40 27.38
N SER B 264 35.11 -11.31 26.42
CA SER B 264 35.47 -12.70 26.58
C SER B 264 36.90 -12.96 26.17
N PHE B 265 37.78 -11.98 26.35
CA PHE B 265 39.21 -12.23 26.36
C PHE B 265 39.75 -12.06 27.75
N TRP B 266 39.05 -11.29 28.57
CA TRP B 266 39.37 -11.14 29.97
C TRP B 266 38.49 -12.06 30.81
N ILE B 267 38.10 -13.18 30.22
CA ILE B 267 37.38 -14.24 30.90
C ILE B 267 38.21 -15.51 30.76
N ASN B 268 38.32 -16.27 31.86
CA ASN B 268 39.10 -17.50 31.92
C ASN B 268 38.62 -18.52 30.90
N TYR B 269 39.56 -19.32 30.39
CA TYR B 269 39.27 -20.23 29.29
C TYR B 269 38.46 -21.43 29.73
N ASP B 270 38.43 -21.74 31.02
CA ASP B 270 37.62 -22.85 31.50
C ASP B 270 36.14 -22.51 31.49
N ALA B 271 35.82 -21.23 31.54
CA ALA B 271 34.43 -20.78 31.55
C ALA B 271 33.90 -20.84 30.13
N SER B 272 33.43 -22.01 29.74
CA SER B 272 32.89 -22.17 28.40
C SER B 272 31.54 -21.51 28.29
N ALA B 273 30.69 -21.68 29.29
CA ALA B 273 29.35 -21.11 29.26
C ALA B 273 29.35 -19.59 29.43
N ALA B 274 30.49 -18.99 29.72
CA ALA B 274 30.62 -17.54 29.70
C ALA B 274 31.01 -17.04 28.31
N ARG B 275 32.15 -17.51 27.79
CA ARG B 275 32.66 -16.99 26.52
C ARG B 275 31.79 -17.38 25.33
N VAL B 276 31.28 -18.60 25.32
CA VAL B 276 30.42 -19.06 24.23
C VAL B 276 29.11 -18.29 24.20
N ALA B 277 28.47 -18.14 25.35
CA ALA B 277 27.21 -17.41 25.41
C ALA B 277 27.41 -15.93 25.12
N LEU B 278 28.57 -15.40 25.46
CA LEU B 278 28.84 -14.00 25.15
C LEU B 278 28.93 -13.80 23.64
N GLY B 279 29.77 -14.59 22.95
CA GLY B 279 29.90 -14.47 21.51
C GLY B 279 28.64 -14.82 20.74
N ILE B 280 27.86 -15.77 21.24
CA ILE B 280 26.60 -16.15 20.60
C ILE B 280 25.57 -15.04 20.74
N THR B 281 25.48 -14.42 21.90
CA THR B 281 24.51 -13.33 22.02
C THR B 281 24.98 -12.12 21.24
N THR B 282 26.29 -11.99 21.05
CA THR B 282 26.83 -10.89 20.25
C THR B 282 26.46 -11.07 18.77
N VAL B 283 26.57 -12.29 18.23
CA VAL B 283 26.18 -12.48 16.83
C VAL B 283 24.66 -12.40 16.70
N LEU B 284 23.93 -12.68 17.78
CA LEU B 284 22.49 -12.46 17.76
C LEU B 284 22.15 -10.98 17.65
N THR B 285 22.89 -10.14 18.37
CA THR B 285 22.60 -8.71 18.35
C THR B 285 22.94 -8.11 17.00
N MET B 286 24.03 -8.56 16.38
CA MET B 286 24.38 -8.10 15.04
C MET B 286 23.33 -8.55 14.03
N THR B 287 22.79 -9.75 14.22
CA THR B 287 21.71 -10.23 13.37
C THR B 287 20.47 -9.36 13.51
N THR B 288 20.13 -8.96 14.73
CA THR B 288 18.93 -8.13 14.93
C THR B 288 19.15 -6.70 14.47
N ILE B 289 20.40 -6.24 14.36
CA ILE B 289 20.63 -4.96 13.70
C ILE B 289 20.41 -5.11 12.20
N ASN B 290 20.91 -6.20 11.63
CA ASN B 290 20.76 -6.46 10.21
C ASN B 290 19.31 -6.59 9.77
N THR B 291 18.46 -7.13 10.64
CA THR B 291 17.03 -7.25 10.33
C THR B 291 16.37 -5.91 10.10
N HIS B 292 16.60 -4.95 10.98
CA HIS B 292 15.93 -3.67 10.79
C HIS B 292 16.59 -2.86 9.69
N LEU B 293 17.87 -3.04 9.47
CA LEU B 293 18.54 -2.30 8.41
C LEU B 293 18.40 -2.97 7.04
N ARG B 294 17.77 -4.13 6.95
CA ARG B 294 17.27 -4.60 5.66
C ARG B 294 15.79 -4.32 5.49
N GLU B 295 15.08 -4.05 6.58
CA GLU B 295 13.67 -3.71 6.49
C GLU B 295 13.48 -2.28 5.99
N THR B 296 14.32 -1.36 6.43
CA THR B 296 14.15 0.05 6.10
C THR B 296 14.42 0.42 4.65
N LEU B 297 14.89 -0.50 3.82
CA LEU B 297 15.64 -0.10 2.64
C LEU B 297 15.14 -0.79 1.39
N PRO B 298 15.45 -0.26 0.21
CA PRO B 298 15.12 -0.95 -1.03
C PRO B 298 15.98 -2.18 -1.23
N LYS B 299 15.58 -2.98 -2.21
CA LYS B 299 16.23 -4.25 -2.50
C LYS B 299 17.28 -4.10 -3.59
N ILE B 300 18.24 -3.22 -3.37
CA ILE B 300 19.26 -2.98 -4.39
C ILE B 300 20.26 -4.12 -4.40
N PRO B 301 20.72 -4.56 -5.55
CA PRO B 301 21.45 -5.83 -5.61
C PRO B 301 22.94 -5.71 -5.38
N TYR B 302 23.39 -4.95 -4.39
CA TYR B 302 24.83 -4.83 -4.14
C TYR B 302 25.05 -4.43 -2.69
N VAL B 303 26.28 -4.03 -2.40
CA VAL B 303 26.70 -3.72 -1.05
C VAL B 303 26.50 -2.23 -0.81
N LYS B 304 25.68 -1.89 0.18
CA LYS B 304 25.17 -0.54 0.36
C LYS B 304 26.17 0.43 0.97
N ALA B 305 27.34 -0.04 1.36
CA ALA B 305 28.33 0.81 2.00
C ALA B 305 28.02 0.91 3.51
N ILE B 306 26.85 0.40 3.89
CA ILE B 306 26.41 0.32 5.28
C ILE B 306 26.51 -1.17 5.55
N ASP B 307 26.71 -1.91 4.47
CA ASP B 307 26.88 -3.35 4.54
C ASP B 307 28.34 -3.72 4.60
N MET B 308 29.23 -2.89 4.03
CA MET B 308 30.67 -3.10 4.21
C MET B 308 31.00 -3.00 5.69
N TYR B 309 30.45 -1.99 6.34
CA TYR B 309 30.74 -1.78 7.75
C TYR B 309 30.15 -2.88 8.62
N LEU B 310 28.89 -3.23 8.41
CA LEU B 310 28.25 -4.25 9.25
C LEU B 310 28.77 -5.66 8.99
N MET B 311 29.10 -6.00 7.73
CA MET B 311 29.73 -7.29 7.45
C MET B 311 31.12 -7.35 8.05
N GLY B 312 31.83 -6.23 8.03
CA GLY B 312 33.15 -6.20 8.66
C GLY B 312 33.06 -6.35 10.15
N CYS B 313 32.07 -5.71 10.77
CA CYS B 313 31.87 -5.84 12.21
C CYS B 313 31.37 -7.22 12.56
N PHE B 314 30.60 -7.84 11.68
CA PHE B 314 30.20 -9.21 11.93
C PHE B 314 31.38 -10.16 11.81
N VAL B 315 32.34 -9.85 10.95
CA VAL B 315 33.56 -10.63 10.83
C VAL B 315 34.40 -10.51 12.09
N PHE B 316 34.46 -9.32 12.69
CA PHE B 316 35.19 -9.16 13.94
C PHE B 316 34.56 -9.97 15.06
N VAL B 317 33.24 -9.97 15.15
CA VAL B 317 32.59 -10.77 16.20
C VAL B 317 32.76 -12.26 15.91
N PHE B 318 32.68 -12.65 14.64
CA PHE B 318 32.83 -14.03 14.24
C PHE B 318 34.25 -14.51 14.53
N LEU B 319 35.24 -13.65 14.32
CA LEU B 319 36.61 -14.02 14.66
C LEU B 319 36.84 -14.02 16.16
N ALA B 320 36.11 -13.20 16.91
CA ALA B 320 36.20 -13.27 18.35
C ALA B 320 35.63 -14.56 18.91
N LEU B 321 34.66 -15.16 18.22
CA LEU B 321 34.13 -16.46 18.64
C LEU B 321 35.00 -17.60 18.14
N LEU B 322 35.58 -17.45 16.95
CA LEU B 322 36.53 -18.43 16.45
C LEU B 322 37.79 -18.49 17.30
N GLU B 323 38.11 -17.41 17.99
CA GLU B 323 39.25 -17.40 18.90
C GLU B 323 39.02 -18.35 20.06
N TYR B 324 37.81 -18.39 20.60
CA TYR B 324 37.56 -19.33 21.70
C TYR B 324 37.52 -20.76 21.18
N ALA B 325 36.99 -20.97 19.97
CA ALA B 325 37.01 -22.31 19.40
C ALA B 325 38.45 -22.74 19.17
N PHE B 326 39.29 -21.79 18.78
CA PHE B 326 40.70 -22.07 18.55
C PHE B 326 41.42 -22.38 19.85
N VAL B 327 41.14 -21.62 20.89
CA VAL B 327 41.74 -21.86 22.21
C VAL B 327 41.27 -23.18 22.80
N ASN B 328 39.99 -23.50 22.65
CA ASN B 328 39.45 -24.74 23.20
C ASN B 328 40.02 -25.96 22.47
N TYR B 329 40.19 -25.87 21.16
CA TYR B 329 40.76 -27.02 20.46
C TYR B 329 42.25 -27.16 20.73
N ILE B 330 42.98 -26.07 20.95
CA ILE B 330 44.40 -26.22 21.27
C ILE B 330 44.57 -26.77 22.66
N PHE B 331 43.82 -26.26 23.63
CA PHE B 331 44.04 -26.70 25.00
C PHE B 331 43.43 -28.07 25.26
N PHE B 332 42.14 -28.26 24.96
CA PHE B 332 41.50 -29.51 25.34
C PHE B 332 41.63 -30.59 24.27
N GLY B 333 42.06 -30.24 23.07
CA GLY B 333 42.22 -31.24 22.03
C GLY B 333 43.66 -31.60 21.74
N ARG B 334 44.53 -30.60 21.68
CA ARG B 334 45.94 -30.82 21.41
C ARG B 334 46.75 -30.78 22.70
N GLY B 335 46.07 -30.97 23.83
CA GLY B 335 46.67 -30.91 25.15
C GLY B 335 47.43 -32.15 25.57
N PRO B 336 46.74 -33.30 25.69
CA PRO B 336 47.45 -34.53 26.09
C PRO B 336 48.47 -35.02 25.08
N GLN B 337 48.42 -34.57 23.83
CA GLN B 337 49.46 -34.88 22.88
C GLN B 337 50.67 -33.97 23.06
N ARG B 338 50.51 -32.89 23.81
CA ARG B 338 51.53 -31.88 24.14
C ARG B 338 52.17 -31.28 22.90
N THR B 443 50.97 -22.69 21.28
CA THR B 443 51.17 -23.75 22.25
C THR B 443 50.60 -23.41 23.61
N ASP B 444 50.17 -22.17 23.76
CA ASP B 444 49.71 -21.64 25.03
C ASP B 444 48.29 -21.11 24.87
N VAL B 445 47.61 -20.95 26.00
CA VAL B 445 46.33 -20.28 26.02
C VAL B 445 46.52 -18.79 26.26
N ASN B 446 47.34 -18.47 27.27
CA ASN B 446 47.54 -17.10 27.70
C ASN B 446 48.26 -16.28 26.65
N ALA B 447 49.13 -16.92 25.87
CA ALA B 447 49.82 -16.22 24.80
C ALA B 447 48.85 -15.80 23.70
N ILE B 448 47.93 -16.69 23.33
CA ILE B 448 46.94 -16.36 22.31
C ILE B 448 45.99 -15.29 22.80
N ASP B 449 45.62 -15.36 24.08
CA ASP B 449 44.74 -14.35 24.68
C ASP B 449 45.41 -12.98 24.71
N ARG B 450 46.67 -12.92 25.13
CA ARG B 450 47.39 -11.66 25.12
C ARG B 450 47.58 -11.13 23.72
N TRP B 451 47.85 -12.04 22.77
CA TRP B 451 48.02 -11.64 21.39
C TRP B 451 46.72 -11.10 20.81
N SER B 452 45.59 -11.69 21.19
CA SER B 452 44.29 -11.21 20.72
C SER B 452 43.94 -9.86 21.31
N ARG B 453 44.23 -9.63 22.58
CA ARG B 453 44.00 -8.33 23.21
C ARG B 453 44.80 -7.22 22.57
N ILE B 454 46.00 -7.54 22.07
CA ILE B 454 46.81 -6.56 21.37
C ILE B 454 46.29 -6.36 19.96
N VAL B 455 45.94 -7.45 19.28
CA VAL B 455 45.69 -7.37 17.84
C VAL B 455 44.29 -6.87 17.52
N PHE B 456 43.25 -7.45 18.13
CA PHE B 456 41.88 -7.10 17.75
C PHE B 456 41.45 -5.65 17.94
N PRO B 457 41.81 -4.91 19.01
CA PRO B 457 41.49 -3.48 19.00
C PRO B 457 42.31 -2.71 18.01
N PHE B 458 43.54 -3.14 17.75
CA PHE B 458 44.35 -2.49 16.73
C PHE B 458 43.79 -2.78 15.35
N THR B 459 43.26 -3.98 15.17
CA THR B 459 42.68 -4.35 13.88
C THR B 459 41.37 -3.60 13.63
N PHE B 460 40.57 -3.42 14.66
CA PHE B 460 39.33 -2.69 14.50
C PHE B 460 39.57 -1.21 14.31
N SER B 461 40.66 -0.70 14.89
CA SER B 461 41.04 0.69 14.66
C SER B 461 41.48 0.88 13.22
N LEU B 462 42.22 -0.08 12.69
CA LEU B 462 42.60 -0.02 11.28
C LEU B 462 41.39 -0.13 10.38
N PHE B 463 40.40 -0.92 10.79
CA PHE B 463 39.18 -1.06 10.00
C PHE B 463 38.42 0.26 9.95
N ASN B 464 38.27 0.92 11.09
CA ASN B 464 37.60 2.21 11.09
C ASN B 464 38.44 3.26 10.38
N LEU B 465 39.75 3.08 10.40
CA LEU B 465 40.62 4.00 9.68
C LEU B 465 40.36 3.89 8.18
N VAL B 466 40.35 2.67 7.67
CA VAL B 466 40.11 2.45 6.25
C VAL B 466 38.69 2.83 5.87
N TYR B 467 37.72 2.55 6.74
CA TYR B 467 36.31 2.81 6.45
C TYR B 467 35.96 4.30 6.45
N TRP B 468 36.55 5.07 7.33
CA TRP B 468 36.20 6.47 7.42
C TRP B 468 37.17 7.35 6.66
N LEU B 469 38.18 6.78 6.02
CA LEU B 469 38.96 7.52 5.05
C LEU B 469 38.73 7.10 3.62
N TYR B 470 37.98 6.02 3.38
CA TYR B 470 37.69 5.57 2.03
C TYR B 470 36.56 6.38 1.45
N TYR B 471 35.58 6.71 2.27
CA TYR B 471 34.37 7.35 1.81
C TYR B 471 34.40 8.85 2.03
N VAL B 472 34.78 9.30 3.22
CA VAL B 472 34.78 10.72 3.49
C VAL B 472 36.02 11.36 2.87
N ASP C 65 -40.83 35.67 -9.97
CA ASP C 65 -40.54 36.57 -8.85
C ASP C 65 -39.06 36.49 -8.54
N VAL C 66 -38.70 35.45 -7.79
CA VAL C 66 -37.31 35.25 -7.40
C VAL C 66 -36.52 34.82 -8.62
N THR C 67 -37.15 34.09 -9.54
CA THR C 67 -36.51 33.70 -10.78
C THR C 67 -36.21 34.93 -11.62
N VAL C 68 -37.12 35.91 -11.58
CA VAL C 68 -36.94 37.15 -12.30
C VAL C 68 -35.77 37.92 -11.70
N ILE C 69 -35.64 37.87 -10.38
CA ILE C 69 -34.52 38.54 -9.71
C ILE C 69 -33.21 37.90 -10.12
N LEU C 70 -33.16 36.56 -10.10
CA LEU C 70 -31.93 35.85 -10.43
C LEU C 70 -31.56 36.01 -11.90
N ASN C 71 -32.54 36.07 -12.78
CA ASN C 71 -32.22 36.29 -14.19
C ASN C 71 -31.86 37.74 -14.45
N ASN C 72 -32.33 38.67 -13.62
CA ASN C 72 -31.85 40.03 -13.76
C ASN C 72 -30.45 40.18 -13.21
N LEU C 73 -30.06 39.38 -12.23
CA LEU C 73 -28.72 39.47 -11.68
C LEU C 73 -27.69 38.85 -12.61
N LEU C 74 -28.09 37.94 -13.48
CA LEU C 74 -27.18 37.26 -14.40
C LEU C 74 -27.29 37.80 -15.81
N GLU C 75 -28.18 38.75 -16.04
CA GLU C 75 -28.30 39.42 -17.33
C GLU C 75 -27.12 40.35 -17.49
N GLY C 76 -26.07 39.87 -18.15
CA GLY C 76 -24.88 40.67 -18.32
C GLY C 76 -23.87 40.60 -17.20
N TYR C 77 -24.01 39.65 -16.29
CA TYR C 77 -23.01 39.47 -15.26
C TYR C 77 -21.84 38.71 -15.85
N ASP C 78 -20.63 39.14 -15.52
CA ASP C 78 -19.40 38.49 -15.96
C ASP C 78 -18.62 38.06 -14.73
N ASN C 79 -18.48 36.76 -14.55
CA ASN C 79 -17.79 36.27 -13.37
C ASN C 79 -16.28 36.33 -13.49
N LYS C 80 -15.76 36.73 -14.64
CA LYS C 80 -14.33 36.86 -14.83
C LYS C 80 -13.79 38.19 -14.34
N LEU C 81 -14.67 39.06 -13.87
CA LEU C 81 -14.30 40.41 -13.48
C LEU C 81 -14.59 40.62 -12.01
N ARG C 82 -13.55 40.97 -11.26
CA ARG C 82 -13.69 41.27 -9.84
C ARG C 82 -14.55 42.52 -9.66
N PRO C 83 -15.40 42.57 -8.63
CA PRO C 83 -16.01 43.83 -8.23
C PRO C 83 -14.95 44.86 -7.88
N ASP C 84 -15.18 46.08 -8.35
CA ASP C 84 -14.29 47.23 -8.15
C ASP C 84 -12.92 46.94 -8.77
N ILE C 85 -12.95 46.60 -10.06
CA ILE C 85 -11.77 46.05 -10.70
C ILE C 85 -10.78 47.17 -11.01
N GLY C 86 -11.26 48.38 -11.21
CA GLY C 86 -10.39 49.51 -11.38
C GLY C 86 -10.59 50.55 -10.32
N VAL C 87 -11.35 50.19 -9.29
CA VAL C 87 -11.74 51.18 -8.29
C VAL C 87 -10.89 51.04 -7.05
N LYS C 88 -10.97 49.90 -6.37
CA LYS C 88 -10.39 49.78 -5.05
C LYS C 88 -10.21 48.31 -4.74
N PRO C 89 -9.31 47.97 -3.82
CA PRO C 89 -9.21 46.57 -3.37
C PRO C 89 -10.46 46.09 -2.68
N THR C 90 -10.94 44.92 -3.10
CA THR C 90 -12.16 44.33 -2.61
C THR C 90 -11.93 43.74 -1.24
N LEU C 91 -12.55 44.32 -0.23
CA LEU C 91 -12.36 43.87 1.15
C LEU C 91 -13.22 42.65 1.41
N ILE C 92 -12.61 41.54 1.83
CA ILE C 92 -13.31 40.27 2.05
C ILE C 92 -13.17 39.86 3.51
N HIS C 93 -14.30 39.68 4.18
CA HIS C 93 -14.32 39.31 5.59
C HIS C 93 -14.49 37.80 5.75
N THR C 94 -13.45 37.14 6.25
CA THR C 94 -13.39 35.69 6.32
C THR C 94 -13.71 35.20 7.71
N ASP C 95 -14.54 34.18 7.80
CA ASP C 95 -14.96 33.58 9.05
C ASP C 95 -14.65 32.10 8.98
N MET C 96 -14.48 31.46 10.14
CA MET C 96 -13.99 30.09 10.14
C MET C 96 -14.45 29.37 11.40
N TYR C 97 -15.11 28.25 11.24
CA TYR C 97 -15.47 27.38 12.35
C TYR C 97 -14.62 26.13 12.23
N VAL C 98 -13.83 25.83 13.25
CA VAL C 98 -13.01 24.63 13.28
C VAL C 98 -13.82 23.48 13.87
N ASN C 99 -14.11 22.49 13.06
CA ASN C 99 -14.83 21.35 13.60
C ASN C 99 -13.88 20.47 14.39
N SER C 100 -12.76 20.06 13.79
CA SER C 100 -11.85 19.15 14.47
C SER C 100 -10.47 19.27 13.86
N ILE C 101 -9.46 19.50 14.71
CA ILE C 101 -8.09 19.23 14.35
C ILE C 101 -7.83 17.75 14.53
N GLY C 102 -7.56 17.06 13.46
CA GLY C 102 -7.42 15.62 13.48
C GLY C 102 -6.06 15.16 14.00
N PRO C 103 -5.67 13.95 13.63
CA PRO C 103 -4.44 13.36 14.17
C PRO C 103 -3.22 14.07 13.61
N VAL C 104 -2.42 14.66 14.50
CA VAL C 104 -1.22 15.39 14.09
C VAL C 104 -0.14 14.39 13.71
N ASN C 105 0.19 14.34 12.43
CA ASN C 105 1.24 13.45 11.94
C ASN C 105 2.59 13.99 12.37
N ALA C 106 3.19 13.35 13.37
CA ALA C 106 4.52 13.77 13.80
C ALA C 106 5.58 13.41 12.76
N ILE C 107 5.34 12.36 11.99
CA ILE C 107 6.32 11.89 11.02
C ILE C 107 6.35 12.80 9.80
N ASN C 108 5.20 13.00 9.17
CA ASN C 108 5.15 13.77 7.94
C ASN C 108 5.13 15.26 8.19
N MET C 109 5.08 15.67 9.46
CA MET C 109 4.86 17.04 9.89
C MET C 109 3.62 17.65 9.26
N GLU C 110 2.48 17.04 9.53
CA GLU C 110 1.19 17.52 9.05
C GLU C 110 0.23 17.61 10.20
N TYR C 111 -0.97 18.12 9.94
CA TYR C 111 -2.13 17.89 10.78
C TYR C 111 -3.38 18.03 9.94
N THR C 112 -4.37 17.18 10.21
CA THR C 112 -5.67 17.32 9.59
C THR C 112 -6.52 18.31 10.37
N ILE C 113 -7.11 19.26 9.66
CA ILE C 113 -8.09 20.18 10.23
C ILE C 113 -9.36 20.06 9.43
N ASP C 114 -10.50 20.31 10.07
CA ASP C 114 -11.80 20.26 9.43
C ASP C 114 -12.52 21.58 9.69
N ILE C 115 -12.55 22.46 8.70
CA ILE C 115 -13.03 23.82 8.89
C ILE C 115 -14.34 24.00 8.13
N PHE C 116 -15.12 24.98 8.56
CA PHE C 116 -16.26 25.54 7.83
C PHE C 116 -15.91 26.96 7.46
N PHE C 117 -15.46 27.17 6.24
CA PHE C 117 -14.76 28.38 5.86
C PHE C 117 -15.71 29.37 5.20
N ALA C 118 -16.04 30.45 5.91
CA ALA C 118 -17.03 31.40 5.45
C ALA C 118 -16.37 32.66 4.94
N GLN C 119 -16.90 33.23 3.86
CA GLN C 119 -16.44 34.51 3.34
C GLN C 119 -17.62 35.42 3.07
N THR C 120 -17.45 36.71 3.36
CA THR C 120 -18.36 37.75 2.88
C THR C 120 -17.63 38.81 2.08
N TRP C 121 -18.32 39.34 1.07
CA TRP C 121 -17.84 40.50 0.34
C TRP C 121 -19.03 41.26 -0.19
N TYR C 122 -18.77 42.48 -0.66
CA TYR C 122 -19.76 43.32 -1.34
C TYR C 122 -19.56 43.25 -2.83
N ASP C 123 -20.56 42.71 -3.52
CA ASP C 123 -20.59 42.65 -4.97
C ASP C 123 -21.70 43.56 -5.43
N ARG C 124 -21.34 44.73 -5.91
CA ARG C 124 -22.32 45.78 -6.21
C ARG C 124 -22.88 45.64 -7.60
N ARG C 125 -22.57 44.56 -8.31
CA ARG C 125 -23.30 44.17 -9.50
C ARG C 125 -24.45 43.26 -9.16
N LEU C 126 -24.61 42.94 -7.88
CA LEU C 126 -25.66 42.07 -7.41
C LEU C 126 -26.65 42.81 -6.52
N LYS C 127 -26.75 44.13 -6.67
CA LYS C 127 -27.82 44.87 -6.02
C LYS C 127 -29.16 44.55 -6.66
N PHE C 128 -30.20 44.51 -5.83
CA PHE C 128 -31.56 44.40 -6.32
C PHE C 128 -32.50 44.98 -5.26
N ASN C 129 -33.70 45.32 -5.70
CA ASN C 129 -34.76 45.84 -4.83
C ASN C 129 -35.92 44.87 -4.77
N SER C 130 -36.31 44.48 -3.57
CA SER C 130 -37.38 43.50 -3.41
C SER C 130 -37.96 43.58 -2.01
N THR C 131 -38.84 42.62 -1.72
CA THR C 131 -39.38 42.38 -0.39
C THR C 131 -38.70 41.15 0.20
N ILE C 132 -38.03 40.38 -0.65
CA ILE C 132 -37.43 39.11 -0.27
C ILE C 132 -36.22 39.32 0.62
N LYS C 133 -35.36 40.27 0.25
CA LYS C 133 -34.33 40.92 1.06
C LYS C 133 -33.12 40.01 1.30
N VAL C 134 -33.23 38.72 0.96
CA VAL C 134 -32.15 37.76 1.13
C VAL C 134 -32.37 36.59 0.16
N LEU C 135 -31.33 36.18 -0.53
CA LEU C 135 -31.39 35.06 -1.48
C LEU C 135 -30.57 33.88 -0.99
N ARG C 136 -31.18 33.03 -0.19
CA ARG C 136 -30.45 31.94 0.44
C ARG C 136 -30.35 30.77 -0.54
N LEU C 137 -29.27 30.75 -1.31
CA LEU C 137 -29.19 29.97 -2.54
C LEU C 137 -28.41 28.68 -2.32
N ASN C 138 -28.41 27.84 -3.35
CA ASN C 138 -27.67 26.59 -3.38
C ASN C 138 -26.21 26.81 -3.71
N SER C 139 -25.54 25.71 -4.00
CA SER C 139 -24.21 25.75 -4.58
C SER C 139 -24.24 25.92 -6.08
N ASN C 140 -25.42 25.93 -6.68
CA ASN C 140 -25.53 25.99 -8.12
C ASN C 140 -25.20 27.37 -8.65
N MET C 141 -25.29 28.39 -7.83
CA MET C 141 -25.05 29.76 -8.28
C MET C 141 -23.57 30.09 -8.24
N VAL C 142 -22.77 29.28 -7.52
CA VAL C 142 -21.37 29.57 -7.23
C VAL C 142 -20.55 29.64 -8.50
N GLY C 143 -20.86 28.78 -9.46
CA GLY C 143 -20.15 28.86 -10.71
C GLY C 143 -20.59 29.99 -11.61
N LYS C 144 -21.56 30.79 -11.19
CA LYS C 144 -22.06 31.89 -12.00
C LYS C 144 -21.73 33.24 -11.39
N ILE C 145 -21.10 33.26 -10.23
CA ILE C 145 -20.74 34.44 -9.48
C ILE C 145 -19.22 34.46 -9.42
N TRP C 146 -18.62 35.65 -9.44
CA TRP C 146 -17.24 35.80 -9.03
C TRP C 146 -17.01 35.24 -7.62
N ILE C 147 -16.09 34.29 -7.51
CA ILE C 147 -15.74 33.65 -6.24
C ILE C 147 -14.26 33.89 -6.01
N PRO C 148 -13.85 34.34 -4.82
CA PRO C 148 -12.43 34.66 -4.60
C PRO C 148 -11.56 33.41 -4.57
N ASP C 149 -10.43 33.47 -5.26
CA ASP C 149 -9.54 32.31 -5.34
C ASP C 149 -8.69 32.15 -4.08
N THR C 150 -9.36 31.94 -2.96
CA THR C 150 -8.69 31.76 -1.68
C THR C 150 -8.09 30.37 -1.64
N PHE C 151 -6.78 30.28 -1.73
CA PHE C 151 -6.10 29.00 -1.55
C PHE C 151 -5.46 28.99 -0.17
N PHE C 152 -5.00 27.83 0.25
CA PHE C 152 -4.31 27.66 1.53
C PHE C 152 -2.82 27.49 1.31
N ARG C 153 -2.02 28.33 1.95
CA ARG C 153 -0.64 28.46 1.57
C ARG C 153 0.18 27.29 2.07
N ASN C 154 -0.22 26.66 3.15
CA ASN C 154 0.51 25.52 3.69
C ASN C 154 -0.34 24.26 3.71
N SER C 155 -1.10 24.00 2.66
CA SER C 155 -1.84 22.75 2.57
C SER C 155 -1.04 21.74 1.77
N LYS C 156 -1.35 20.49 1.99
CA LYS C 156 -0.78 19.41 1.18
C LYS C 156 -1.81 18.50 0.56
N LYS C 157 -2.86 18.15 1.30
CA LYS C 157 -3.99 17.41 0.75
C LYS C 157 -5.25 18.15 1.14
N ALA C 158 -5.60 19.15 0.37
CA ALA C 158 -6.73 20.02 0.69
C ALA C 158 -7.92 19.53 -0.12
N ASP C 159 -8.93 19.01 0.57
CA ASP C 159 -10.15 18.54 -0.07
C ASP C 159 -11.32 19.43 0.28
N ALA C 160 -12.21 19.64 -0.68
CA ALA C 160 -13.55 20.07 -0.35
C ALA C 160 -14.39 18.83 -0.05
N HIS C 161 -15.70 18.99 0.10
CA HIS C 161 -16.60 17.86 0.18
C HIS C 161 -17.69 17.92 -0.87
N TRP C 162 -18.14 16.75 -1.30
CA TRP C 162 -19.02 16.63 -2.45
C TRP C 162 -20.14 15.63 -2.21
N ILE C 163 -20.44 15.31 -0.97
CA ILE C 163 -21.47 14.32 -0.63
C ILE C 163 -22.52 14.98 0.26
N THR C 164 -23.77 14.97 -0.17
CA THR C 164 -24.25 14.32 -1.39
C THR C 164 -24.28 15.27 -2.55
N THR C 165 -24.39 16.51 -2.23
CA THR C 165 -24.32 17.59 -3.18
C THR C 165 -22.98 18.25 -2.93
N PRO C 166 -22.56 19.25 -3.70
CA PRO C 166 -21.47 20.13 -3.24
C PRO C 166 -21.83 20.75 -1.91
N ASN C 167 -20.89 20.73 -0.98
CA ASN C 167 -21.06 21.41 0.30
C ASN C 167 -20.55 22.86 0.23
N ARG C 168 -21.14 23.62 -0.68
CA ARG C 168 -21.05 25.06 -0.74
C ARG C 168 -22.40 25.68 -0.45
N MET C 169 -22.42 26.98 -0.16
CA MET C 169 -23.68 27.70 -0.01
C MET C 169 -23.46 29.14 -0.41
N LEU C 170 -24.56 29.85 -0.63
CA LEU C 170 -24.47 31.20 -1.13
C LEU C 170 -25.69 31.95 -0.65
N ARG C 171 -25.49 33.11 -0.07
CA ARG C 171 -26.59 33.93 0.42
C ARG C 171 -26.37 35.36 -0.01
N ILE C 172 -27.30 35.91 -0.79
CA ILE C 172 -27.17 37.26 -1.34
C ILE C 172 -28.26 38.15 -0.74
N TRP C 173 -27.83 39.21 -0.06
CA TRP C 173 -28.76 40.22 0.43
C TRP C 173 -28.90 41.33 -0.61
N ASN C 174 -29.86 42.21 -0.39
CA ASN C 174 -30.27 43.14 -1.45
C ASN C 174 -29.23 44.21 -1.72
N ASP C 175 -28.38 44.52 -0.76
CA ASP C 175 -27.40 45.59 -0.94
C ASP C 175 -26.17 45.16 -1.73
N GLY C 176 -25.97 43.86 -1.91
CA GLY C 176 -24.79 43.37 -2.60
C GLY C 176 -23.84 42.55 -1.75
N ARG C 177 -24.20 42.27 -0.50
CA ARG C 177 -23.36 41.49 0.38
C ARG C 177 -23.63 40.02 0.12
N VAL C 178 -22.56 39.25 -0.07
CA VAL C 178 -22.63 37.85 -0.47
C VAL C 178 -21.93 36.99 0.57
N LEU C 179 -22.67 36.12 1.23
CA LEU C 179 -22.10 35.13 2.13
C LEU C 179 -21.67 33.92 1.30
N TYR C 180 -20.51 33.37 1.62
CA TYR C 180 -20.04 32.16 0.94
C TYR C 180 -19.29 31.27 1.89
N THR C 181 -19.80 30.04 2.07
CA THR C 181 -19.33 29.15 3.13
C THR C 181 -19.22 27.73 2.61
N LEU C 182 -18.05 27.14 2.75
CA LEU C 182 -17.81 25.78 2.29
C LEU C 182 -17.08 24.99 3.35
N ARG C 183 -17.23 23.67 3.30
CA ARG C 183 -16.59 22.76 4.24
C ARG C 183 -15.33 22.17 3.65
N LEU C 184 -14.23 22.20 4.40
CA LEU C 184 -12.92 21.78 3.91
C LEU C 184 -12.25 20.82 4.88
N THR C 185 -11.44 19.90 4.38
CA THR C 185 -10.46 19.20 5.18
C THR C 185 -9.07 19.37 4.61
N ILE C 186 -8.10 19.65 5.48
CA ILE C 186 -6.79 20.16 5.07
C ILE C 186 -5.72 19.42 5.84
N ASP C 187 -4.86 18.69 5.14
CA ASP C 187 -3.61 18.22 5.74
C ASP C 187 -2.58 19.34 5.68
N ALA C 188 -2.54 20.15 6.72
CA ALA C 188 -1.74 21.37 6.73
C ALA C 188 -0.35 21.10 7.29
N GLU C 189 0.66 21.58 6.60
CA GLU C 189 2.05 21.41 7.04
C GLU C 189 2.35 22.30 8.24
N CYS C 190 3.09 21.76 9.20
CA CYS C 190 3.78 22.60 10.17
C CYS C 190 5.15 22.02 10.50
N GLN C 191 6.15 22.90 10.51
CA GLN C 191 7.53 22.54 10.81
C GLN C 191 7.68 22.18 12.28
N LEU C 192 7.71 20.89 12.57
CA LEU C 192 7.74 20.43 13.96
C LEU C 192 9.16 20.50 14.51
N GLN C 193 9.42 21.48 15.37
CA GLN C 193 10.67 21.51 16.12
C GLN C 193 10.63 20.43 17.20
N LEU C 194 11.28 19.30 16.95
CA LEU C 194 11.20 18.13 17.81
C LEU C 194 12.34 18.05 18.82
N HIS C 195 12.96 19.18 19.13
CA HIS C 195 13.71 19.32 20.37
C HIS C 195 12.72 19.37 21.53
N ASN C 196 13.22 19.04 22.72
CA ASN C 196 12.39 18.59 23.85
C ASN C 196 11.42 17.49 23.42
N PHE C 197 11.96 16.45 22.82
CA PHE C 197 11.02 15.37 22.54
C PHE C 197 11.01 14.40 23.71
N PRO C 198 9.86 13.90 24.16
CA PRO C 198 8.49 14.24 23.77
C PRO C 198 7.82 15.26 24.70
N MET C 199 8.51 16.35 25.03
CA MET C 199 8.10 17.29 26.06
C MET C 199 7.95 18.71 25.50
N ASP C 200 7.80 18.83 24.19
CA ASP C 200 7.81 20.11 23.50
C ASP C 200 6.41 20.72 23.41
N GLU C 201 6.26 21.74 22.56
CA GLU C 201 4.97 22.26 22.14
C GLU C 201 5.13 22.93 20.79
N HIS C 202 4.03 23.02 20.04
CA HIS C 202 4.07 23.65 18.74
C HIS C 202 2.93 24.64 18.56
N SER C 203 3.19 25.63 17.72
CA SER C 203 2.17 26.49 17.14
C SER C 203 2.06 26.19 15.65
N CYS C 204 1.26 25.20 15.30
CA CYS C 204 1.14 24.79 13.91
C CYS C 204 0.19 25.71 13.14
N PRO C 205 0.66 26.42 12.12
CA PRO C 205 -0.14 27.48 11.51
C PRO C 205 -1.13 26.94 10.50
N LEU C 206 -2.03 27.84 10.06
CA LEU C 206 -2.88 27.59 8.90
C LEU C 206 -3.11 28.90 8.16
N GLU C 207 -2.63 29.01 6.93
CA GLU C 207 -2.57 30.26 6.21
C GLU C 207 -3.54 30.27 5.04
N PHE C 208 -3.96 31.47 4.62
CA PHE C 208 -4.60 31.60 3.32
C PHE C 208 -4.42 32.96 2.69
N SER C 209 -4.50 32.99 1.36
CA SER C 209 -4.45 34.21 0.58
C SER C 209 -5.16 33.97 -0.74
N SER C 210 -5.35 35.03 -1.51
CA SER C 210 -5.79 34.87 -2.89
C SER C 210 -4.65 34.45 -3.78
N TYR C 211 -4.98 33.81 -4.89
CA TYR C 211 -3.89 33.31 -5.71
C TYR C 211 -3.47 34.32 -6.76
N GLY C 212 -4.42 34.95 -7.43
CA GLY C 212 -4.08 35.79 -8.55
C GLY C 212 -4.22 37.27 -8.26
N TYR C 213 -5.01 37.58 -7.24
CA TYR C 213 -5.28 38.96 -6.93
C TYR C 213 -4.33 39.48 -5.87
N PRO C 214 -3.57 40.50 -6.13
CA PRO C 214 -2.66 41.07 -5.14
C PRO C 214 -3.33 41.87 -4.03
N ARG C 215 -2.50 42.53 -3.23
CA ARG C 215 -2.99 43.46 -2.22
C ARG C 215 -3.74 44.63 -2.86
N GLU C 216 -3.35 45.01 -4.07
CA GLU C 216 -4.03 46.12 -4.70
C GLU C 216 -5.40 45.72 -5.24
N GLU C 217 -5.76 44.44 -5.18
CA GLU C 217 -7.01 43.97 -5.75
C GLU C 217 -7.90 43.23 -4.77
N ILE C 218 -7.34 42.39 -3.90
CA ILE C 218 -8.11 41.79 -2.81
C ILE C 218 -7.35 41.98 -1.52
N VAL C 219 -8.00 42.57 -0.52
CA VAL C 219 -7.54 42.60 0.85
C VAL C 219 -8.49 41.77 1.69
N TYR C 220 -7.94 40.85 2.47
CA TYR C 220 -8.67 40.06 3.45
C TYR C 220 -8.70 40.73 4.80
N GLN C 221 -9.69 40.35 5.60
CA GLN C 221 -9.82 40.89 6.94
C GLN C 221 -10.61 39.90 7.78
N TRP C 222 -10.20 39.71 9.03
CA TRP C 222 -11.00 38.93 9.96
C TRP C 222 -12.26 39.68 10.36
N LYS C 223 -13.25 38.93 10.83
CA LYS C 223 -14.38 39.47 11.55
C LYS C 223 -14.04 39.55 13.04
N ARG C 224 -15.04 39.81 13.87
CA ARG C 224 -14.79 39.96 15.29
C ARG C 224 -14.62 38.63 15.99
N SER C 225 -15.66 37.78 15.94
CA SER C 225 -15.61 36.41 16.46
C SER C 225 -15.01 35.52 15.37
N SER C 226 -13.69 35.58 15.28
CA SER C 226 -13.00 35.21 14.04
C SER C 226 -12.95 33.70 13.84
N VAL C 227 -12.28 32.99 14.73
CA VAL C 227 -12.05 31.56 14.60
C VAL C 227 -12.79 30.86 15.72
N GLU C 228 -13.87 30.21 15.39
CA GLU C 228 -14.79 29.69 16.38
C GLU C 228 -14.49 28.23 16.67
N VAL C 229 -13.85 27.98 17.80
CA VAL C 229 -13.48 26.63 18.21
C VAL C 229 -14.72 25.88 18.61
N GLY C 230 -14.79 24.61 18.26
CA GLY C 230 -15.89 23.78 18.73
C GLY C 230 -15.79 23.36 20.17
N ASP C 231 -16.14 22.11 20.47
CA ASP C 231 -16.27 21.65 21.84
C ASP C 231 -15.05 20.89 22.37
N THR C 232 -14.07 20.63 21.52
CA THR C 232 -12.70 20.21 21.85
C THR C 232 -12.64 18.77 22.41
N ARG C 233 -13.77 18.12 22.63
CA ARG C 233 -13.81 16.85 23.30
C ARG C 233 -14.15 15.72 22.35
N SER C 234 -14.45 16.05 21.10
CA SER C 234 -14.63 15.07 20.03
C SER C 234 -13.54 15.21 18.99
N TRP C 235 -12.47 15.92 19.32
CA TRP C 235 -11.33 16.02 18.42
C TRP C 235 -10.45 14.79 18.55
N ARG C 236 -9.66 14.55 17.51
CA ARG C 236 -8.61 13.55 17.58
C ARG C 236 -7.26 14.20 17.84
N LEU C 237 -7.11 14.72 19.05
CA LEU C 237 -5.81 15.16 19.53
C LEU C 237 -5.26 14.13 20.52
N TYR C 238 -4.41 13.25 20.03
CA TYR C 238 -4.03 12.09 20.83
C TYR C 238 -2.96 12.46 21.84
N GLN C 239 -1.82 12.85 21.35
CA GLN C 239 -0.71 13.18 22.22
C GLN C 239 -0.70 14.64 22.61
N PHE C 240 -1.43 15.47 21.89
CA PHE C 240 -1.36 16.91 22.09
C PHE C 240 -2.60 17.38 22.82
N SER C 241 -2.68 18.68 23.06
CA SER C 241 -3.89 19.25 23.62
C SER C 241 -4.00 20.69 23.16
N PHE C 242 -5.22 21.12 22.87
CA PHE C 242 -5.50 22.49 22.46
C PHE C 242 -5.35 23.44 23.64
N VAL C 243 -4.46 24.42 23.49
CA VAL C 243 -4.25 25.42 24.53
C VAL C 243 -4.36 26.84 24.02
N GLY C 244 -4.19 27.12 22.74
CA GLY C 244 -4.11 28.50 22.29
C GLY C 244 -4.66 28.69 20.89
N LEU C 245 -5.03 29.94 20.62
CA LEU C 245 -5.57 30.35 19.34
C LEU C 245 -5.13 31.78 19.07
N ARG C 246 -4.54 32.03 17.90
CA ARG C 246 -3.91 33.32 17.67
C ARG C 246 -3.91 33.63 16.18
N ASN C 247 -4.82 34.50 15.75
CA ASN C 247 -4.86 34.86 14.35
C ASN C 247 -3.80 35.91 14.05
N THR C 248 -3.53 36.16 12.76
CA THR C 248 -2.66 37.26 12.40
C THR C 248 -3.00 37.77 11.00
N THR C 249 -2.37 38.87 10.63
CA THR C 249 -2.50 39.50 9.31
C THR C 249 -1.16 40.02 8.85
N GLU C 250 -0.69 39.59 7.70
CA GLU C 250 0.59 40.06 7.20
C GLU C 250 0.58 40.07 5.68
N VAL C 251 1.66 40.60 5.11
CA VAL C 251 1.82 40.75 3.67
C VAL C 251 3.12 40.10 3.25
N VAL C 252 3.05 39.13 2.34
CA VAL C 252 4.25 38.52 1.78
C VAL C 252 4.66 39.20 0.49
N LYS C 253 5.92 39.02 0.12
CA LYS C 253 6.37 39.53 -1.15
C LYS C 253 6.80 38.41 -2.08
N THR C 254 5.86 37.91 -2.87
CA THR C 254 6.12 36.89 -3.86
C THR C 254 6.65 37.55 -5.09
N THR C 255 7.17 36.73 -6.00
CA THR C 255 7.67 37.29 -7.24
C THR C 255 6.57 37.97 -8.03
N SER C 256 5.40 37.34 -8.09
CA SER C 256 4.28 37.91 -8.82
C SER C 256 3.42 38.80 -7.91
N GLY C 257 3.97 39.96 -7.53
CA GLY C 257 3.20 40.89 -6.73
C GLY C 257 3.18 40.60 -5.23
N ASP C 258 2.39 41.37 -4.50
CA ASP C 258 2.27 41.22 -3.04
C ASP C 258 0.86 40.81 -2.65
N TYR C 259 0.74 39.86 -1.73
CA TYR C 259 -0.55 39.34 -1.29
C TYR C 259 -0.80 39.49 0.21
N VAL C 260 -2.07 39.48 0.56
CA VAL C 260 -2.56 39.62 1.93
C VAL C 260 -2.81 38.24 2.53
N VAL C 261 -1.92 37.80 3.40
CA VAL C 261 -1.94 36.43 3.94
C VAL C 261 -2.56 36.46 5.32
N MET C 262 -3.79 36.00 5.45
CA MET C 262 -4.31 35.69 6.77
C MET C 262 -3.59 34.46 7.30
N SER C 263 -3.55 34.31 8.62
CA SER C 263 -3.08 33.07 9.20
C SER C 263 -3.70 32.84 10.56
N VAL C 264 -4.03 31.59 10.84
CA VAL C 264 -4.43 31.15 12.17
C VAL C 264 -3.27 30.36 12.74
N TYR C 265 -2.94 30.60 14.00
CA TYR C 265 -2.01 29.75 14.74
C TYR C 265 -2.73 28.93 15.78
N PHE C 266 -2.34 27.68 15.90
CA PHE C 266 -2.86 26.77 16.92
C PHE C 266 -1.77 26.34 17.89
N ASP C 267 -1.75 26.92 19.08
CA ASP C 267 -0.79 26.53 20.10
C ASP C 267 -1.19 25.17 20.65
N LEU C 268 -0.25 24.23 20.70
CA LEU C 268 -0.53 22.85 21.14
C LEU C 268 0.52 22.36 22.12
N SER C 269 0.11 22.14 23.38
CA SER C 269 0.98 21.54 24.36
C SER C 269 0.87 20.02 24.33
N ARG C 270 1.65 19.35 25.16
CA ARG C 270 1.71 17.92 25.01
C ARG C 270 1.21 17.11 26.19
N ARG C 271 0.79 15.92 25.80
CA ARG C 271 0.33 14.95 26.76
C ARG C 271 1.37 13.88 26.94
N MET C 272 1.56 13.65 28.22
CA MET C 272 2.59 12.82 28.77
C MET C 272 2.11 11.47 29.19
N GLY C 273 1.03 10.93 28.64
CA GLY C 273 0.75 9.59 29.13
C GLY C 273 1.11 8.44 28.20
N TYR C 274 1.40 8.69 26.92
CA TYR C 274 1.76 7.60 26.03
C TYR C 274 3.19 7.12 26.25
N PHE C 275 4.15 8.03 26.16
CA PHE C 275 5.54 7.64 26.22
C PHE C 275 5.99 7.26 27.62
N THR C 276 5.15 7.49 28.63
CA THR C 276 5.43 6.97 29.95
C THR C 276 5.29 5.45 29.95
N ILE C 277 4.20 4.93 29.39
CA ILE C 277 3.85 3.52 29.49
C ILE C 277 4.40 2.72 28.32
N GLN C 278 5.28 3.31 27.54
CA GLN C 278 5.85 2.62 26.40
C GLN C 278 7.36 2.53 26.47
N THR C 279 8.02 3.59 26.85
CA THR C 279 9.47 3.62 26.73
C THR C 279 10.14 3.90 28.05
N TYR C 280 9.61 4.83 28.83
CA TYR C 280 10.21 5.24 30.10
C TYR C 280 10.18 4.11 31.11
N ILE C 281 8.97 3.59 31.38
CA ILE C 281 8.84 2.46 32.30
C ILE C 281 9.59 1.21 31.86
N PRO C 282 9.52 0.74 30.60
CA PRO C 282 10.33 -0.44 30.28
C PRO C 282 11.85 -0.22 30.28
N CYS C 283 12.35 0.90 29.76
CA CYS C 283 13.80 1.15 29.76
C CYS C 283 14.36 1.30 31.16
N THR C 284 13.67 2.04 32.04
CA THR C 284 14.11 2.16 33.42
C THR C 284 14.07 0.82 34.15
N LEU C 285 12.98 0.05 33.98
CA LEU C 285 12.92 -1.21 34.72
C LEU C 285 13.86 -2.27 34.16
N ILE C 286 14.29 -2.15 32.91
CA ILE C 286 15.27 -3.08 32.36
C ILE C 286 16.68 -2.63 32.70
N VAL C 287 16.88 -1.34 32.99
CA VAL C 287 18.12 -0.91 33.65
C VAL C 287 18.20 -1.50 35.06
N VAL C 288 17.08 -1.55 35.77
CA VAL C 288 17.06 -2.16 37.10
C VAL C 288 17.27 -3.66 36.98
N LEU C 289 16.79 -4.23 35.86
CA LEU C 289 17.02 -5.64 35.55
C LEU C 289 18.51 -5.93 35.39
N SER C 290 19.25 -4.99 34.81
CA SER C 290 20.70 -5.14 34.73
C SER C 290 21.33 -5.02 36.11
N TRP C 291 20.77 -4.18 36.98
CA TRP C 291 21.28 -4.02 38.34
C TRP C 291 21.07 -5.23 39.22
N VAL C 292 20.10 -6.09 38.87
CA VAL C 292 19.83 -7.33 39.59
C VAL C 292 21.09 -8.17 39.73
N SER C 293 21.96 -8.11 38.71
CA SER C 293 23.23 -8.83 38.68
C SER C 293 24.13 -8.52 39.88
N PHE C 294 24.00 -7.35 40.51
CA PHE C 294 24.97 -7.03 41.54
C PHE C 294 24.65 -7.65 42.89
N TRP C 295 23.44 -8.15 43.07
CA TRP C 295 23.17 -8.96 44.25
C TRP C 295 23.49 -10.42 43.97
N ILE C 296 23.81 -10.75 42.72
CA ILE C 296 24.02 -12.11 42.26
C ILE C 296 25.52 -12.40 42.29
N ASN C 297 25.87 -13.61 42.72
CA ASN C 297 27.21 -14.03 43.12
C ASN C 297 28.26 -13.81 42.04
N LYS C 298 29.51 -13.69 42.50
CA LYS C 298 30.68 -13.52 41.64
C LYS C 298 31.10 -14.83 40.97
N ASP C 299 30.90 -15.95 41.66
CA ASP C 299 31.29 -17.27 41.17
C ASP C 299 30.53 -17.67 39.91
N ALA C 300 29.26 -17.28 39.80
CA ALA C 300 28.44 -17.72 38.67
C ALA C 300 28.60 -16.77 37.49
N VAL C 301 29.79 -16.89 36.87
CA VAL C 301 30.13 -16.05 35.73
C VAL C 301 29.23 -16.19 34.50
N PRO C 302 28.68 -17.38 34.12
CA PRO C 302 27.77 -17.35 32.96
C PRO C 302 26.44 -16.69 33.24
N ALA C 303 25.98 -16.73 34.49
CA ALA C 303 24.73 -16.08 34.86
C ALA C 303 24.84 -14.57 34.78
N ARG C 304 25.91 -14.01 35.32
CA ARG C 304 26.13 -12.58 35.26
C ARG C 304 26.33 -12.10 33.82
N THR C 305 27.06 -12.88 33.03
CA THR C 305 27.31 -12.53 31.63
C THR C 305 26.01 -12.57 30.83
N SER C 306 25.16 -13.57 31.08
CA SER C 306 23.87 -13.66 30.41
C SER C 306 22.97 -12.50 30.77
N LEU C 307 22.94 -12.12 32.05
CA LEU C 307 22.24 -10.92 32.51
C LEU C 307 22.67 -9.69 31.74
N GLY C 308 23.97 -9.41 31.72
CA GLY C 308 24.48 -8.22 31.07
C GLY C 308 24.24 -8.19 29.57
N ILE C 309 24.59 -9.27 28.88
CA ILE C 309 24.47 -9.27 27.42
C ILE C 309 23.01 -9.36 26.95
N THR C 310 22.10 -9.93 27.74
CA THR C 310 20.73 -10.00 27.25
C THR C 310 20.03 -8.68 27.51
N THR C 311 20.47 -7.96 28.53
CA THR C 311 19.93 -6.63 28.76
C THR C 311 20.46 -5.68 27.69
N VAL C 312 21.70 -5.90 27.24
CA VAL C 312 22.23 -5.15 26.11
C VAL C 312 21.40 -5.41 24.87
N LEU C 313 21.06 -6.68 24.63
CA LEU C 313 20.22 -7.06 23.51
C LEU C 313 18.83 -6.43 23.63
N THR C 314 18.31 -6.33 24.86
CA THR C 314 17.01 -5.72 25.09
C THR C 314 17.02 -4.22 24.79
N MET C 315 18.08 -3.54 25.21
CA MET C 315 18.22 -2.12 24.92
C MET C 315 18.43 -1.87 23.44
N THR C 316 19.11 -2.77 22.76
CA THR C 316 19.33 -2.63 21.32
C THR C 316 18.02 -2.82 20.57
N THR C 317 17.14 -3.67 21.10
CA THR C 317 15.80 -3.83 20.55
C THR C 317 14.96 -2.58 20.77
N LEU C 318 15.01 -2.02 21.98
CA LEU C 318 14.18 -0.88 22.32
C LEU C 318 14.64 0.40 21.65
N SER C 319 15.93 0.51 21.30
CA SER C 319 16.40 1.71 20.63
C SER C 319 15.80 1.84 19.23
N THR C 320 15.47 0.72 18.60
CA THR C 320 14.82 0.74 17.29
C THR C 320 13.43 1.37 17.36
N ILE C 321 12.63 0.97 18.36
CA ILE C 321 11.28 1.51 18.49
C ILE C 321 11.30 2.95 19.00
N ALA C 322 12.34 3.30 19.76
CA ALA C 322 12.49 4.68 20.22
C ALA C 322 12.73 5.64 19.05
N ARG C 323 13.54 5.23 18.08
CA ARG C 323 13.71 6.04 16.88
C ARG C 323 12.52 5.89 15.93
N LYS C 324 11.77 4.79 16.05
CA LYS C 324 10.61 4.54 15.20
C LYS C 324 9.46 5.48 15.56
N SER C 325 9.42 5.94 16.79
CA SER C 325 8.39 6.86 17.29
C SER C 325 8.53 8.33 16.74
N LEU C 326 9.37 8.60 15.75
CA LEU C 326 9.70 9.95 15.32
C LEU C 326 10.20 9.91 13.89
N PRO C 327 10.04 10.98 13.12
CA PRO C 327 10.69 11.04 11.81
C PRO C 327 12.20 11.14 11.99
N LYS C 328 12.93 10.66 10.99
CA LYS C 328 14.36 10.40 11.11
C LYS C 328 15.13 11.72 11.14
N VAL C 329 15.16 12.35 12.32
CA VAL C 329 15.85 13.61 12.46
C VAL C 329 17.35 13.36 12.49
N SER C 330 18.11 14.38 12.11
CA SER C 330 19.56 14.26 11.95
C SER C 330 20.32 14.52 13.24
N TYR C 331 19.66 15.00 14.28
CA TYR C 331 20.26 15.19 15.58
C TYR C 331 19.80 14.09 16.52
N VAL C 332 20.13 14.22 17.80
CA VAL C 332 19.66 13.33 18.84
C VAL C 332 18.59 14.06 19.64
N THR C 333 17.43 13.42 19.76
CA THR C 333 16.35 13.94 20.58
C THR C 333 16.56 13.56 22.03
N ALA C 334 15.73 14.14 22.89
CA ALA C 334 15.88 13.94 24.32
C ALA C 334 15.44 12.55 24.73
N MET C 335 14.40 12.02 24.08
CA MET C 335 14.01 10.62 24.27
C MET C 335 15.16 9.67 23.96
N ASP C 336 15.82 9.90 22.84
CA ASP C 336 16.87 9.01 22.38
C ASP C 336 18.15 9.24 23.15
N LEU C 337 18.31 10.42 23.71
CA LEU C 337 19.40 10.68 24.64
C LEU C 337 19.21 9.86 25.90
N PHE C 338 17.98 9.76 26.39
CA PHE C 338 17.70 8.93 27.56
C PHE C 338 17.95 7.46 27.26
N VAL C 339 17.51 7.00 26.09
CA VAL C 339 17.73 5.61 25.67
C VAL C 339 19.22 5.33 25.52
N SER C 340 19.97 6.30 24.98
CA SER C 340 21.40 6.11 24.79
C SER C 340 22.13 6.12 26.11
N VAL C 341 21.69 6.94 27.07
CA VAL C 341 22.30 6.94 28.40
C VAL C 341 22.01 5.61 29.10
N CYS C 342 20.81 5.06 28.91
CA CYS C 342 20.49 3.75 29.46
C CYS C 342 21.35 2.65 28.82
N PHE C 343 21.62 2.74 27.52
CA PHE C 343 22.46 1.73 26.89
C PHE C 343 23.91 1.84 27.35
N ILE C 344 24.39 3.05 27.58
CA ILE C 344 25.75 3.24 28.09
C ILE C 344 25.85 2.72 29.52
N PHE C 345 24.78 2.85 30.33
CA PHE C 345 24.77 2.27 31.67
C PHE C 345 24.85 0.75 31.65
N VAL C 346 24.10 0.09 30.77
CA VAL C 346 24.17 -1.38 30.71
C VAL C 346 25.52 -1.80 30.14
N PHE C 347 26.05 -1.03 29.19
CA PHE C 347 27.39 -1.27 28.64
C PHE C 347 28.45 -1.18 29.72
N SER C 348 28.37 -0.14 30.55
CA SER C 348 29.34 0.06 31.62
C SER C 348 29.21 -1.00 32.71
N ALA C 349 28.00 -1.49 32.94
CA ALA C 349 27.80 -2.58 33.92
C ALA C 349 28.45 -3.87 33.44
N LEU C 350 28.34 -4.21 32.16
CA LEU C 350 28.94 -5.45 31.65
C LEU C 350 30.45 -5.33 31.60
N VAL C 351 30.96 -4.15 31.25
CA VAL C 351 32.41 -3.94 31.23
C VAL C 351 32.94 -3.97 32.66
N GLU C 352 32.14 -3.49 33.62
CA GLU C 352 32.50 -3.55 35.03
C GLU C 352 32.66 -5.00 35.50
N TYR C 353 31.72 -5.87 35.12
CA TYR C 353 31.81 -7.26 35.54
C TYR C 353 32.97 -7.98 34.86
N GLY C 354 33.25 -7.64 33.60
CA GLY C 354 34.39 -8.22 32.92
C GLY C 354 35.70 -7.85 33.59
N THR C 355 35.83 -6.57 33.97
CA THR C 355 37.01 -6.12 34.70
C THR C 355 37.08 -6.75 36.08
N LEU C 356 35.92 -6.93 36.74
CA LEU C 356 35.88 -7.56 38.05
C LEU C 356 36.35 -9.01 37.98
N HIS C 357 35.82 -9.76 37.02
CA HIS C 357 36.16 -11.17 36.89
C HIS C 357 37.60 -11.38 36.43
N TYR C 358 38.16 -10.43 35.70
CA TYR C 358 39.56 -10.57 35.33
C TYR C 358 40.50 -10.21 36.47
N PHE C 359 40.17 -9.19 37.24
CA PHE C 359 41.08 -8.75 38.31
C PHE C 359 41.10 -9.75 39.45
N VAL C 360 39.97 -10.36 39.77
CA VAL C 360 39.93 -11.30 40.87
C VAL C 360 40.32 -12.71 40.43
N SER C 361 39.55 -13.28 39.50
CA SER C 361 39.61 -14.73 39.30
C SER C 361 40.77 -15.13 38.38
N ASN C 362 41.04 -14.34 37.35
CA ASN C 362 42.06 -14.72 36.40
C ASN C 362 43.44 -14.26 36.85
N ARG C 363 43.50 -13.40 37.88
CA ARG C 363 44.69 -12.76 38.43
C ARG C 363 45.54 -12.05 37.37
N ARG C 445 38.36 -1.51 46.90
CA ARG C 445 39.02 -2.54 46.12
C ARG C 445 38.04 -3.22 45.19
N ILE C 446 38.56 -4.17 44.41
CA ILE C 446 37.74 -4.92 43.47
C ILE C 446 36.87 -5.90 44.24
N ALA C 447 37.36 -6.37 45.40
CA ALA C 447 36.60 -7.27 46.25
C ALA C 447 35.39 -6.60 46.91
N LYS C 448 35.32 -5.27 46.87
CA LYS C 448 34.16 -4.53 47.33
C LYS C 448 33.43 -3.86 46.18
N MET C 449 33.85 -4.14 44.94
CA MET C 449 33.31 -3.41 43.81
C MET C 449 31.92 -3.93 43.44
N ASP C 450 31.58 -5.13 43.91
CA ASP C 450 30.18 -5.53 44.02
C ASP C 450 29.40 -4.51 44.84
N SER C 451 29.81 -4.30 46.08
CA SER C 451 29.13 -3.37 46.97
C SER C 451 29.36 -1.92 46.58
N TYR C 452 30.43 -1.61 45.84
CA TYR C 452 30.58 -0.26 45.33
C TYR C 452 29.58 0.03 44.22
N ALA C 453 29.37 -0.94 43.33
CA ALA C 453 28.43 -0.77 42.22
C ALA C 453 26.98 -0.79 42.70
N ARG C 454 26.67 -1.60 43.73
CA ARG C 454 25.33 -1.61 44.33
C ARG C 454 24.92 -0.24 44.84
N ILE C 455 25.87 0.57 45.25
CA ILE C 455 25.58 1.89 45.79
C ILE C 455 25.72 2.96 44.71
N PHE C 456 26.67 2.77 43.81
CA PHE C 456 27.01 3.81 42.84
C PHE C 456 25.99 3.87 41.70
N PHE C 457 25.64 2.73 41.12
CA PHE C 457 24.74 2.73 39.95
C PHE C 457 23.30 3.20 40.22
N PRO C 458 22.60 2.80 41.29
CA PRO C 458 21.27 3.41 41.49
C PRO C 458 21.34 4.87 41.87
N THR C 459 22.39 5.29 42.57
CA THR C 459 22.54 6.69 42.94
C THR C 459 22.89 7.55 41.73
N ALA C 460 23.76 7.04 40.84
CA ALA C 460 24.08 7.79 39.62
C ALA C 460 22.88 7.87 38.69
N PHE C 461 22.07 6.82 38.64
CA PHE C 461 20.88 6.87 37.82
C PHE C 461 19.85 7.84 38.39
N CYS C 462 19.74 7.92 39.72
CA CYS C 462 18.81 8.88 40.31
C CYS C 462 19.33 10.31 40.19
N LEU C 463 20.65 10.49 40.22
CA LEU C 463 21.20 11.82 39.96
C LEU C 463 20.93 12.22 38.52
N PHE C 464 21.07 11.26 37.59
CA PHE C 464 20.77 11.55 36.20
C PHE C 464 19.28 11.77 35.99
N ASN C 465 18.44 11.08 36.76
CA ASN C 465 17.00 11.33 36.71
C ASN C 465 16.68 12.74 37.15
N LEU C 466 17.30 13.19 38.24
CA LEU C 466 17.09 14.55 38.73
C LEU C 466 17.51 15.56 37.67
N VAL C 467 18.72 15.43 37.14
CA VAL C 467 19.22 16.35 36.12
C VAL C 467 18.35 16.31 34.85
N TYR C 468 18.10 15.10 34.31
CA TYR C 468 17.32 14.97 33.06
C TYR C 468 15.87 15.41 33.20
N TRP C 469 15.12 14.87 34.15
CA TRP C 469 13.70 15.20 34.27
C TRP C 469 13.46 16.66 34.68
N VAL C 470 14.28 17.23 35.55
CA VAL C 470 14.05 18.65 35.90
C VAL C 470 14.48 19.57 34.76
N SER C 471 15.61 19.30 34.11
CA SER C 471 16.10 20.17 33.04
C SER C 471 15.27 20.07 31.75
N TYR C 472 14.54 18.98 31.53
CA TYR C 472 13.77 18.84 30.30
C TYR C 472 12.26 18.89 30.51
N LEU C 473 11.78 18.94 31.76
CA LEU C 473 10.40 19.36 32.03
C LEU C 473 10.35 20.85 32.33
N TYR C 474 11.03 21.29 33.40
CA TYR C 474 10.82 22.63 33.91
C TYR C 474 11.75 23.64 33.24
N LEU C 475 13.02 23.29 33.08
CA LEU C 475 13.99 24.22 32.50
C LEU C 475 13.86 24.25 31.00
N THR D 48 -42.68 9.25 -27.03
CA THR D 48 -43.00 10.50 -27.71
C THR D 48 -43.97 11.27 -26.84
N VAL D 49 -44.90 10.55 -26.23
CA VAL D 49 -45.83 11.22 -25.32
C VAL D 49 -45.12 11.63 -24.06
N PHE D 50 -44.31 10.73 -23.50
CA PHE D 50 -43.60 11.00 -22.25
C PHE D 50 -42.49 12.02 -22.43
N THR D 51 -41.97 12.15 -23.65
CA THR D 51 -41.01 13.21 -23.92
C THR D 51 -41.70 14.56 -23.83
N ARG D 52 -42.93 14.64 -24.34
CA ARG D 52 -43.72 15.85 -24.21
C ARG D 52 -44.08 16.12 -22.77
N ILE D 53 -44.32 15.07 -21.98
CA ILE D 53 -44.63 15.23 -20.56
C ILE D 53 -43.43 15.79 -19.82
N LEU D 54 -42.24 15.26 -20.09
CA LEU D 54 -41.05 15.75 -19.40
C LEU D 54 -40.68 17.15 -19.86
N ASP D 55 -40.98 17.50 -21.09
CA ASP D 55 -40.73 18.86 -21.52
C ASP D 55 -41.75 19.83 -20.94
N ARG D 56 -42.95 19.36 -20.63
CA ARG D 56 -43.91 20.18 -19.88
C ARG D 56 -43.43 20.39 -18.44
N LEU D 57 -42.83 19.36 -17.84
CA LEU D 57 -42.29 19.50 -16.48
C LEU D 57 -41.15 20.50 -16.43
N LEU D 58 -40.23 20.45 -17.38
CA LEU D 58 -39.05 21.28 -17.33
C LEU D 58 -39.20 22.59 -18.11
N ASP D 59 -40.42 23.09 -18.23
CA ASP D 59 -40.65 24.44 -18.71
C ASP D 59 -40.30 25.46 -17.65
N GLY D 60 -39.11 26.06 -17.76
CA GLY D 60 -38.71 27.13 -16.87
C GLY D 60 -38.47 26.75 -15.43
N TYR D 61 -38.24 25.47 -15.18
CA TYR D 61 -38.04 24.96 -13.82
C TYR D 61 -36.69 25.42 -13.31
N ASP D 62 -36.69 26.44 -12.46
CA ASP D 62 -35.47 26.92 -11.85
C ASP D 62 -35.11 25.95 -10.74
N ASN D 63 -33.97 25.29 -10.89
CA ASN D 63 -33.52 24.34 -9.87
C ASN D 63 -32.66 25.00 -8.82
N ARG D 64 -32.81 26.30 -8.63
CA ARG D 64 -32.12 27.02 -7.58
C ARG D 64 -33.12 27.55 -6.59
N LEU D 65 -34.35 27.06 -6.65
CA LEU D 65 -35.41 27.45 -5.74
C LEU D 65 -35.97 26.24 -5.01
N ARG D 66 -36.01 26.36 -3.69
CA ARG D 66 -36.73 25.43 -2.85
C ARG D 66 -38.20 25.39 -3.24
N PRO D 67 -38.80 24.21 -3.34
CA PRO D 67 -40.23 24.09 -3.69
C PRO D 67 -41.14 24.66 -2.61
N GLY D 68 -41.96 25.62 -3.01
CA GLY D 68 -42.67 26.38 -2.03
C GLY D 68 -41.67 27.26 -1.31
N LEU D 69 -41.12 28.21 -2.04
CA LEU D 69 -40.02 29.01 -1.52
C LEU D 69 -40.55 30.01 -0.50
N GLY D 70 -41.43 30.89 -0.92
CA GLY D 70 -42.06 31.79 0.02
C GLY D 70 -43.29 31.24 0.68
N GLU D 71 -43.75 30.07 0.24
CA GLU D 71 -45.00 29.53 0.77
C GLU D 71 -44.80 28.82 2.10
N ARG D 72 -44.02 27.75 2.13
CA ARG D 72 -44.02 26.87 3.29
C ARG D 72 -42.60 26.47 3.63
N VAL D 73 -42.48 25.51 4.56
CA VAL D 73 -41.21 24.90 4.94
C VAL D 73 -41.20 23.46 4.45
N THR D 74 -40.18 23.13 3.65
CA THR D 74 -40.11 21.87 2.93
C THR D 74 -39.89 20.69 3.85
N GLU D 75 -40.76 19.70 3.76
CA GLU D 75 -40.75 18.53 4.64
C GLU D 75 -40.16 17.34 3.90
N VAL D 76 -38.87 17.09 4.10
CA VAL D 76 -38.15 16.03 3.39
C VAL D 76 -38.14 14.77 4.25
N LYS D 77 -38.65 13.67 3.70
CA LYS D 77 -38.74 12.40 4.40
C LYS D 77 -37.56 11.50 4.06
N THR D 78 -36.62 11.34 4.98
CA THR D 78 -35.40 10.57 4.78
C THR D 78 -35.54 9.14 5.28
N ASP D 79 -34.70 8.25 4.75
CA ASP D 79 -34.72 6.84 5.10
C ASP D 79 -33.39 6.26 4.71
N ILE D 80 -32.83 5.39 5.55
CA ILE D 80 -31.53 4.79 5.31
C ILE D 80 -31.64 3.28 5.40
N PHE D 81 -31.15 2.58 4.39
CA PHE D 81 -30.99 1.13 4.42
C PHE D 81 -29.51 0.79 4.41
N VAL D 82 -28.99 0.32 5.54
CA VAL D 82 -27.57 0.01 5.66
C VAL D 82 -27.31 -1.38 5.08
N THR D 83 -26.60 -1.43 3.96
CA THR D 83 -26.26 -2.72 3.37
C THR D 83 -25.18 -3.43 4.16
N SER D 84 -24.10 -2.73 4.48
CA SER D 84 -22.96 -3.40 5.09
C SER D 84 -22.21 -2.44 6.01
N PHE D 85 -22.42 -2.59 7.30
CA PHE D 85 -21.75 -1.76 8.29
C PHE D 85 -20.29 -2.15 8.36
N GLY D 86 -19.43 -1.48 7.58
CA GLY D 86 -18.13 -1.98 7.28
C GLY D 86 -17.12 -1.88 8.41
N PRO D 87 -15.84 -1.98 8.08
CA PRO D 87 -14.81 -2.16 9.11
C PRO D 87 -14.60 -0.90 9.94
N VAL D 88 -14.71 -1.06 11.26
CA VAL D 88 -14.54 0.05 12.20
C VAL D 88 -13.06 0.22 12.47
N SER D 89 -12.45 1.24 11.88
CA SER D 89 -11.03 1.51 12.08
C SER D 89 -10.80 2.16 13.44
N ASP D 90 -10.03 1.48 14.28
CA ASP D 90 -9.66 2.06 15.56
C ASP D 90 -8.57 3.09 15.38
N HIS D 91 -7.63 2.84 14.46
CA HIS D 91 -6.48 3.71 14.27
C HIS D 91 -6.80 5.00 13.56
N ASP D 92 -8.03 5.18 13.09
CA ASP D 92 -8.45 6.46 12.57
C ASP D 92 -9.67 6.98 13.30
N MET D 93 -10.22 6.19 14.22
CA MET D 93 -11.48 6.46 14.94
C MET D 93 -12.62 6.81 14.00
N GLU D 94 -12.85 5.93 13.03
CA GLU D 94 -13.90 6.11 12.04
C GLU D 94 -14.65 4.81 11.88
N TYR D 95 -15.63 4.78 10.97
CA TYR D 95 -16.25 3.54 10.55
C TYR D 95 -16.80 3.72 9.14
N THR D 96 -16.48 2.79 8.25
CA THR D 96 -17.07 2.77 6.93
C THR D 96 -18.47 2.18 7.00
N ILE D 97 -19.40 2.82 6.32
CA ILE D 97 -20.77 2.29 6.21
C ILE D 97 -21.25 2.48 4.78
N ASP D 98 -21.97 1.49 4.26
CA ASP D 98 -22.50 1.49 2.90
C ASP D 98 -24.01 1.44 2.98
N VAL D 99 -24.65 2.52 2.55
CA VAL D 99 -26.07 2.76 2.79
C VAL D 99 -26.76 2.97 1.46
N PHE D 100 -28.05 2.65 1.43
CA PHE D 100 -28.96 3.22 0.46
C PHE D 100 -29.65 4.40 1.12
N PHE D 101 -29.40 5.59 0.62
CA PHE D 101 -29.86 6.81 1.28
C PHE D 101 -31.11 7.37 0.61
N ARG D 102 -32.27 7.01 1.11
CA ARG D 102 -33.52 7.45 0.53
C ARG D 102 -33.91 8.81 1.11
N GLN D 103 -34.43 9.69 0.26
CA GLN D 103 -35.05 10.92 0.72
C GLN D 103 -36.14 11.37 -0.23
N SER D 104 -37.32 11.64 0.34
CA SER D 104 -38.53 11.94 -0.40
C SER D 104 -39.10 13.27 0.03
N TRP D 105 -39.68 13.98 -0.92
CA TRP D 105 -40.36 15.25 -0.64
C TRP D 105 -41.43 15.50 -1.67
N LYS D 106 -42.15 16.60 -1.51
CA LYS D 106 -43.28 16.94 -2.34
C LYS D 106 -43.00 18.23 -3.09
N ASP D 107 -43.12 18.18 -4.41
CA ASP D 107 -42.75 19.28 -5.29
C ASP D 107 -43.95 19.59 -6.19
N GLU D 108 -44.60 20.74 -5.99
CA GLU D 108 -45.78 21.07 -6.77
C GLU D 108 -45.43 21.41 -8.20
N ARG D 109 -44.20 21.89 -8.45
CA ARG D 109 -43.74 22.26 -9.77
C ARG D 109 -43.54 21.08 -10.70
N LEU D 110 -43.65 19.86 -10.20
CA LEU D 110 -43.47 18.67 -11.01
C LEU D 110 -44.73 17.81 -11.04
N LYS D 111 -45.88 18.43 -11.21
CA LYS D 111 -47.14 17.70 -11.38
C LYS D 111 -47.34 17.34 -12.84
N PHE D 112 -47.71 16.09 -13.09
CA PHE D 112 -48.06 15.63 -14.43
C PHE D 112 -49.34 14.83 -14.33
N LYS D 113 -50.10 14.80 -15.43
CA LYS D 113 -51.26 13.94 -15.56
C LYS D 113 -51.18 13.14 -16.84
N GLY D 114 -50.53 11.98 -16.79
CA GLY D 114 -50.26 11.22 -17.98
C GLY D 114 -50.80 9.82 -17.86
N PRO D 115 -50.28 8.89 -18.67
CA PRO D 115 -50.79 7.52 -18.63
C PRO D 115 -50.38 6.76 -17.39
N MET D 116 -49.25 7.08 -16.79
CA MET D 116 -48.72 6.39 -15.63
C MET D 116 -48.84 7.27 -14.40
N THR D 117 -49.08 6.64 -13.26
CA THR D 117 -49.06 7.36 -12.00
C THR D 117 -47.64 7.71 -11.60
N VAL D 118 -46.73 6.74 -11.69
CA VAL D 118 -45.33 6.93 -11.31
C VAL D 118 -44.47 6.63 -12.52
N LEU D 119 -43.56 7.55 -12.84
CA LEU D 119 -42.59 7.34 -13.91
C LEU D 119 -41.19 7.22 -13.35
N ARG D 120 -40.49 6.17 -13.76
CA ARG D 120 -39.17 5.84 -13.27
C ARG D 120 -38.12 6.41 -14.21
N LEU D 121 -37.23 7.24 -13.68
CA LEU D 121 -36.34 8.04 -14.51
C LEU D 121 -34.90 7.58 -14.45
N ASN D 122 -34.20 7.92 -15.52
CA ASN D 122 -32.76 8.01 -15.52
C ASN D 122 -32.32 9.08 -14.54
N ASN D 123 -31.10 8.94 -14.03
CA ASN D 123 -30.55 9.89 -13.09
C ASN D 123 -30.07 11.19 -13.74
N LEU D 124 -30.16 11.29 -15.07
CA LEU D 124 -29.66 12.47 -15.76
C LEU D 124 -30.57 13.64 -15.52
N MET D 125 -31.86 13.37 -15.32
CA MET D 125 -32.81 14.44 -15.07
C MET D 125 -32.68 14.95 -13.65
N ALA D 126 -32.11 14.15 -12.75
CA ALA D 126 -31.91 14.49 -11.34
C ALA D 126 -30.86 15.56 -11.13
N SER D 127 -30.19 16.02 -12.16
CA SER D 127 -29.35 17.20 -12.03
C SER D 127 -30.11 18.44 -12.44
N LYS D 128 -31.23 18.28 -13.12
CA LYS D 128 -32.05 19.38 -13.61
C LYS D 128 -33.28 19.59 -12.75
N ILE D 129 -33.30 19.00 -11.57
CA ILE D 129 -34.38 19.09 -10.60
C ILE D 129 -33.74 19.41 -9.26
N TRP D 130 -34.36 20.28 -8.48
CA TRP D 130 -33.93 20.55 -7.11
C TRP D 130 -33.86 19.29 -6.28
N THR D 131 -32.69 19.05 -5.68
CA THR D 131 -32.49 18.03 -4.66
C THR D 131 -31.89 18.68 -3.42
N PRO D 132 -32.30 18.25 -2.23
CA PRO D 132 -31.78 18.89 -1.03
C PRO D 132 -30.30 18.64 -0.83
N ASP D 133 -29.62 19.64 -0.29
CA ASP D 133 -28.18 19.55 -0.15
C ASP D 133 -27.73 18.74 1.05
N THR D 134 -28.24 17.52 1.19
CA THR D 134 -28.07 16.77 2.43
C THR D 134 -26.66 16.23 2.50
N PHE D 135 -25.96 16.62 3.54
CA PHE D 135 -24.60 16.19 3.79
C PHE D 135 -24.49 15.53 5.14
N PHE D 136 -23.40 14.82 5.37
CA PHE D 136 -23.17 14.09 6.61
C PHE D 136 -22.23 14.91 7.46
N HIS D 137 -22.64 15.22 8.70
CA HIS D 137 -21.84 16.11 9.54
C HIS D 137 -20.52 15.47 9.93
N ASN D 138 -20.56 14.23 10.40
CA ASN D 138 -19.32 13.54 10.74
C ASN D 138 -18.78 12.69 9.58
N GLY D 139 -18.61 13.27 8.40
CA GLY D 139 -18.15 12.54 7.23
C GLY D 139 -16.75 13.00 6.84
N LYS D 140 -15.87 12.02 6.62
CA LYS D 140 -14.49 12.34 6.27
C LYS D 140 -14.24 12.33 4.78
N LYS D 141 -14.37 11.19 4.16
CA LYS D 141 -14.07 11.02 2.74
C LYS D 141 -14.96 9.90 2.21
N SER D 142 -16.11 10.29 1.67
CA SER D 142 -17.16 9.34 1.36
C SER D 142 -17.47 9.36 -0.13
N VAL D 143 -18.06 8.27 -0.60
CA VAL D 143 -18.03 7.89 -2.01
C VAL D 143 -19.43 7.92 -2.59
N ALA D 144 -19.63 8.74 -3.59
CA ALA D 144 -20.79 8.62 -4.46
C ALA D 144 -20.44 7.61 -5.53
N HIS D 145 -21.10 6.45 -5.49
CA HIS D 145 -20.75 5.38 -6.41
C HIS D 145 -21.15 5.65 -7.85
N ASN D 146 -20.25 5.35 -8.77
CA ASN D 146 -20.45 5.64 -10.18
C ASN D 146 -20.09 4.44 -11.04
N MET D 147 -20.61 3.27 -10.71
CA MET D 147 -20.44 2.08 -11.54
C MET D 147 -21.78 1.40 -11.70
N THR D 148 -22.25 1.23 -12.94
CA THR D 148 -21.60 1.67 -14.14
C THR D 148 -22.10 3.04 -14.52
N MET D 149 -23.17 3.43 -13.85
CA MET D 149 -23.79 4.73 -13.97
C MET D 149 -23.76 5.38 -12.60
N PRO D 150 -24.06 6.67 -12.45
CA PRO D 150 -24.17 7.22 -11.09
C PRO D 150 -25.39 6.62 -10.41
N ASN D 151 -25.16 5.94 -9.30
CA ASN D 151 -26.18 5.12 -8.68
C ASN D 151 -27.22 5.99 -7.98
N LYS D 152 -28.11 6.57 -8.77
CA LYS D 152 -29.14 7.47 -8.30
C LYS D 152 -30.42 7.10 -9.02
N LEU D 153 -31.53 7.05 -8.29
CA LEU D 153 -32.83 6.94 -8.93
C LEU D 153 -33.69 8.14 -8.56
N LEU D 154 -34.63 8.47 -9.43
CA LEU D 154 -35.57 9.55 -9.16
C LEU D 154 -36.94 9.18 -9.69
N ARG D 155 -37.93 9.05 -8.80
CA ARG D 155 -39.26 8.63 -9.19
C ARG D 155 -40.26 9.72 -8.84
N ILE D 156 -41.00 10.15 -9.83
CA ILE D 156 -42.00 11.19 -9.67
C ILE D 156 -43.37 10.54 -9.64
N THR D 157 -44.09 10.71 -8.55
CA THR D 157 -45.49 10.33 -8.58
C THR D 157 -46.29 11.48 -9.18
N GLU D 158 -47.54 11.21 -9.54
CA GLU D 158 -48.29 12.17 -10.33
C GLU D 158 -48.76 13.37 -9.51
N ASP D 159 -48.71 13.29 -8.20
CA ASP D 159 -49.01 14.43 -7.37
C ASP D 159 -47.76 15.24 -7.04
N GLY D 160 -46.64 14.92 -7.68
CA GLY D 160 -45.43 15.69 -7.48
C GLY D 160 -44.64 15.34 -6.25
N THR D 161 -44.70 14.08 -5.81
CA THR D 161 -43.93 13.60 -4.67
C THR D 161 -42.73 12.81 -5.15
N LEU D 162 -41.53 13.34 -4.91
CA LEU D 162 -40.29 12.78 -5.42
C LEU D 162 -39.76 11.73 -4.46
N LEU D 163 -38.90 10.85 -4.98
CA LEU D 163 -38.17 9.85 -4.18
C LEU D 163 -36.77 9.69 -4.75
N TYR D 164 -35.80 10.26 -4.06
CA TYR D 164 -34.47 10.41 -4.63
C TYR D 164 -33.44 9.69 -3.78
N THR D 165 -33.10 8.47 -4.17
CA THR D 165 -32.22 7.64 -3.36
C THR D 165 -30.88 7.54 -4.05
N MET D 166 -29.84 7.37 -3.25
CA MET D 166 -28.51 7.11 -3.78
C MET D 166 -27.80 6.10 -2.91
N ARG D 167 -26.76 5.49 -3.45
CA ARG D 167 -25.93 4.56 -2.70
C ARG D 167 -24.59 5.19 -2.38
N LEU D 168 -24.22 5.22 -1.11
CA LEU D 168 -23.05 5.92 -0.62
C LEU D 168 -22.21 4.99 0.23
N THR D 169 -20.89 5.11 0.14
CA THR D 169 -19.95 4.50 1.06
C THR D 169 -19.33 5.59 1.93
N VAL D 170 -19.61 5.55 3.23
CA VAL D 170 -19.44 6.72 4.10
C VAL D 170 -18.42 6.40 5.17
N ARG D 171 -17.25 7.03 5.10
CA ARG D 171 -16.22 6.85 6.11
C ARG D 171 -16.48 7.81 7.27
N ALA D 172 -17.50 7.47 8.04
CA ALA D 172 -18.02 8.39 9.04
C ALA D 172 -17.15 8.37 10.29
N GLU D 173 -17.05 9.53 10.92
CA GLU D 173 -16.27 9.69 12.14
C GLU D 173 -17.01 9.10 13.33
N CYS D 174 -16.26 8.49 14.25
CA CYS D 174 -16.83 8.06 15.52
C CYS D 174 -15.84 8.29 16.66
N PRO D 175 -16.10 9.26 17.54
CA PRO D 175 -15.23 9.42 18.71
C PRO D 175 -15.44 8.30 19.72
N MET D 176 -14.34 7.64 20.09
CA MET D 176 -14.37 6.48 20.95
C MET D 176 -13.68 6.77 22.27
N HIS D 177 -14.30 6.33 23.35
CA HIS D 177 -13.69 6.30 24.67
C HIS D 177 -13.08 4.93 24.93
N LEU D 178 -11.75 4.88 24.94
CA LEU D 178 -11.03 3.62 25.01
C LEU D 178 -10.55 3.34 26.43
N GLU D 179 -11.32 3.76 27.42
CA GLU D 179 -10.94 3.59 28.82
C GLU D 179 -11.18 2.18 29.31
N ASP D 180 -11.90 1.37 28.56
CA ASP D 180 -12.09 -0.02 28.85
C ASP D 180 -11.62 -0.88 27.68
N PHE D 181 -10.50 -0.52 27.08
CA PHE D 181 -10.03 -1.29 25.95
C PHE D 181 -9.45 -2.61 26.43
N PRO D 182 -9.94 -3.76 25.95
CA PRO D 182 -10.99 -3.95 24.96
C PRO D 182 -12.31 -4.46 25.47
N MET D 183 -12.69 -4.18 26.71
CA MET D 183 -14.01 -4.55 27.20
C MET D 183 -14.95 -3.35 27.14
N ASP D 184 -15.21 -2.83 25.95
CA ASP D 184 -15.95 -1.58 25.84
C ASP D 184 -17.19 -1.69 24.96
N ALA D 185 -18.05 -0.67 25.06
CA ALA D 185 -19.11 -0.40 24.09
C ALA D 185 -18.90 0.95 23.44
N HIS D 186 -19.60 1.19 22.33
CA HIS D 186 -19.50 2.45 21.63
C HIS D 186 -20.87 2.95 21.19
N ALA D 187 -20.91 4.23 20.83
CA ALA D 187 -22.10 4.87 20.28
C ALA D 187 -21.65 5.75 19.13
N CYS D 188 -21.65 5.20 17.92
CA CYS D 188 -21.17 5.88 16.72
C CYS D 188 -22.32 6.51 15.97
N PRO D 189 -22.34 7.81 15.76
CA PRO D 189 -23.51 8.50 15.23
C PRO D 189 -23.51 8.59 13.71
N LEU D 190 -24.71 8.78 13.15
CA LEU D 190 -24.90 9.30 11.78
C LEU D 190 -25.58 10.66 11.77
N LYS D 191 -24.81 11.72 11.91
CA LYS D 191 -25.36 13.07 11.91
C LYS D 191 -25.49 13.59 10.49
N PHE D 192 -26.70 13.88 10.05
CA PHE D 192 -26.86 14.55 8.76
C PHE D 192 -27.94 15.62 8.76
N GLY D 193 -27.63 16.74 8.12
CA GLY D 193 -28.61 17.79 7.92
C GLY D 193 -28.43 18.51 6.61
N SER D 194 -29.11 19.62 6.42
CA SER D 194 -28.99 20.39 5.19
C SER D 194 -27.93 21.45 5.34
N TYR D 195 -27.29 21.79 4.23
CA TYR D 195 -26.15 22.67 4.32
C TYR D 195 -26.50 24.14 4.11
N ALA D 196 -27.40 24.46 3.18
CA ALA D 196 -27.69 25.85 2.90
C ALA D 196 -29.00 26.29 3.51
N TYR D 197 -29.92 25.38 3.69
CA TYR D 197 -31.23 25.73 4.18
C TYR D 197 -31.31 25.49 5.67
N THR D 198 -32.00 26.39 6.36
CA THR D 198 -32.10 26.41 7.81
C THR D 198 -33.28 25.59 8.29
N ARG D 199 -33.62 25.76 9.57
CA ARG D 199 -34.77 25.06 10.15
C ARG D 199 -36.07 25.62 9.61
N ALA D 200 -36.12 26.92 9.39
CA ALA D 200 -37.32 27.56 8.88
C ALA D 200 -37.44 27.50 7.38
N GLU D 201 -36.58 26.72 6.71
CA GLU D 201 -36.66 26.53 5.27
C GLU D 201 -36.85 25.08 4.88
N VAL D 202 -36.07 24.15 5.44
CA VAL D 202 -36.29 22.73 5.22
C VAL D 202 -36.38 22.03 6.57
N VAL D 203 -37.20 21.01 6.65
CA VAL D 203 -37.27 20.15 7.81
C VAL D 203 -37.14 18.72 7.37
N TYR D 204 -36.18 17.99 7.93
CA TYR D 204 -36.06 16.57 7.67
C TYR D 204 -36.93 15.75 8.61
N GLU D 205 -37.47 14.66 8.11
CA GLU D 205 -38.14 13.67 8.94
C GLU D 205 -37.66 12.28 8.55
N TRP D 206 -38.14 11.28 9.28
CA TRP D 206 -37.99 9.89 8.87
C TRP D 206 -39.28 9.43 8.20
N THR D 207 -39.14 8.53 7.23
CA THR D 207 -40.28 8.17 6.41
C THR D 207 -41.32 7.36 7.17
N ARG D 208 -40.95 6.17 7.63
CA ARG D 208 -41.99 5.27 8.09
C ARG D 208 -42.28 5.40 9.57
N GLU D 209 -41.31 5.13 10.40
CA GLU D 209 -41.27 5.44 11.82
C GLU D 209 -39.85 5.91 12.07
N PRO D 210 -39.56 6.51 13.19
CA PRO D 210 -38.16 6.71 13.60
C PRO D 210 -37.41 5.40 13.76
N ALA D 211 -37.91 4.51 14.60
CA ALA D 211 -37.11 3.35 14.98
C ALA D 211 -37.04 2.28 13.90
N ARG D 212 -37.92 2.31 12.92
CA ARG D 212 -37.92 1.33 11.83
C ARG D 212 -37.32 1.87 10.54
N SER D 213 -36.88 3.13 10.52
CA SER D 213 -36.29 3.69 9.31
C SER D 213 -34.91 3.12 9.03
N VAL D 214 -33.98 3.33 9.96
CA VAL D 214 -32.61 2.89 9.72
C VAL D 214 -32.55 1.39 9.98
N VAL D 215 -32.75 0.62 8.93
CA VAL D 215 -32.76 -0.83 9.02
C VAL D 215 -31.52 -1.36 8.33
N VAL D 216 -30.72 -2.11 9.08
CA VAL D 216 -29.54 -2.72 8.52
C VAL D 216 -29.94 -3.99 7.79
N ALA D 217 -29.07 -4.45 6.90
CA ALA D 217 -29.28 -5.74 6.28
C ALA D 217 -28.98 -6.86 7.28
N GLU D 218 -29.51 -8.03 6.98
CA GLU D 218 -29.35 -9.19 7.86
C GLU D 218 -28.15 -10.05 7.45
N ASP D 219 -27.74 -10.00 6.19
CA ASP D 219 -26.61 -10.79 5.75
C ASP D 219 -25.33 -9.99 5.67
N GLY D 220 -25.43 -8.69 5.42
CA GLY D 220 -24.28 -7.82 5.28
C GLY D 220 -23.87 -7.19 6.59
N SER D 221 -23.29 -7.99 7.49
CA SER D 221 -22.78 -7.41 8.72
C SER D 221 -21.44 -6.71 8.49
N ARG D 222 -20.43 -7.47 8.06
CA ARG D 222 -19.09 -6.98 7.70
C ARG D 222 -18.40 -6.28 8.88
N LEU D 223 -18.32 -6.98 9.98
CA LEU D 223 -17.58 -6.52 11.15
C LEU D 223 -16.64 -7.62 11.59
N ASN D 224 -15.37 -7.26 11.79
CA ASN D 224 -14.45 -8.24 12.34
C ASN D 224 -14.57 -8.30 13.85
N GLN D 225 -14.32 -7.18 14.52
CA GLN D 225 -14.13 -7.19 15.96
C GLN D 225 -15.41 -6.96 16.75
N TYR D 226 -16.51 -6.57 16.13
CA TYR D 226 -17.61 -5.89 16.80
C TYR D 226 -18.94 -6.60 16.67
N ASP D 227 -19.71 -6.57 17.75
CA ASP D 227 -21.14 -6.79 17.69
C ASP D 227 -21.84 -5.51 17.29
N LEU D 228 -22.96 -5.63 16.61
CA LEU D 228 -23.92 -4.55 16.46
C LEU D 228 -25.10 -4.77 17.38
N LEU D 229 -25.09 -4.07 18.52
CA LEU D 229 -26.14 -4.23 19.51
C LEU D 229 -27.26 -3.23 19.28
N GLY D 230 -27.79 -3.19 18.06
CA GLY D 230 -28.93 -2.34 17.77
C GLY D 230 -28.58 -0.88 17.55
N GLN D 231 -29.41 -0.19 16.79
CA GLN D 231 -29.23 1.22 16.48
C GLN D 231 -30.24 2.07 17.24
N THR D 232 -29.92 3.36 17.34
CA THR D 232 -30.79 4.34 18.00
C THR D 232 -30.88 5.59 17.15
N VAL D 233 -32.07 5.93 16.70
CA VAL D 233 -32.27 7.14 15.93
C VAL D 233 -32.64 8.29 16.87
N ASP D 234 -32.38 9.51 16.42
CA ASP D 234 -32.74 10.72 17.16
C ASP D 234 -32.65 11.92 16.24
N SER D 235 -33.60 12.83 16.35
CA SER D 235 -33.58 14.10 15.66
C SER D 235 -33.20 15.22 16.60
N GLY D 236 -32.33 16.11 16.14
CA GLY D 236 -31.90 17.25 16.93
C GLY D 236 -31.79 18.51 16.09
N ILE D 237 -31.27 19.59 16.67
CA ILE D 237 -31.09 20.87 15.98
C ILE D 237 -29.71 21.40 16.31
N VAL D 238 -28.89 21.62 15.28
CA VAL D 238 -27.60 22.27 15.44
C VAL D 238 -27.73 23.75 15.14
N GLN D 239 -27.35 24.59 16.11
CA GLN D 239 -27.35 26.03 15.94
C GLN D 239 -25.96 26.51 15.51
N SER D 240 -25.89 27.10 14.34
CA SER D 240 -24.68 27.76 13.88
C SER D 240 -24.82 29.25 14.03
N SER D 241 -23.80 29.98 13.61
CA SER D 241 -23.93 31.43 13.51
C SER D 241 -24.75 31.83 12.30
N THR D 242 -24.78 30.97 11.28
CA THR D 242 -25.55 31.28 10.09
C THR D 242 -27.03 31.00 10.29
N GLY D 243 -27.38 30.06 11.16
CA GLY D 243 -28.77 29.85 11.47
C GLY D 243 -28.97 28.62 12.32
N GLU D 244 -30.16 28.05 12.23
CA GLU D 244 -30.49 26.84 12.97
C GLU D 244 -30.88 25.77 11.97
N TYR D 245 -30.37 24.56 12.17
CA TYR D 245 -30.37 23.52 11.15
C TYR D 245 -30.93 22.21 11.66
N VAL D 246 -31.87 21.65 10.93
CA VAL D 246 -32.48 20.36 11.28
C VAL D 246 -31.47 19.26 11.03
N VAL D 247 -31.12 18.51 12.07
CA VAL D 247 -30.07 17.51 12.02
C VAL D 247 -30.62 16.18 12.49
N MET D 248 -30.72 15.21 11.59
CA MET D 248 -31.00 13.84 12.00
C MET D 248 -29.74 13.24 12.57
N THR D 249 -29.90 12.37 13.56
CA THR D 249 -28.82 11.50 14.02
C THR D 249 -29.29 10.06 14.02
N THR D 250 -28.34 9.14 13.89
CA THR D 250 -28.59 7.74 14.16
C THR D 250 -27.35 7.10 14.78
N HIS D 251 -27.48 6.67 16.03
CA HIS D 251 -26.38 6.06 16.74
C HIS D 251 -26.38 4.55 16.51
N PHE D 252 -25.19 3.99 16.30
CA PHE D 252 -24.97 2.55 16.30
C PHE D 252 -24.25 2.13 17.57
N HIS D 253 -24.70 1.05 18.18
CA HIS D 253 -24.17 0.58 19.46
C HIS D 253 -23.26 -0.63 19.28
N LEU D 254 -21.95 -0.40 19.30
CA LEU D 254 -20.96 -1.40 18.95
C LEU D 254 -20.26 -1.92 20.20
N LYS D 255 -20.26 -3.23 20.39
CA LYS D 255 -19.48 -3.87 21.43
C LYS D 255 -18.40 -4.72 20.81
N ARG D 256 -17.17 -4.57 21.28
CA ARG D 256 -16.08 -5.35 20.73
C ARG D 256 -16.11 -6.77 21.23
N LYS D 257 -16.03 -7.72 20.30
CA LYS D 257 -15.78 -9.11 20.66
C LYS D 257 -14.39 -9.25 21.25
N ILE D 258 -14.28 -10.03 22.31
CA ILE D 258 -13.13 -9.94 23.20
C ILE D 258 -12.05 -10.94 22.81
N GLY D 259 -12.42 -12.01 22.11
CA GLY D 259 -11.61 -13.21 21.96
C GLY D 259 -10.30 -13.01 21.26
N TYR D 260 -10.18 -11.99 20.42
CA TYR D 260 -8.90 -11.74 19.78
C TYR D 260 -7.83 -11.40 20.80
N PHE D 261 -8.11 -10.43 21.65
CA PHE D 261 -7.09 -9.99 22.60
C PHE D 261 -6.94 -10.96 23.75
N VAL D 262 -7.94 -11.80 23.96
CA VAL D 262 -7.80 -12.93 24.88
C VAL D 262 -6.72 -13.87 24.38
N ILE D 263 -6.75 -14.22 23.08
CA ILE D 263 -5.81 -15.21 22.59
C ILE D 263 -4.55 -14.60 22.01
N GLN D 264 -4.42 -13.30 22.03
CA GLN D 264 -3.19 -12.71 21.52
C GLN D 264 -2.45 -11.90 22.55
N THR D 265 -3.14 -11.38 23.53
CA THR D 265 -2.53 -10.54 24.55
C THR D 265 -2.70 -11.10 25.95
N TYR D 266 -3.92 -11.49 26.33
CA TYR D 266 -4.15 -11.94 27.70
C TYR D 266 -3.52 -13.29 27.98
N LEU D 267 -3.89 -14.30 27.21
CA LEU D 267 -3.28 -15.62 27.38
C LEU D 267 -1.77 -15.67 27.19
N PRO D 268 -1.12 -14.93 26.27
CA PRO D 268 0.36 -14.96 26.30
C PRO D 268 0.96 -14.36 27.56
N CYS D 269 0.35 -13.31 28.11
CA CYS D 269 0.87 -12.71 29.34
C CYS D 269 0.60 -13.61 30.53
N ILE D 270 -0.55 -14.30 30.55
CA ILE D 270 -0.85 -15.23 31.63
C ILE D 270 0.16 -16.37 31.62
N MET D 271 0.41 -16.94 30.45
CA MET D 271 1.34 -18.05 30.40
C MET D 271 2.78 -17.62 30.44
N THR D 272 3.09 -16.34 30.22
CA THR D 272 4.43 -15.85 30.52
C THR D 272 4.66 -15.77 32.02
N VAL D 273 3.63 -15.36 32.77
CA VAL D 273 3.70 -15.32 34.23
C VAL D 273 3.82 -16.72 34.79
N ILE D 274 3.07 -17.67 34.23
CA ILE D 274 3.16 -19.05 34.68
C ILE D 274 4.54 -19.59 34.33
N LEU D 275 5.09 -19.19 33.19
CA LEU D 275 6.41 -19.62 32.78
C LEU D 275 7.48 -19.03 33.69
N SER D 276 7.25 -17.84 34.23
CA SER D 276 8.18 -17.29 35.20
C SER D 276 8.08 -18.00 36.52
N GLN D 277 6.88 -18.46 36.88
CA GLN D 277 6.68 -19.18 38.11
C GLN D 277 7.12 -20.63 38.02
N VAL D 278 7.43 -21.11 36.82
CA VAL D 278 8.10 -22.39 36.63
C VAL D 278 9.43 -22.41 37.37
N SER D 279 10.14 -21.27 37.34
CA SER D 279 11.46 -21.18 37.95
C SER D 279 11.48 -21.45 39.44
N PHE D 280 10.37 -21.24 40.16
CA PHE D 280 10.34 -21.49 41.59
C PHE D 280 10.38 -22.96 41.94
N TRP D 281 10.00 -23.83 41.02
CA TRP D 281 10.01 -25.25 41.33
C TRP D 281 11.33 -25.88 40.93
N LEU D 282 12.42 -25.12 40.94
CA LEU D 282 13.74 -25.72 40.80
C LEU D 282 14.41 -25.76 42.17
N ASN D 283 15.70 -26.11 42.17
CA ASN D 283 16.53 -25.88 43.34
C ASN D 283 17.07 -24.46 43.33
N ARG D 284 18.06 -24.23 44.18
CA ARG D 284 18.62 -22.89 44.36
C ARG D 284 20.06 -22.77 43.89
N GLU D 285 20.70 -23.88 43.52
CA GLU D 285 22.11 -23.88 43.14
C GLU D 285 22.31 -23.57 41.67
N SER D 286 21.34 -23.91 40.83
CA SER D 286 21.44 -23.70 39.38
C SER D 286 21.21 -22.23 39.05
N VAL D 287 22.25 -21.44 39.32
CA VAL D 287 22.16 -19.99 39.16
C VAL D 287 21.94 -19.55 37.71
N PRO D 288 22.68 -20.04 36.69
CA PRO D 288 22.39 -19.57 35.32
C PRO D 288 21.05 -20.04 34.78
N ALA D 289 20.53 -21.16 35.27
CA ALA D 289 19.24 -21.64 34.83
C ALA D 289 18.13 -20.68 35.21
N ARG D 290 18.03 -20.33 36.50
CA ARG D 290 16.98 -19.42 36.97
C ARG D 290 17.19 -18.01 36.44
N THR D 291 18.45 -17.64 36.21
CA THR D 291 18.77 -16.36 35.59
C THR D 291 18.16 -16.28 34.19
N VAL D 292 18.36 -17.33 33.39
CA VAL D 292 17.83 -17.40 32.03
C VAL D 292 16.29 -17.38 32.05
N PHE D 293 15.67 -18.12 32.97
CA PHE D 293 14.22 -18.06 33.18
C PHE D 293 13.71 -16.65 33.37
N GLY D 294 14.26 -15.94 34.36
CA GLY D 294 13.77 -14.61 34.68
C GLY D 294 14.02 -13.56 33.63
N VAL D 295 15.23 -13.54 33.06
CA VAL D 295 15.57 -12.55 32.04
C VAL D 295 14.75 -12.72 30.77
N THR D 296 14.56 -13.95 30.31
CA THR D 296 13.79 -14.16 29.09
C THR D 296 12.31 -13.85 29.31
N THR D 297 11.78 -14.16 30.49
CA THR D 297 10.39 -13.83 30.74
C THR D 297 10.18 -12.33 30.88
N VAL D 298 11.17 -11.59 31.37
CA VAL D 298 11.06 -10.14 31.35
C VAL D 298 11.07 -9.63 29.90
N LEU D 299 11.96 -10.19 29.09
CA LEU D 299 12.05 -9.84 27.68
C LEU D 299 10.77 -10.19 26.95
N THR D 300 10.16 -11.31 27.31
CA THR D 300 8.92 -11.72 26.68
C THR D 300 7.79 -10.77 27.02
N MET D 301 7.73 -10.30 28.26
CA MET D 301 6.70 -9.35 28.65
C MET D 301 6.91 -7.99 28.00
N THR D 302 8.16 -7.59 27.75
CA THR D 302 8.38 -6.34 27.04
C THR D 302 7.91 -6.43 25.60
N THR D 303 8.21 -7.54 24.93
CA THR D 303 7.76 -7.77 23.56
C THR D 303 6.25 -7.82 23.48
N LEU D 304 5.60 -8.50 24.43
CA LEU D 304 4.13 -8.57 24.45
C LEU D 304 3.52 -7.23 24.75
N SER D 305 4.16 -6.43 25.59
CA SER D 305 3.69 -5.07 25.87
C SER D 305 3.64 -4.21 24.62
N ILE D 306 4.72 -4.20 23.85
CA ILE D 306 4.80 -3.39 22.64
C ILE D 306 3.82 -3.89 21.58
N SER D 307 3.82 -5.19 21.34
CA SER D 307 3.03 -5.77 20.27
C SER D 307 1.56 -5.93 20.63
N ALA D 308 1.17 -5.61 21.86
CA ALA D 308 -0.25 -5.46 22.18
C ALA D 308 -0.69 -4.02 22.16
N ARG D 309 0.21 -3.08 22.40
CA ARG D 309 -0.13 -1.67 22.26
C ARG D 309 -0.31 -1.27 20.80
N ASN D 310 0.43 -1.92 19.88
CA ASN D 310 0.40 -1.62 18.45
C ASN D 310 -0.97 -1.80 17.79
N SER D 311 -1.96 -2.33 18.49
CA SER D 311 -3.31 -2.49 17.94
C SER D 311 -4.25 -1.42 18.47
N LEU D 312 -3.76 -0.19 18.62
CA LEU D 312 -4.55 0.84 19.27
C LEU D 312 -4.07 2.19 18.76
N PRO D 313 -4.94 3.19 18.69
CA PRO D 313 -4.44 4.57 18.55
C PRO D 313 -3.74 5.02 19.81
N LYS D 314 -2.82 5.97 19.64
CA LYS D 314 -1.92 6.39 20.72
C LYS D 314 -2.65 7.29 21.72
N VAL D 315 -3.57 6.69 22.46
CA VAL D 315 -4.29 7.44 23.48
C VAL D 315 -3.36 7.74 24.65
N ALA D 316 -3.53 8.91 25.23
CA ALA D 316 -2.57 9.40 26.22
C ALA D 316 -3.01 9.10 27.64
N TYR D 317 -3.36 7.85 27.92
CA TYR D 317 -3.68 7.40 29.28
C TYR D 317 -3.58 5.88 29.30
N ALA D 318 -4.05 5.29 30.39
CA ALA D 318 -3.96 3.85 30.58
C ALA D 318 -5.30 3.21 30.23
N THR D 319 -5.28 2.26 29.30
CA THR D 319 -6.40 1.41 29.02
C THR D 319 -6.38 0.23 29.96
N ALA D 320 -7.38 -0.65 29.85
CA ALA D 320 -7.44 -1.84 30.68
C ALA D 320 -6.29 -2.80 30.36
N MET D 321 -5.92 -2.87 29.09
CA MET D 321 -4.80 -3.71 28.69
C MET D 321 -3.51 -3.20 29.28
N ASP D 322 -3.39 -1.89 29.44
CA ASP D 322 -2.22 -1.30 30.07
C ASP D 322 -2.12 -1.72 31.52
N TRP D 323 -3.25 -1.74 32.24
CA TRP D 323 -3.26 -2.21 33.62
C TRP D 323 -2.83 -3.67 33.71
N PHE D 324 -3.39 -4.52 32.86
CA PHE D 324 -3.08 -5.95 32.89
C PHE D 324 -1.61 -6.23 32.58
N ILE D 325 -1.08 -5.62 31.51
CA ILE D 325 0.30 -5.89 31.12
C ILE D 325 1.29 -5.33 32.14
N ALA D 326 0.97 -4.17 32.73
CA ALA D 326 1.88 -3.60 33.72
C ALA D 326 1.92 -4.43 34.99
N VAL D 327 0.77 -4.96 35.43
CA VAL D 327 0.74 -5.77 36.63
C VAL D 327 1.40 -7.12 36.37
N CYS D 328 1.19 -7.69 35.18
CA CYS D 328 1.83 -8.96 34.86
C CYS D 328 3.33 -8.77 34.69
N TYR D 329 3.74 -7.60 34.21
CA TYR D 329 5.17 -7.30 34.12
C TYR D 329 5.78 -7.16 35.50
N ALA D 330 5.00 -6.61 36.45
CA ALA D 330 5.43 -6.52 37.84
C ALA D 330 5.59 -7.88 38.49
N PHE D 331 4.69 -8.84 38.18
CA PHE D 331 4.83 -10.20 38.66
C PHE D 331 6.10 -10.86 38.17
N VAL D 332 6.38 -10.74 36.88
CA VAL D 332 7.57 -11.33 36.30
C VAL D 332 8.82 -10.68 36.85
N PHE D 333 8.82 -9.35 36.96
CA PHE D 333 9.97 -8.63 37.49
C PHE D 333 10.18 -8.95 38.97
N SER D 334 9.10 -9.16 39.73
CA SER D 334 9.19 -9.55 41.13
C SER D 334 9.75 -10.96 41.27
N ALA D 335 9.48 -11.83 40.31
CA ALA D 335 10.08 -13.15 40.34
C ALA D 335 11.58 -13.09 40.18
N LEU D 336 12.08 -12.23 39.29
CA LEU D 336 13.54 -12.22 39.19
C LEU D 336 14.18 -11.46 40.35
N ILE D 337 13.48 -10.50 40.96
CA ILE D 337 13.93 -9.89 42.21
C ILE D 337 13.97 -10.93 43.32
N GLU D 338 13.03 -11.86 43.30
CA GLU D 338 13.03 -12.95 44.25
C GLU D 338 14.24 -13.84 44.08
N PHE D 339 14.64 -14.12 42.85
CA PHE D 339 15.84 -14.93 42.66
C PHE D 339 17.10 -14.20 43.13
N ALA D 340 17.14 -12.88 42.97
CA ALA D 340 18.26 -12.11 43.51
C ALA D 340 18.24 -12.18 45.03
N THR D 341 17.05 -12.20 45.63
CA THR D 341 16.93 -12.31 47.07
C THR D 341 17.45 -13.66 47.54
N VAL D 342 17.18 -14.72 46.79
CA VAL D 342 17.70 -16.04 47.13
C VAL D 342 19.20 -16.08 46.92
N ASN D 343 19.68 -15.45 45.86
CA ASN D 343 21.08 -15.56 45.51
C ASN D 343 21.95 -14.68 46.40
N TYR D 344 21.37 -13.84 47.24
CA TYR D 344 22.16 -13.22 48.30
C TYR D 344 22.47 -14.22 49.41
N PHE D 345 21.74 -15.33 49.48
CA PHE D 345 21.78 -16.25 50.62
C PHE D 345 22.42 -17.59 50.27
N THR D 346 23.24 -17.65 49.23
CA THR D 346 23.48 -18.95 48.59
C THR D 346 24.45 -19.83 49.38
N LYS D 347 25.70 -19.37 49.52
CA LYS D 347 26.71 -19.82 50.49
C LYS D 347 27.31 -21.19 50.13
N ARG D 348 26.74 -21.90 49.15
CA ARG D 348 27.20 -23.25 48.81
C ARG D 348 27.13 -23.44 47.30
N GLY D 349 28.29 -23.42 46.64
CA GLY D 349 28.31 -23.54 45.19
C GLY D 349 28.01 -24.93 44.67
N TYR D 350 28.23 -25.96 45.48
CA TYR D 350 27.99 -27.32 45.02
C TYR D 350 26.51 -27.67 45.12
N ALA D 351 26.10 -28.60 44.26
CA ALA D 351 24.73 -29.09 44.26
C ALA D 351 24.64 -30.30 45.19
N TRP D 352 23.52 -31.01 45.13
CA TRP D 352 23.27 -32.14 46.01
C TRP D 352 23.33 -33.46 45.24
N ASP D 353 23.70 -34.53 45.94
CA ASP D 353 23.90 -35.85 45.34
C ASP D 353 22.73 -36.79 45.60
N GLY D 354 22.71 -37.87 44.84
CA GLY D 354 21.87 -39.02 45.09
C GLY D 354 22.40 -39.99 46.13
N LYS D 355 23.43 -39.61 46.88
CA LYS D 355 24.04 -40.48 47.87
C LYS D 355 24.04 -39.84 49.27
N LYS D 419 29.52 -34.71 53.44
CA LYS D 419 29.63 -33.40 54.05
C LYS D 419 28.26 -32.72 54.14
N THR D 420 28.25 -31.43 54.45
CA THR D 420 26.99 -30.70 54.53
C THR D 420 26.44 -30.42 53.14
N PHE D 421 25.18 -30.04 53.09
CA PHE D 421 24.55 -29.64 51.85
C PHE D 421 23.66 -28.44 52.14
N ASN D 422 22.80 -28.10 51.19
CA ASN D 422 22.10 -26.82 51.23
C ASN D 422 20.60 -27.04 51.36
N SER D 423 19.95 -26.12 52.06
CA SER D 423 18.52 -26.24 52.36
C SER D 423 17.68 -25.78 51.18
N VAL D 424 16.37 -25.60 51.42
CA VAL D 424 15.42 -25.41 50.35
C VAL D 424 15.07 -23.92 50.26
N SER D 425 15.55 -23.10 51.20
CA SER D 425 15.41 -21.64 51.28
C SER D 425 13.94 -21.20 51.31
N LYS D 426 13.29 -21.46 52.44
CA LYS D 426 11.85 -21.57 52.64
C LYS D 426 11.02 -20.40 52.10
N ILE D 427 11.67 -19.27 51.76
CA ILE D 427 11.01 -18.26 50.94
C ILE D 427 10.72 -18.79 49.55
N ASP D 428 11.40 -19.87 49.13
CA ASP D 428 11.00 -20.59 47.94
C ASP D 428 9.59 -21.14 48.13
N ARG D 429 9.35 -21.83 49.25
CA ARG D 429 8.02 -22.36 49.54
C ARG D 429 7.01 -21.25 49.71
N LEU D 430 7.40 -20.17 50.37
CA LEU D 430 6.49 -19.06 50.58
C LEU D 430 6.12 -18.37 49.27
N SER D 431 7.05 -18.28 48.32
CA SER D 431 6.76 -17.70 47.02
C SER D 431 5.93 -18.62 46.14
N ARG D 432 6.16 -19.93 46.22
CA ARG D 432 5.35 -20.90 45.49
C ARG D 432 3.90 -20.87 45.95
N ILE D 433 3.66 -20.54 47.22
CA ILE D 433 2.27 -20.43 47.65
C ILE D 433 1.76 -19.04 47.33
N ALA D 434 2.61 -18.02 47.39
CA ALA D 434 2.15 -16.65 47.31
C ALA D 434 1.83 -16.23 45.88
N PHE D 435 2.82 -16.30 44.99
CA PHE D 435 2.65 -15.78 43.63
C PHE D 435 1.55 -16.44 42.81
N PRO D 436 1.31 -17.77 42.83
CA PRO D 436 0.10 -18.25 42.14
C PRO D 436 -1.17 -17.80 42.81
N LEU D 437 -1.18 -17.67 44.13
CA LEU D 437 -2.36 -17.18 44.84
C LEU D 437 -2.64 -15.73 44.51
N LEU D 438 -1.62 -14.86 44.55
CA LEU D 438 -1.79 -13.45 44.22
C LEU D 438 -2.19 -13.26 42.76
N PHE D 439 -1.61 -14.06 41.87
CA PHE D 439 -1.94 -13.97 40.46
C PHE D 439 -3.36 -14.42 40.18
N GLY D 440 -3.81 -15.47 40.87
CA GLY D 440 -5.18 -15.92 40.69
C GLY D 440 -6.20 -14.96 41.28
N ILE D 441 -5.85 -14.33 42.41
CA ILE D 441 -6.73 -13.33 43.01
C ILE D 441 -6.82 -12.11 42.11
N PHE D 442 -5.72 -11.72 41.48
CA PHE D 442 -5.74 -10.58 40.57
C PHE D 442 -6.53 -10.89 39.31
N ASN D 443 -6.47 -12.13 38.83
CA ASN D 443 -7.31 -12.50 37.69
C ASN D 443 -8.78 -12.44 38.05
N LEU D 444 -9.13 -12.86 39.27
CA LEU D 444 -10.52 -12.75 39.72
C LEU D 444 -10.94 -11.30 39.81
N VAL D 445 -10.09 -10.45 40.36
CA VAL D 445 -10.39 -9.03 40.47
C VAL D 445 -10.54 -8.39 39.09
N TYR D 446 -9.63 -8.70 38.17
CA TYR D 446 -9.65 -8.15 36.82
C TYR D 446 -10.89 -8.58 36.04
N TRP D 447 -11.11 -9.89 35.94
CA TRP D 447 -12.16 -10.43 35.09
C TRP D 447 -13.50 -10.51 35.82
N ALA D 448 -13.61 -9.90 37.00
CA ALA D 448 -14.91 -9.50 37.53
C ALA D 448 -15.13 -7.99 37.51
N THR D 449 -14.06 -7.19 37.47
CA THR D 449 -14.25 -5.74 37.43
C THR D 449 -14.67 -5.30 36.05
N TYR D 450 -13.86 -5.60 35.04
CA TYR D 450 -14.00 -4.96 33.73
C TYR D 450 -15.00 -5.69 32.86
N LEU D 451 -15.57 -6.79 33.34
CA LEU D 451 -16.60 -7.48 32.58
C LEU D 451 -17.99 -7.09 33.06
N ASN D 452 -18.10 -5.92 33.69
CA ASN D 452 -19.40 -5.34 34.02
C ASN D 452 -19.43 -3.86 33.64
N ARG D 453 -18.26 -3.25 33.39
CA ARG D 453 -18.15 -1.85 32.98
C ARG D 453 -18.44 -1.74 31.48
N ASN E 33 -22.24 6.03 -49.29
CA ASN E 33 -21.11 5.23 -48.85
C ASN E 33 -20.89 5.45 -47.36
N MET E 34 -20.59 6.67 -47.03
CA MET E 34 -20.16 7.07 -45.70
C MET E 34 -21.01 8.21 -45.19
N SER E 35 -21.40 9.14 -46.06
CA SER E 35 -22.29 10.22 -45.66
C SER E 35 -23.68 9.67 -45.42
N PHE E 36 -24.02 8.58 -46.09
CA PHE E 36 -25.28 7.91 -45.82
C PHE E 36 -25.27 7.32 -44.43
N VAL E 37 -24.12 6.82 -43.99
CA VAL E 37 -24.02 6.25 -42.65
C VAL E 37 -24.13 7.36 -41.61
N LYS E 38 -23.47 8.50 -41.88
CA LYS E 38 -23.55 9.64 -40.98
C LYS E 38 -24.96 10.18 -40.92
N GLU E 39 -25.63 10.19 -42.07
CA GLU E 39 -27.01 10.65 -42.12
C GLU E 39 -27.91 9.69 -41.36
N THR E 40 -27.64 8.40 -41.47
CA THR E 40 -28.43 7.40 -40.76
C THR E 40 -28.23 7.50 -39.26
N VAL E 41 -26.98 7.69 -38.83
CA VAL E 41 -26.70 7.83 -37.41
C VAL E 41 -27.28 9.12 -36.84
N ASP E 42 -27.22 10.21 -37.60
CA ASP E 42 -27.78 11.47 -37.11
C ASP E 42 -29.29 11.47 -37.09
N LYS E 43 -29.94 10.64 -37.88
CA LYS E 43 -31.39 10.54 -37.83
C LYS E 43 -31.84 9.43 -36.89
N LEU E 44 -30.92 8.60 -36.43
CA LEU E 44 -31.22 7.74 -35.30
C LEU E 44 -31.40 8.56 -34.03
N LEU E 45 -30.49 9.50 -33.78
CA LEU E 45 -30.33 10.09 -32.46
C LEU E 45 -31.04 11.42 -32.31
N LYS E 46 -31.41 12.06 -33.42
CA LYS E 46 -32.30 13.20 -33.37
C LYS E 46 -33.70 12.70 -33.02
N GLY E 47 -34.26 13.21 -31.94
CA GLY E 47 -35.53 12.70 -31.48
C GLY E 47 -35.39 11.41 -30.71
N TYR E 48 -34.36 11.31 -29.89
CA TYR E 48 -34.08 10.12 -29.09
C TYR E 48 -33.86 10.56 -27.66
N ASP E 49 -34.86 10.37 -26.83
CA ASP E 49 -34.80 10.79 -25.44
C ASP E 49 -34.05 9.73 -24.65
N ILE E 50 -32.91 10.08 -24.06
CA ILE E 50 -32.10 9.08 -23.40
C ILE E 50 -32.50 8.89 -21.95
N ARG E 51 -33.52 9.59 -21.49
CA ARG E 51 -34.03 9.43 -20.14
C ARG E 51 -35.20 8.50 -20.10
N LEU E 52 -35.39 7.71 -21.15
CA LEU E 52 -36.53 6.82 -21.27
C LEU E 52 -36.10 5.39 -21.53
N ARG E 53 -36.62 4.50 -20.72
CA ARG E 53 -36.47 3.07 -20.93
C ARG E 53 -37.15 2.68 -22.24
N PRO E 54 -36.60 1.73 -22.99
CA PRO E 54 -37.24 1.27 -24.23
C PRO E 54 -38.61 0.67 -23.98
N ASP E 55 -39.57 1.11 -24.79
CA ASP E 55 -40.99 0.76 -24.69
C ASP E 55 -41.53 1.16 -23.31
N PHE E 56 -41.52 2.48 -23.12
CA PHE E 56 -41.42 3.07 -21.78
C PHE E 56 -42.64 2.78 -20.95
N GLY E 57 -43.79 2.62 -21.58
CA GLY E 57 -44.96 2.23 -20.84
C GLY E 57 -45.30 0.78 -20.94
N GLY E 58 -44.51 0.00 -21.66
CA GLY E 58 -44.88 -1.36 -21.95
C GLY E 58 -44.00 -2.41 -21.27
N PRO E 59 -43.58 -3.39 -22.05
CA PRO E 59 -42.93 -4.54 -21.46
C PRO E 59 -41.53 -4.18 -20.97
N PRO E 60 -40.99 -4.96 -20.04
CA PRO E 60 -39.61 -4.73 -19.63
C PRO E 60 -38.63 -5.16 -20.69
N VAL E 61 -37.50 -4.47 -20.73
CA VAL E 61 -36.38 -4.82 -21.60
C VAL E 61 -35.68 -6.05 -21.04
N CYS E 62 -35.30 -6.98 -21.91
CA CYS E 62 -34.52 -8.15 -21.51
C CYS E 62 -33.03 -7.92 -21.73
N VAL E 63 -32.41 -7.25 -20.77
CA VAL E 63 -30.98 -6.94 -20.84
C VAL E 63 -30.20 -8.20 -20.56
N GLY E 64 -29.45 -8.68 -21.55
CA GLY E 64 -28.66 -9.88 -21.42
C GLY E 64 -27.19 -9.57 -21.25
N MET E 65 -26.55 -10.28 -20.34
CA MET E 65 -25.19 -9.95 -19.96
C MET E 65 -24.19 -11.02 -20.37
N ASN E 66 -22.92 -10.67 -20.19
CA ASN E 66 -21.81 -11.48 -20.64
C ASN E 66 -20.58 -10.97 -19.93
N ILE E 67 -19.85 -11.85 -19.25
CA ILE E 67 -18.64 -11.50 -18.52
C ILE E 67 -17.48 -12.29 -19.06
N ASP E 68 -16.42 -11.61 -19.45
CA ASP E 68 -15.18 -12.25 -19.88
C ASP E 68 -14.11 -11.85 -18.86
N ILE E 69 -13.79 -12.73 -17.93
CA ILE E 69 -12.90 -12.38 -16.82
C ILE E 69 -11.46 -12.38 -17.26
N ALA E 70 -10.79 -11.23 -17.14
CA ALA E 70 -9.36 -11.18 -17.43
C ALA E 70 -8.54 -11.82 -16.31
N SER E 71 -8.66 -11.33 -15.09
CA SER E 71 -7.88 -11.88 -14.00
C SER E 71 -8.60 -11.66 -12.70
N ILE E 72 -8.13 -12.35 -11.65
CA ILE E 72 -8.34 -11.92 -10.28
C ILE E 72 -6.98 -11.57 -9.70
N ASP E 73 -6.84 -10.33 -9.23
CA ASP E 73 -5.51 -9.80 -8.92
C ASP E 73 -5.05 -10.15 -7.52
N MET E 74 -5.77 -9.70 -6.51
CA MET E 74 -5.45 -10.06 -5.14
C MET E 74 -6.72 -10.53 -4.47
N VAL E 75 -6.56 -11.46 -3.54
CA VAL E 75 -7.64 -11.92 -2.70
C VAL E 75 -7.18 -11.66 -1.27
N SER E 76 -7.61 -10.54 -0.71
CA SER E 76 -7.06 -10.02 0.53
C SER E 76 -7.92 -10.47 1.71
N GLU E 77 -7.30 -11.18 2.65
CA GLU E 77 -7.98 -11.52 3.88
C GLU E 77 -7.95 -10.38 4.86
N VAL E 78 -6.98 -9.46 4.71
CA VAL E 78 -6.83 -8.35 5.63
C VAL E 78 -7.99 -7.39 5.44
N ASN E 79 -8.37 -7.12 4.19
CA ASN E 79 -9.42 -6.17 3.89
C ASN E 79 -10.69 -6.87 3.42
N MET E 80 -10.70 -8.20 3.48
CA MET E 80 -11.86 -9.04 3.17
C MET E 80 -12.41 -8.81 1.77
N ASP E 81 -11.55 -8.52 0.79
CA ASP E 81 -12.04 -8.19 -0.54
C ASP E 81 -11.16 -8.81 -1.60
N TYR E 82 -11.62 -8.78 -2.84
CA TYR E 82 -10.78 -9.21 -3.95
C TYR E 82 -10.98 -8.33 -5.17
N THR E 83 -9.90 -8.08 -5.90
CA THR E 83 -9.92 -7.28 -7.13
C THR E 83 -10.19 -8.16 -8.34
N LEU E 84 -11.22 -7.81 -9.11
CA LEU E 84 -11.66 -8.57 -10.27
C LEU E 84 -11.65 -7.70 -11.52
N THR E 85 -10.87 -8.10 -12.52
CA THR E 85 -10.83 -7.42 -13.81
C THR E 85 -11.60 -8.22 -14.83
N MET E 86 -12.52 -7.58 -15.54
CA MET E 86 -13.37 -8.33 -16.44
C MET E 86 -13.77 -7.46 -17.62
N TYR E 87 -14.17 -8.12 -18.69
CA TYR E 87 -14.77 -7.46 -19.84
C TYR E 87 -16.29 -7.54 -19.80
N PHE E 88 -16.90 -6.70 -19.00
CA PHE E 88 -18.31 -6.82 -18.69
C PHE E 88 -19.16 -6.29 -19.83
N GLN E 89 -20.00 -7.15 -20.41
CA GLN E 89 -20.71 -6.84 -21.64
C GLN E 89 -22.20 -7.04 -21.47
N GLN E 90 -22.98 -6.18 -22.13
CA GLN E 90 -24.43 -6.19 -22.03
C GLN E 90 -25.07 -6.09 -23.39
N TYR E 91 -26.07 -6.95 -23.67
CA TYR E 91 -26.97 -6.78 -24.81
C TYR E 91 -28.35 -6.36 -24.37
N TRP E 92 -28.97 -5.48 -25.14
CA TRP E 92 -30.41 -5.25 -25.12
C TRP E 92 -30.86 -4.71 -26.46
N ARG E 93 -32.12 -4.98 -26.80
CA ARG E 93 -32.70 -4.51 -28.06
C ARG E 93 -33.44 -3.19 -27.83
N ASP E 94 -32.76 -2.09 -28.13
CA ASP E 94 -33.36 -0.76 -28.10
C ASP E 94 -34.06 -0.53 -29.42
N LYS E 95 -35.39 -0.42 -29.41
CA LYS E 95 -36.15 -0.42 -30.66
C LYS E 95 -36.07 0.90 -31.41
N ARG E 96 -35.58 1.94 -30.77
CA ARG E 96 -35.47 3.26 -31.38
C ARG E 96 -34.15 3.44 -32.11
N LEU E 97 -33.36 2.39 -32.22
CA LEU E 97 -32.08 2.45 -32.90
C LEU E 97 -32.04 1.56 -34.13
N ALA E 98 -33.18 1.04 -34.55
CA ALA E 98 -33.25 0.04 -35.62
C ALA E 98 -33.10 0.72 -36.97
N TYR E 99 -31.89 0.71 -37.51
CA TYR E 99 -31.67 1.35 -38.80
C TYR E 99 -32.02 0.38 -39.92
N SER E 100 -31.69 0.77 -41.15
CA SER E 100 -32.05 0.00 -42.34
C SER E 100 -31.03 0.24 -43.43
N GLY E 101 -30.92 -0.73 -44.33
CA GLY E 101 -30.12 -0.59 -45.54
C GLY E 101 -28.66 -0.93 -45.42
N ILE E 102 -28.01 -0.46 -44.36
CA ILE E 102 -26.59 -0.75 -44.13
C ILE E 102 -26.43 -2.21 -43.76
N PRO E 103 -25.65 -2.98 -44.52
CA PRO E 103 -25.57 -4.42 -44.29
C PRO E 103 -24.67 -4.80 -43.14
N LEU E 104 -23.90 -3.88 -42.57
CA LEU E 104 -22.93 -4.20 -41.53
C LEU E 104 -23.42 -3.77 -40.16
N ASN E 105 -22.65 -4.16 -39.15
CA ASN E 105 -22.90 -3.74 -37.78
C ASN E 105 -22.14 -2.46 -37.49
N LEU E 106 -22.86 -1.43 -37.06
CA LEU E 106 -22.30 -0.13 -36.77
C LEU E 106 -21.48 -0.17 -35.50
N THR E 107 -20.18 -0.28 -35.63
CA THR E 107 -19.27 -0.13 -34.49
C THR E 107 -18.81 1.32 -34.43
N LEU E 108 -19.20 2.02 -33.38
CA LEU E 108 -19.02 3.45 -33.27
C LEU E 108 -17.96 3.78 -32.23
N ASP E 109 -17.64 5.06 -32.16
CA ASP E 109 -16.78 5.59 -31.11
C ASP E 109 -17.47 5.48 -29.76
N ASN E 110 -16.66 5.32 -28.71
CA ASN E 110 -17.19 5.10 -27.38
C ASN E 110 -17.98 6.27 -26.83
N ARG E 111 -17.79 7.47 -27.35
CA ARG E 111 -18.42 8.66 -26.79
C ARG E 111 -19.87 8.80 -27.21
N VAL E 112 -20.38 7.88 -28.03
CA VAL E 112 -21.77 7.94 -28.44
C VAL E 112 -22.62 7.16 -27.47
N ALA E 113 -22.00 6.49 -26.51
CA ALA E 113 -22.72 5.89 -25.39
C ALA E 113 -23.23 6.92 -24.41
N ASP E 114 -22.80 8.17 -24.52
CA ASP E 114 -23.42 9.23 -23.76
C ASP E 114 -24.77 9.61 -24.33
N GLN E 115 -25.02 9.30 -25.60
CA GLN E 115 -26.22 9.72 -26.29
C GLN E 115 -27.15 8.54 -26.46
N LEU E 116 -27.03 7.52 -25.63
CA LEU E 116 -27.91 6.36 -25.67
C LEU E 116 -28.49 6.13 -24.29
N TRP E 117 -29.46 5.23 -24.20
CA TRP E 117 -29.80 4.61 -22.94
C TRP E 117 -28.83 3.48 -22.63
N VAL E 118 -28.43 3.39 -21.36
CA VAL E 118 -27.72 2.21 -20.84
C VAL E 118 -28.29 1.86 -19.49
N PRO E 119 -28.29 0.57 -19.15
CA PRO E 119 -28.80 0.17 -17.85
C PRO E 119 -27.92 0.64 -16.70
N ASP E 120 -28.54 0.84 -15.55
CA ASP E 120 -27.83 1.32 -14.36
C ASP E 120 -27.38 0.16 -13.48
N THR E 121 -26.61 -0.74 -14.03
CA THR E 121 -26.24 -1.91 -13.26
C THR E 121 -25.07 -1.56 -12.37
N TYR E 122 -25.15 -2.01 -11.12
CA TYR E 122 -24.10 -1.82 -10.14
C TYR E 122 -23.69 -3.14 -9.52
N PHE E 123 -22.86 -3.10 -8.50
CA PHE E 123 -22.41 -4.28 -7.81
C PHE E 123 -22.51 -4.03 -6.33
N LEU E 124 -23.17 -4.94 -5.62
CA LEU E 124 -23.35 -4.71 -4.20
C LEU E 124 -22.09 -5.03 -3.44
N ASN E 125 -21.30 -5.96 -3.93
CA ASN E 125 -20.09 -6.34 -3.25
C ASN E 125 -18.99 -5.34 -3.48
N ASP E 126 -19.20 -4.40 -4.38
CA ASP E 126 -18.19 -3.45 -4.80
C ASP E 126 -17.78 -2.50 -3.70
N LYS E 127 -16.48 -2.24 -3.64
CA LYS E 127 -15.93 -1.23 -2.78
C LYS E 127 -15.40 -0.06 -3.59
N LYS E 128 -14.58 -0.33 -4.60
CA LYS E 128 -13.99 0.77 -5.35
C LYS E 128 -13.64 0.25 -6.73
N SER E 129 -14.47 0.58 -7.70
CA SER E 129 -14.30 0.10 -9.07
C SER E 129 -14.02 1.27 -9.99
N PHE E 130 -13.60 0.96 -11.22
CA PHE E 130 -13.30 1.99 -12.21
C PHE E 130 -13.36 1.35 -13.59
N VAL E 131 -14.03 1.98 -14.55
CA VAL E 131 -13.77 1.68 -15.95
C VAL E 131 -12.43 2.28 -16.33
N HIS E 132 -11.59 1.46 -16.97
CA HIS E 132 -10.24 1.86 -17.35
C HIS E 132 -10.21 3.03 -18.30
N GLY E 133 -9.10 3.75 -18.26
CA GLY E 133 -9.02 5.03 -18.92
C GLY E 133 -7.99 5.16 -20.00
N VAL E 134 -7.02 4.25 -20.04
CA VAL E 134 -5.94 4.29 -21.02
C VAL E 134 -6.20 3.28 -22.13
N THR E 135 -6.22 3.74 -23.38
CA THR E 135 -5.91 5.11 -23.77
C THR E 135 -7.14 5.96 -23.89
N VAL E 136 -8.29 5.31 -23.98
CA VAL E 136 -9.57 5.98 -23.87
C VAL E 136 -10.37 5.29 -22.78
N LYS E 137 -11.51 5.86 -22.46
CA LYS E 137 -12.47 5.16 -21.61
C LYS E 137 -12.97 3.94 -22.35
N ASN E 138 -12.68 2.76 -21.81
CA ASN E 138 -12.91 1.51 -22.53
C ASN E 138 -14.39 1.13 -22.61
N ARG E 139 -15.07 1.75 -23.55
CA ARG E 139 -16.44 1.39 -23.87
C ARG E 139 -16.47 0.85 -25.28
N MET E 140 -17.54 0.13 -25.61
CA MET E 140 -17.82 -0.16 -27.01
C MET E 140 -19.33 -0.04 -27.22
N ILE E 141 -19.69 0.46 -28.39
CA ILE E 141 -21.05 0.43 -28.90
C ILE E 141 -21.05 -0.25 -30.24
N ARG E 142 -21.76 -1.35 -30.33
CA ARG E 142 -21.87 -2.12 -31.56
C ARG E 142 -23.33 -2.23 -31.94
N LEU E 143 -23.79 -1.36 -32.82
CA LEU E 143 -25.19 -1.36 -33.22
C LEU E 143 -25.45 -2.46 -34.25
N HIS E 144 -26.72 -2.82 -34.36
CA HIS E 144 -27.16 -3.89 -35.24
C HIS E 144 -28.39 -3.43 -35.98
N PRO E 145 -28.65 -3.96 -37.19
CA PRO E 145 -29.79 -3.45 -37.97
C PRO E 145 -31.16 -3.81 -37.42
N ASP E 146 -31.25 -4.64 -36.39
CA ASP E 146 -32.52 -4.87 -35.73
C ASP E 146 -32.69 -3.96 -34.53
N GLY E 147 -31.68 -3.16 -34.21
CA GLY E 147 -31.71 -2.30 -33.06
C GLY E 147 -31.03 -2.84 -31.84
N THR E 148 -30.39 -3.99 -31.94
CA THR E 148 -29.65 -4.55 -30.82
C THR E 148 -28.39 -3.72 -30.64
N VAL E 149 -28.03 -3.43 -29.39
CA VAL E 149 -26.82 -2.69 -29.09
C VAL E 149 -26.06 -3.47 -28.02
N LEU E 150 -24.75 -3.61 -28.22
CA LEU E 150 -23.82 -4.13 -27.24
C LEU E 150 -23.09 -2.98 -26.55
N TYR E 151 -23.01 -3.04 -25.23
CA TYR E 151 -22.24 -2.10 -24.42
C TYR E 151 -21.25 -2.84 -23.55
N GLY E 152 -19.97 -2.72 -23.88
CA GLY E 152 -18.92 -3.48 -23.21
C GLY E 152 -18.08 -2.55 -22.36
N LEU E 153 -17.65 -3.04 -21.20
CA LEU E 153 -16.84 -2.30 -20.27
C LEU E 153 -15.70 -3.18 -19.79
N ARG E 154 -14.48 -2.65 -19.76
CA ARG E 154 -13.39 -3.28 -19.02
C ARG E 154 -13.38 -2.71 -17.62
N ILE E 155 -13.92 -3.45 -16.66
CA ILE E 155 -14.14 -3.02 -15.28
C ILE E 155 -13.15 -3.75 -14.42
N THR E 156 -12.35 -3.03 -13.66
CA THR E 156 -11.54 -3.61 -12.58
C THR E 156 -12.16 -3.19 -11.27
N THR E 157 -12.87 -4.09 -10.64
CA THR E 157 -13.62 -3.77 -9.45
C THR E 157 -12.89 -4.25 -8.21
N THR E 158 -13.53 -4.15 -7.05
CA THR E 158 -13.00 -4.73 -5.82
C THR E 158 -14.17 -5.23 -5.00
N ALA E 159 -14.50 -6.50 -5.15
CA ALA E 159 -15.67 -7.08 -4.51
C ALA E 159 -15.32 -7.65 -3.15
N ALA E 160 -16.28 -7.57 -2.23
CA ALA E 160 -16.07 -7.94 -0.84
C ALA E 160 -16.45 -9.39 -0.55
N CYS E 161 -15.79 -9.97 0.46
CA CYS E 161 -16.10 -11.30 0.93
C CYS E 161 -16.25 -11.34 2.44
N MET E 162 -17.27 -12.06 2.91
CA MET E 162 -17.37 -12.48 4.30
C MET E 162 -16.59 -13.77 4.50
N MET E 163 -15.27 -13.64 4.62
CA MET E 163 -14.40 -14.80 4.66
C MET E 163 -14.51 -15.51 6.00
N ASP E 164 -14.87 -16.78 5.97
CA ASP E 164 -14.98 -17.59 7.17
C ASP E 164 -13.68 -18.35 7.37
N LEU E 165 -12.78 -17.75 8.14
CA LEU E 165 -11.42 -18.25 8.26
C LEU E 165 -11.22 -19.14 9.47
N ARG E 166 -12.24 -19.89 9.88
CA ARG E 166 -12.06 -20.80 11.01
C ARG E 166 -11.19 -21.97 10.65
N ARG E 167 -11.22 -22.39 9.39
CA ARG E 167 -10.41 -23.50 8.94
C ARG E 167 -9.19 -23.02 8.20
N TYR E 168 -8.71 -21.83 8.52
CA TYR E 168 -7.54 -21.26 7.86
C TYR E 168 -6.29 -22.04 8.25
N PRO E 169 -5.42 -22.38 7.30
CA PRO E 169 -5.47 -22.11 5.89
C PRO E 169 -5.88 -23.31 5.08
N LEU E 170 -6.87 -24.04 5.54
CA LEU E 170 -7.32 -25.25 4.90
C LEU E 170 -8.78 -25.10 4.53
N ASP E 171 -9.15 -23.95 3.98
CA ASP E 171 -10.54 -23.56 3.80
C ASP E 171 -10.96 -23.51 2.34
N GLU E 172 -12.26 -23.66 2.11
CA GLU E 172 -12.91 -23.29 0.86
C GLU E 172 -13.63 -21.97 1.00
N GLN E 173 -13.10 -20.92 0.39
CA GLN E 173 -13.70 -19.61 0.44
C GLN E 173 -14.69 -19.41 -0.70
N ASN E 174 -15.88 -18.93 -0.37
CA ASN E 174 -16.91 -18.58 -1.34
C ASN E 174 -16.90 -17.06 -1.51
N CYS E 175 -16.76 -16.61 -2.74
CA CYS E 175 -16.81 -15.18 -3.05
C CYS E 175 -17.66 -14.93 -4.27
N THR E 176 -18.48 -13.90 -4.22
CA THR E 176 -19.52 -13.63 -5.20
C THR E 176 -19.22 -12.35 -5.98
N LEU E 177 -20.14 -12.00 -6.89
CA LEU E 177 -20.19 -10.66 -7.50
C LEU E 177 -21.63 -10.38 -7.92
N GLU E 178 -22.34 -9.57 -7.13
CA GLU E 178 -23.78 -9.40 -7.25
C GLU E 178 -24.14 -8.27 -8.20
N ILE E 179 -24.55 -8.60 -9.41
CA ILE E 179 -24.93 -7.61 -10.42
C ILE E 179 -26.40 -7.31 -10.20
N GLU E 180 -26.77 -6.02 -10.20
CA GLU E 180 -28.15 -5.65 -9.96
C GLU E 180 -28.50 -4.31 -10.58
N SER E 181 -29.67 -4.23 -11.20
CA SER E 181 -30.26 -2.97 -11.64
C SER E 181 -30.54 -2.02 -10.50
N TYR E 182 -30.17 -0.75 -10.67
CA TYR E 182 -30.37 0.19 -9.58
C TYR E 182 -31.78 0.73 -9.55
N GLY E 183 -32.18 1.45 -10.59
CA GLY E 183 -33.38 2.22 -10.49
C GLY E 183 -34.60 1.54 -11.06
N TYR E 184 -34.40 0.88 -12.18
CA TYR E 184 -35.49 0.18 -12.82
C TYR E 184 -35.76 -1.15 -12.15
N THR E 185 -37.00 -1.38 -11.78
CA THR E 185 -37.43 -2.59 -11.09
C THR E 185 -37.54 -3.73 -12.08
N THR E 186 -38.13 -4.83 -11.64
CA THR E 186 -38.28 -6.00 -12.49
C THR E 186 -39.38 -5.81 -13.51
N ASP E 187 -40.20 -4.78 -13.36
CA ASP E 187 -41.22 -4.46 -14.34
C ASP E 187 -40.64 -3.69 -15.52
N ASP E 188 -39.44 -3.14 -15.35
CA ASP E 188 -38.79 -2.36 -16.40
C ASP E 188 -37.60 -3.05 -17.02
N ILE E 189 -36.94 -3.95 -16.31
CA ILE E 189 -35.69 -4.50 -16.82
C ILE E 189 -35.60 -5.96 -16.36
N GLU E 190 -35.15 -6.81 -17.25
CA GLU E 190 -34.93 -8.21 -16.94
C GLU E 190 -33.51 -8.58 -17.28
N PHE E 191 -32.88 -9.37 -16.42
CA PHE E 191 -31.52 -9.81 -16.60
C PHE E 191 -31.49 -11.31 -16.86
N TYR E 192 -30.84 -11.70 -17.93
CA TYR E 192 -30.56 -13.11 -18.16
C TYR E 192 -29.08 -13.23 -18.48
N TRP E 193 -28.46 -14.27 -17.96
CA TRP E 193 -27.12 -14.64 -18.39
C TRP E 193 -27.19 -15.16 -19.82
N ARG E 194 -26.62 -14.43 -20.76
CA ARG E 194 -26.69 -14.86 -22.15
C ARG E 194 -25.67 -15.96 -22.40
N GLY E 195 -26.18 -17.15 -22.72
CA GLY E 195 -25.38 -18.33 -22.89
C GLY E 195 -25.53 -19.38 -21.81
N GLY E 196 -26.37 -19.14 -20.81
CA GLY E 196 -26.61 -20.14 -19.78
C GLY E 196 -25.43 -20.34 -18.87
N ASP E 197 -24.75 -21.47 -19.00
CA ASP E 197 -23.58 -21.72 -18.20
C ASP E 197 -22.30 -21.18 -18.84
N LYS E 198 -22.38 -20.75 -20.09
CA LYS E 198 -21.22 -20.28 -20.84
C LYS E 198 -21.26 -18.78 -21.03
N ALA E 199 -22.00 -18.07 -20.19
CA ALA E 199 -21.90 -16.61 -20.15
C ALA E 199 -20.53 -16.20 -19.64
N VAL E 200 -20.23 -16.58 -18.41
CA VAL E 200 -18.96 -16.21 -17.81
C VAL E 200 -17.87 -17.15 -18.31
N THR E 201 -16.91 -16.61 -19.01
CA THR E 201 -15.79 -17.34 -19.55
C THR E 201 -14.51 -16.87 -18.90
N GLY E 202 -13.41 -17.50 -19.25
CA GLY E 202 -12.12 -17.09 -18.73
C GLY E 202 -11.87 -17.45 -17.29
N VAL E 203 -12.69 -18.31 -16.69
CA VAL E 203 -12.47 -18.70 -15.31
C VAL E 203 -11.29 -19.66 -15.24
N GLU E 204 -11.20 -20.55 -16.23
CA GLU E 204 -10.16 -21.56 -16.24
C GLU E 204 -8.79 -21.00 -16.55
N ARG E 205 -8.68 -19.78 -17.01
CA ARG E 205 -7.38 -19.21 -17.34
C ARG E 205 -6.73 -18.53 -16.16
N ILE E 206 -7.38 -18.50 -15.01
CA ILE E 206 -6.89 -17.77 -13.84
C ILE E 206 -5.97 -18.67 -13.03
N GLU E 207 -4.75 -18.20 -12.83
CA GLU E 207 -3.78 -18.93 -12.02
C GLU E 207 -3.43 -18.12 -10.77
N LEU E 208 -4.30 -18.17 -9.75
CA LEU E 208 -4.06 -17.47 -8.51
C LEU E 208 -2.86 -18.10 -7.83
N PRO E 209 -2.01 -17.30 -7.18
CA PRO E 209 -0.80 -17.88 -6.60
C PRO E 209 -1.08 -18.78 -5.41
N GLN E 210 -2.11 -18.49 -4.62
CA GLN E 210 -2.40 -19.29 -3.43
C GLN E 210 -3.86 -19.71 -3.33
N PHE E 211 -4.59 -19.77 -4.43
CA PHE E 211 -5.96 -20.28 -4.38
C PHE E 211 -6.17 -21.23 -5.54
N SER E 212 -7.34 -21.83 -5.58
CA SER E 212 -7.65 -22.77 -6.65
C SER E 212 -9.17 -22.80 -6.79
N ILE E 213 -9.68 -22.26 -7.88
CA ILE E 213 -11.10 -22.13 -8.11
C ILE E 213 -11.71 -23.49 -8.44
N VAL E 214 -12.63 -23.94 -7.59
CA VAL E 214 -13.31 -25.21 -7.83
C VAL E 214 -14.51 -25.02 -8.76
N GLU E 215 -15.46 -24.19 -8.36
CA GLU E 215 -16.71 -24.04 -9.08
C GLU E 215 -17.00 -22.55 -9.24
N HIS E 216 -17.68 -22.19 -10.32
CA HIS E 216 -18.44 -20.96 -10.34
C HIS E 216 -19.88 -21.22 -10.74
N ARG E 217 -20.81 -20.59 -10.03
CA ARG E 217 -22.25 -20.71 -10.29
C ARG E 217 -22.78 -19.39 -10.84
N LEU E 218 -23.92 -19.47 -11.51
CA LEU E 218 -24.56 -18.32 -12.14
C LEU E 218 -26.02 -18.23 -11.71
N VAL E 219 -26.31 -17.39 -10.73
CA VAL E 219 -27.62 -17.34 -10.10
C VAL E 219 -28.36 -16.11 -10.59
N SER E 220 -29.58 -16.30 -11.06
CA SER E 220 -30.46 -15.20 -11.46
C SER E 220 -31.70 -15.19 -10.57
N ARG E 221 -31.88 -14.11 -9.82
CA ARG E 221 -33.00 -14.04 -8.89
C ARG E 221 -33.45 -12.60 -8.69
N ASN E 222 -34.73 -12.42 -8.40
CA ASN E 222 -35.26 -11.13 -8.03
C ASN E 222 -35.12 -10.87 -6.55
N VAL E 223 -34.78 -9.64 -6.20
CA VAL E 223 -34.56 -9.23 -4.83
C VAL E 223 -35.54 -8.12 -4.45
N VAL E 224 -36.30 -8.34 -3.39
CA VAL E 224 -37.24 -7.34 -2.89
C VAL E 224 -36.48 -6.29 -2.10
N PHE E 225 -37.04 -5.09 -2.05
CA PHE E 225 -36.58 -4.02 -1.17
C PHE E 225 -37.81 -3.30 -0.65
N ALA E 226 -37.59 -2.12 -0.06
CA ALA E 226 -38.69 -1.25 0.27
C ALA E 226 -39.25 -0.57 -0.97
N THR E 227 -38.40 -0.33 -1.96
CA THR E 227 -38.81 0.34 -3.19
C THR E 227 -39.35 -0.59 -4.27
N GLY E 228 -39.09 -1.88 -4.19
CA GLY E 228 -39.68 -2.82 -5.12
C GLY E 228 -38.77 -4.02 -5.30
N ALA E 229 -39.09 -4.81 -6.30
CA ALA E 229 -38.34 -6.02 -6.62
C ALA E 229 -37.42 -5.75 -7.81
N TYR E 230 -36.13 -5.96 -7.62
CA TYR E 230 -35.12 -5.68 -8.62
C TYR E 230 -34.44 -6.96 -9.09
N PRO E 231 -34.04 -7.04 -10.36
CA PRO E 231 -33.34 -8.22 -10.85
C PRO E 231 -31.89 -8.23 -10.39
N ARG E 232 -31.49 -9.33 -9.77
CA ARG E 232 -30.12 -9.54 -9.37
C ARG E 232 -29.52 -10.75 -10.09
N LEU E 233 -28.30 -10.59 -10.59
CA LEU E 233 -27.50 -11.71 -11.06
C LEU E 233 -26.39 -12.01 -10.08
N SER E 234 -25.81 -13.21 -10.16
CA SER E 234 -24.77 -13.55 -9.20
C SER E 234 -23.69 -14.45 -9.82
N LEU E 235 -22.63 -13.85 -10.30
CA LEU E 235 -21.41 -14.61 -10.53
C LEU E 235 -20.75 -14.87 -9.20
N SER E 236 -20.43 -16.14 -8.92
CA SER E 236 -19.97 -16.50 -7.59
C SER E 236 -19.04 -17.71 -7.62
N PHE E 237 -17.78 -17.51 -7.24
CA PHE E 237 -16.76 -18.55 -7.32
C PHE E 237 -16.80 -19.50 -6.14
N ARG E 238 -15.75 -20.34 -6.03
CA ARG E 238 -15.34 -20.91 -4.75
C ARG E 238 -13.83 -21.05 -4.72
N LEU E 239 -13.18 -20.25 -3.90
CA LEU E 239 -11.72 -20.24 -3.81
C LEU E 239 -11.24 -21.24 -2.77
N LYS E 240 -10.59 -22.30 -3.21
CA LYS E 240 -9.96 -23.26 -2.32
C LYS E 240 -8.46 -22.96 -2.24
N ARG E 241 -7.93 -22.90 -1.03
CA ARG E 241 -6.57 -22.44 -0.83
C ARG E 241 -5.55 -23.55 -1.01
N ASN E 242 -4.50 -23.26 -1.77
CA ASN E 242 -3.34 -24.13 -1.81
C ASN E 242 -2.64 -24.15 -0.45
N ILE E 243 -2.15 -25.32 -0.05
CA ILE E 243 -1.84 -25.62 1.34
C ILE E 243 -0.36 -25.77 1.55
N GLY E 244 0.43 -25.77 0.49
CA GLY E 244 1.85 -26.02 0.60
C GLY E 244 2.66 -24.84 1.09
N TYR E 245 2.13 -23.63 0.91
CA TYR E 245 2.86 -22.45 1.33
C TYR E 245 3.00 -22.38 2.84
N PHE E 246 1.98 -22.82 3.55
CA PHE E 246 2.00 -22.74 5.00
C PHE E 246 2.71 -23.92 5.63
N ILE E 247 2.78 -25.04 4.93
CA ILE E 247 3.60 -26.15 5.34
C ILE E 247 5.07 -25.75 5.26
N LEU E 248 5.43 -25.01 4.23
CA LEU E 248 6.80 -24.53 4.13
C LEU E 248 7.07 -23.48 5.20
N GLN E 249 6.16 -22.54 5.40
CA GLN E 249 6.51 -21.41 6.24
C GLN E 249 6.32 -21.71 7.72
N THR E 250 5.22 -22.35 8.10
CA THR E 250 4.78 -22.34 9.50
C THR E 250 4.73 -23.72 10.12
N TYR E 251 4.04 -24.66 9.48
CA TYR E 251 3.85 -26.01 10.02
C TYR E 251 5.15 -26.77 10.19
N MET E 252 5.94 -26.88 9.11
CA MET E 252 7.21 -27.61 9.24
C MET E 252 8.23 -27.04 10.22
N PRO E 253 8.47 -25.74 10.33
CA PRO E 253 9.37 -25.30 11.42
C PRO E 253 8.76 -25.47 12.79
N SER E 254 7.44 -25.46 12.89
CA SER E 254 6.78 -25.75 14.16
C SER E 254 7.01 -27.19 14.58
N ILE E 255 6.94 -28.12 13.63
CA ILE E 255 7.20 -29.53 13.93
C ILE E 255 8.64 -29.71 14.38
N LEU E 256 9.58 -29.12 13.66
CA LEU E 256 10.99 -29.33 13.97
C LEU E 256 11.41 -28.61 15.25
N ILE E 257 10.80 -27.47 15.58
CA ILE E 257 11.10 -26.82 16.85
C ILE E 257 10.52 -27.61 18.01
N THR E 258 9.35 -28.19 17.81
CA THR E 258 8.75 -29.03 18.85
C THR E 258 9.55 -30.31 19.06
N ILE E 259 10.18 -30.81 18.00
CA ILE E 259 11.05 -31.98 18.12
C ILE E 259 12.32 -31.61 18.87
N LEU E 260 12.93 -30.47 18.54
CA LEU E 260 14.13 -30.05 19.24
C LEU E 260 13.88 -29.60 20.68
N SER E 261 12.62 -29.45 21.09
CA SER E 261 12.33 -29.35 22.51
C SER E 261 12.68 -30.62 23.27
N TRP E 262 12.78 -31.77 22.60
CA TRP E 262 12.97 -33.06 23.25
C TRP E 262 14.41 -33.50 23.34
N VAL E 263 15.35 -32.58 23.19
CA VAL E 263 16.74 -32.92 23.33
C VAL E 263 17.07 -32.99 24.81
N SER E 264 16.27 -32.30 25.63
CA SER E 264 16.48 -32.26 27.07
C SER E 264 16.32 -33.63 27.71
N PHE E 265 15.55 -34.53 27.09
CA PHE E 265 15.38 -35.85 27.66
C PHE E 265 16.63 -36.69 27.53
N TRP E 266 17.48 -36.35 26.57
CA TRP E 266 18.74 -37.04 26.36
C TRP E 266 19.88 -36.27 26.97
N ILE E 267 19.58 -35.38 27.90
CA ILE E 267 20.56 -34.63 28.68
C ILE E 267 20.27 -34.90 30.15
N ASN E 268 21.34 -35.08 30.94
CA ASN E 268 21.25 -35.29 32.39
C ASN E 268 20.46 -34.22 33.12
N TYR E 269 19.92 -34.62 34.27
CA TYR E 269 19.32 -33.67 35.20
C TYR E 269 20.38 -32.77 35.84
N ASP E 270 21.62 -33.24 35.89
CA ASP E 270 22.72 -32.42 36.43
C ASP E 270 22.99 -31.22 35.56
N ALA E 271 22.95 -31.40 34.24
CA ALA E 271 23.20 -30.30 33.31
C ALA E 271 21.96 -29.43 33.28
N SER E 272 21.95 -28.43 34.16
CA SER E 272 20.75 -27.64 34.34
C SER E 272 20.64 -26.58 33.26
N ALA E 273 21.75 -25.91 32.99
CA ALA E 273 21.77 -24.83 32.01
C ALA E 273 21.47 -25.33 30.61
N ALA E 274 21.81 -26.58 30.33
CA ALA E 274 21.56 -27.13 29.00
C ALA E 274 20.08 -27.33 28.75
N ARG E 275 19.39 -28.02 29.66
CA ARG E 275 17.97 -28.29 29.46
C ARG E 275 17.15 -27.02 29.58
N VAL E 276 17.52 -26.14 30.51
CA VAL E 276 16.82 -24.87 30.66
C VAL E 276 17.03 -23.98 29.44
N ALA E 277 18.23 -23.96 28.86
CA ALA E 277 18.44 -23.09 27.71
C ALA E 277 17.70 -23.58 26.49
N LEU E 278 17.63 -24.89 26.26
CA LEU E 278 16.93 -25.33 25.06
C LEU E 278 15.44 -25.17 25.27
N GLY E 279 14.95 -25.40 26.48
CA GLY E 279 13.52 -25.20 26.73
C GLY E 279 13.15 -23.74 26.64
N ILE E 280 14.01 -22.85 27.13
CA ILE E 280 13.73 -21.41 27.02
C ILE E 280 13.85 -20.93 25.59
N THR E 281 14.79 -21.47 24.84
CA THR E 281 14.96 -21.02 23.48
C THR E 281 13.87 -21.55 22.57
N THR E 282 13.31 -22.71 22.89
CA THR E 282 12.23 -23.20 22.04
C THR E 282 10.92 -22.50 22.33
N VAL E 283 10.67 -22.05 23.57
CA VAL E 283 9.47 -21.24 23.77
C VAL E 283 9.66 -19.86 23.13
N LEU E 284 10.90 -19.39 23.04
CA LEU E 284 11.17 -18.16 22.29
C LEU E 284 10.94 -18.33 20.80
N THR E 285 11.31 -19.48 20.25
CA THR E 285 11.14 -19.68 18.81
C THR E 285 9.67 -19.80 18.45
N MET E 286 8.89 -20.48 19.28
CA MET E 286 7.46 -20.59 19.04
C MET E 286 6.78 -19.24 19.20
N THR E 287 7.27 -18.43 20.13
CA THR E 287 6.82 -17.05 20.27
C THR E 287 7.06 -16.24 19.00
N THR E 288 8.24 -16.35 18.40
CA THR E 288 8.54 -15.62 17.17
C THR E 288 7.67 -16.07 16.00
N ILE E 289 7.40 -17.36 15.89
CA ILE E 289 6.53 -17.85 14.82
C ILE E 289 5.13 -17.30 14.98
N ASN E 290 4.60 -17.33 16.19
CA ASN E 290 3.25 -16.85 16.43
C ASN E 290 3.16 -15.34 16.26
N THR E 291 4.20 -14.59 16.62
CA THR E 291 4.16 -13.15 16.41
C THR E 291 4.20 -12.82 14.93
N HIS E 292 4.92 -13.60 14.14
CA HIS E 292 4.90 -13.37 12.70
C HIS E 292 3.54 -13.66 12.10
N LEU E 293 2.87 -14.73 12.54
CA LEU E 293 1.55 -15.01 12.01
C LEU E 293 0.46 -14.07 12.53
N ARG E 294 0.66 -13.42 13.67
CA ARG E 294 -0.33 -12.43 14.07
C ARG E 294 -0.08 -11.10 13.38
N GLU E 295 1.13 -10.85 12.91
CA GLU E 295 1.39 -9.68 12.09
C GLU E 295 0.83 -9.84 10.67
N THR E 296 0.79 -11.06 10.16
CA THR E 296 0.28 -11.27 8.79
C THR E 296 -1.24 -11.10 8.70
N LEU E 297 -1.95 -11.60 9.67
CA LEU E 297 -3.35 -11.99 9.58
C LEU E 297 -4.28 -10.94 10.18
N PRO E 298 -5.55 -10.89 9.76
CA PRO E 298 -6.44 -9.85 10.27
C PRO E 298 -6.87 -10.06 11.73
N LYS E 299 -7.72 -9.15 12.21
CA LYS E 299 -8.16 -9.11 13.59
C LYS E 299 -9.45 -9.89 13.77
N ILE E 300 -9.32 -11.20 13.96
CA ILE E 300 -10.51 -12.04 14.00
C ILE E 300 -10.82 -12.47 15.43
N PRO E 301 -12.07 -12.60 15.84
CA PRO E 301 -12.34 -12.85 17.26
C PRO E 301 -12.17 -14.28 17.78
N TYR E 302 -12.30 -15.28 16.93
CA TYR E 302 -12.25 -16.70 17.30
C TYR E 302 -10.81 -17.18 17.26
N VAL E 303 -10.61 -18.50 17.28
CA VAL E 303 -9.30 -19.13 17.19
C VAL E 303 -9.25 -19.92 15.91
N LYS E 304 -8.35 -19.54 15.01
CA LYS E 304 -8.21 -20.20 13.71
C LYS E 304 -7.53 -21.55 13.87
N ALA E 305 -7.55 -22.32 12.78
CA ALA E 305 -7.00 -23.66 12.78
C ALA E 305 -5.49 -23.64 12.86
N ILE E 306 -4.85 -22.65 12.24
CA ILE E 306 -3.40 -22.60 12.34
C ILE E 306 -3.04 -22.09 13.75
N ASP E 307 -3.94 -21.33 14.36
CA ASP E 307 -3.72 -20.92 15.74
C ASP E 307 -4.00 -22.06 16.70
N MET E 308 -4.97 -22.95 16.38
CA MET E 308 -5.16 -24.16 17.18
C MET E 308 -3.93 -25.03 17.11
N TYR E 309 -3.31 -25.12 15.93
CA TYR E 309 -2.11 -25.94 15.81
C TYR E 309 -0.93 -25.34 16.55
N LEU E 310 -0.76 -24.02 16.50
CA LEU E 310 0.35 -23.41 17.25
C LEU E 310 0.10 -23.42 18.74
N MET E 311 -1.16 -23.34 19.15
CA MET E 311 -1.46 -23.50 20.57
C MET E 311 -1.13 -24.91 21.01
N GLY E 312 -1.43 -25.90 20.17
CA GLY E 312 -1.09 -27.28 20.50
C GLY E 312 0.40 -27.52 20.57
N CYS E 313 1.16 -26.99 19.61
CA CYS E 313 2.61 -27.13 19.63
C CYS E 313 3.24 -26.37 20.79
N PHE E 314 2.64 -25.23 21.18
CA PHE E 314 3.17 -24.52 22.32
C PHE E 314 2.84 -25.23 23.61
N VAL E 315 1.75 -25.99 23.63
CA VAL E 315 1.46 -26.82 24.79
C VAL E 315 2.50 -27.92 24.94
N PHE E 316 2.89 -28.57 23.84
CA PHE E 316 3.96 -29.56 23.90
C PHE E 316 5.27 -28.95 24.33
N VAL E 317 5.60 -27.78 23.78
CA VAL E 317 6.85 -27.11 24.12
C VAL E 317 6.87 -26.65 25.58
N PHE E 318 5.73 -26.18 26.09
CA PHE E 318 5.64 -25.73 27.48
C PHE E 318 5.69 -26.91 28.44
N LEU E 319 5.08 -28.01 28.08
CA LEU E 319 5.15 -29.21 28.91
C LEU E 319 6.54 -29.82 28.87
N ALA E 320 7.29 -29.61 27.80
CA ALA E 320 8.66 -30.09 27.74
C ALA E 320 9.59 -29.34 28.67
N LEU E 321 9.16 -28.23 29.24
CA LEU E 321 9.93 -27.49 30.23
C LEU E 321 9.36 -27.69 31.62
N LEU E 322 8.04 -27.91 31.73
CA LEU E 322 7.43 -28.32 32.99
C LEU E 322 7.95 -29.67 33.44
N GLU E 323 8.32 -30.52 32.49
CA GLU E 323 8.93 -31.80 32.80
C GLU E 323 10.27 -31.62 33.50
N TYR E 324 11.08 -30.68 33.02
CA TYR E 324 12.37 -30.49 33.68
C TYR E 324 12.20 -29.87 35.06
N ALA E 325 11.25 -28.96 35.22
CA ALA E 325 10.98 -28.39 36.54
C ALA E 325 10.50 -29.48 37.48
N PHE E 326 9.70 -30.40 36.96
CA PHE E 326 9.21 -31.52 37.74
C PHE E 326 10.35 -32.44 38.15
N VAL E 327 11.27 -32.72 37.23
CA VAL E 327 12.43 -33.57 37.52
C VAL E 327 13.37 -32.91 38.52
N ASN E 328 13.63 -31.62 38.35
CA ASN E 328 14.51 -30.89 39.24
C ASN E 328 13.93 -30.83 40.65
N TYR E 329 12.63 -30.64 40.76
CA TYR E 329 11.99 -30.61 42.07
C TYR E 329 11.98 -31.97 42.75
N ILE E 330 11.70 -33.04 41.99
CA ILE E 330 11.68 -34.37 42.60
C ILE E 330 13.06 -34.79 43.08
N PHE E 331 14.11 -34.52 42.30
CA PHE E 331 15.44 -34.91 42.73
C PHE E 331 15.94 -34.02 43.87
N PHE E 332 16.03 -32.71 43.64
CA PHE E 332 16.71 -31.88 44.61
C PHE E 332 15.82 -31.46 45.76
N GLY E 333 14.50 -31.49 45.59
CA GLY E 333 13.64 -31.08 46.67
C GLY E 333 13.05 -32.21 47.49
N ARG E 334 12.50 -33.22 46.83
CA ARG E 334 11.94 -34.39 47.50
C ARG E 334 12.96 -35.52 47.64
N GLY E 335 14.23 -35.19 47.59
CA GLY E 335 15.32 -36.14 47.68
C GLY E 335 15.53 -36.74 49.05
N PRO E 336 15.92 -35.92 50.04
CA PRO E 336 16.14 -36.46 51.39
C PRO E 336 14.88 -36.94 52.07
N GLN E 337 13.71 -36.50 51.61
CA GLN E 337 12.46 -36.90 52.20
C GLN E 337 12.11 -38.33 51.77
N ASP E 444 11.21 -42.03 41.50
CA ASP E 444 12.43 -42.14 40.71
C ASP E 444 12.56 -40.88 39.87
N VAL E 445 13.75 -40.66 39.34
CA VAL E 445 14.08 -39.49 38.55
C VAL E 445 14.29 -39.85 37.09
N ASN E 446 15.12 -40.87 36.85
CA ASN E 446 15.45 -41.26 35.50
C ASN E 446 14.28 -42.00 34.87
N ALA E 447 13.37 -42.53 35.69
CA ALA E 447 12.19 -43.18 35.16
C ALA E 447 11.27 -42.19 34.49
N ILE E 448 11.29 -40.92 34.91
CA ILE E 448 10.50 -39.88 34.27
C ILE E 448 10.98 -39.64 32.85
N ASP E 449 12.29 -39.62 32.66
CA ASP E 449 12.83 -39.42 31.32
C ASP E 449 12.55 -40.63 30.44
N ARG E 450 12.73 -41.84 30.97
CA ARG E 450 12.48 -43.05 30.18
C ARG E 450 11.02 -43.18 29.79
N TRP E 451 10.11 -42.73 30.66
CA TRP E 451 8.70 -42.77 30.34
C TRP E 451 8.33 -41.70 29.32
N SER E 452 8.83 -40.48 29.53
CA SER E 452 8.47 -39.36 28.67
C SER E 452 9.06 -39.45 27.27
N ARG E 453 10.19 -40.13 27.07
CA ARG E 453 10.70 -40.37 25.71
C ARG E 453 9.77 -41.21 24.87
N ILE E 454 8.91 -42.01 25.50
CA ILE E 454 7.92 -42.80 24.78
C ILE E 454 6.61 -42.05 24.73
N VAL E 455 6.30 -41.32 25.80
CA VAL E 455 5.02 -40.63 25.90
C VAL E 455 4.94 -39.47 24.92
N PHE E 456 5.91 -38.56 24.96
CA PHE E 456 5.80 -37.35 24.13
C PHE E 456 5.83 -37.52 22.61
N PRO E 457 6.62 -38.42 22.01
CA PRO E 457 6.45 -38.63 20.56
C PRO E 457 5.14 -39.30 20.22
N PHE E 458 4.64 -40.17 21.10
CA PHE E 458 3.35 -40.79 20.86
C PHE E 458 2.23 -39.77 20.99
N THR E 459 2.33 -38.88 21.95
CA THR E 459 1.31 -37.86 22.14
C THR E 459 1.32 -36.86 20.99
N PHE E 460 2.50 -36.53 20.49
CA PHE E 460 2.61 -35.58 19.40
C PHE E 460 2.12 -36.18 18.09
N SER E 461 2.40 -37.45 17.85
CA SER E 461 1.90 -38.10 16.66
C SER E 461 0.40 -38.31 16.74
N LEU E 462 -0.11 -38.55 17.95
CA LEU E 462 -1.54 -38.67 18.15
C LEU E 462 -2.23 -37.34 17.92
N PHE E 463 -1.61 -36.26 18.35
CA PHE E 463 -2.19 -34.95 18.14
C PHE E 463 -2.21 -34.56 16.68
N ASN E 464 -1.14 -34.86 15.96
CA ASN E 464 -1.11 -34.59 14.53
C ASN E 464 -2.07 -35.47 13.77
N LEU E 465 -2.31 -36.68 14.27
CA LEU E 465 -3.29 -37.56 13.64
C LEU E 465 -4.68 -36.97 13.77
N VAL E 466 -5.07 -36.56 14.98
CA VAL E 466 -6.38 -35.97 15.21
C VAL E 466 -6.52 -34.64 14.47
N TYR E 467 -5.46 -33.84 14.45
CA TYR E 467 -5.46 -32.55 13.76
C TYR E 467 -5.65 -32.70 12.26
N TRP E 468 -4.79 -33.46 11.62
CA TRP E 468 -4.83 -33.55 10.16
C TRP E 468 -5.91 -34.49 9.65
N LEU E 469 -6.60 -35.20 10.53
CA LEU E 469 -7.82 -35.90 10.14
C LEU E 469 -9.07 -35.11 10.47
N TYR E 470 -8.95 -34.03 11.23
CA TYR E 470 -10.12 -33.18 11.46
C TYR E 470 -10.31 -32.24 10.30
N TYR E 471 -9.22 -31.68 9.78
CA TYR E 471 -9.32 -30.62 8.80
C TYR E 471 -9.10 -31.09 7.38
N VAL E 472 -8.35 -32.16 7.19
CA VAL E 472 -7.99 -32.63 5.85
C VAL E 472 -8.62 -33.98 5.57
N GLN F 1 6.17 -36.70 -13.49
CA GLN F 1 6.98 -36.11 -14.55
C GLN F 1 6.07 -35.52 -15.63
N VAL F 2 6.47 -34.38 -16.18
CA VAL F 2 5.73 -33.72 -17.26
C VAL F 2 5.77 -34.56 -18.52
N GLN F 3 4.59 -34.92 -19.03
CA GLN F 3 4.45 -35.60 -20.31
C GLN F 3 3.61 -34.77 -21.25
N LEU F 4 4.08 -34.56 -22.47
CA LEU F 4 3.32 -33.91 -23.53
C LEU F 4 3.00 -34.91 -24.64
N GLN F 5 1.89 -35.64 -24.47
CA GLN F 5 1.55 -36.76 -25.34
C GLN F 5 0.55 -36.31 -26.40
N GLU F 6 0.89 -36.50 -27.67
CA GLU F 6 0.08 -36.03 -28.78
C GLU F 6 -0.99 -37.05 -29.16
N SER F 7 -1.80 -36.69 -30.14
CA SER F 7 -2.69 -37.64 -30.81
C SER F 7 -2.90 -37.17 -32.25
N GLY F 8 -3.91 -37.70 -32.91
CA GLY F 8 -4.20 -37.31 -34.27
C GLY F 8 -3.40 -38.11 -35.28
N GLY F 9 -3.97 -38.25 -36.47
CA GLY F 9 -3.37 -39.05 -37.53
C GLY F 9 -2.14 -38.41 -38.15
N GLY F 10 -1.59 -39.13 -39.13
CA GLY F 10 -0.39 -38.66 -39.80
C GLY F 10 -0.37 -38.94 -41.29
N LEU F 11 -1.54 -39.13 -41.89
CA LEU F 11 -1.63 -39.41 -43.31
C LEU F 11 -2.97 -38.92 -43.84
N VAL F 12 -2.93 -38.26 -44.99
CA VAL F 12 -4.11 -37.59 -45.52
C VAL F 12 -4.00 -37.54 -47.05
N GLN F 13 -5.16 -37.59 -47.71
CA GLN F 13 -5.29 -37.13 -49.08
C GLN F 13 -4.86 -35.67 -49.18
N GLY F 422 -7.04 -32.41 -47.57
CA GLY F 422 -7.81 -32.78 -46.40
C GLY F 422 -7.54 -31.90 -45.20
N SER F 423 -8.06 -32.36 -44.05
CA SER F 423 -7.94 -31.64 -42.79
C SER F 423 -7.55 -32.61 -41.68
N LEU F 424 -7.06 -32.07 -40.57
CA LEU F 424 -6.56 -32.90 -39.48
C LEU F 424 -6.57 -32.08 -38.19
N ARG F 425 -6.84 -32.75 -37.06
CA ARG F 425 -6.86 -32.13 -35.73
C ARG F 425 -5.82 -32.80 -34.84
N VAL F 426 -4.63 -32.23 -34.80
CA VAL F 426 -3.52 -32.81 -34.07
C VAL F 426 -3.55 -32.24 -32.66
N SER F 427 -3.83 -33.08 -31.67
CA SER F 427 -4.00 -32.63 -30.29
C SER F 427 -2.74 -32.89 -29.47
N CYS F 428 -2.73 -32.38 -28.24
CA CYS F 428 -1.61 -32.58 -27.32
C CYS F 428 -2.10 -32.51 -25.87
N ALA F 429 -2.37 -33.66 -25.28
CA ALA F 429 -3.00 -33.69 -23.95
C ALA F 429 -1.92 -33.80 -22.89
N ALA F 430 -1.74 -32.74 -22.11
CA ALA F 430 -0.67 -32.68 -21.13
C ALA F 430 -1.07 -33.37 -19.83
N SER F 431 -0.05 -33.69 -19.04
CA SER F 431 -0.26 -34.12 -17.66
C SER F 431 0.97 -33.77 -16.85
N GLY F 432 0.79 -33.76 -15.52
CA GLY F 432 1.87 -33.51 -14.59
C GLY F 432 2.02 -32.06 -14.19
N ARG F 433 1.65 -31.13 -15.05
CA ARG F 433 1.74 -29.71 -14.71
C ARG F 433 0.69 -28.96 -15.49
N THR F 434 -0.04 -28.07 -14.83
CA THR F 434 -0.94 -27.19 -15.53
C THR F 434 -0.15 -26.14 -16.31
N PHE F 435 -0.36 -26.11 -17.62
CA PHE F 435 0.38 -25.19 -18.46
C PHE F 435 -0.45 -23.97 -18.85
N THR F 436 -1.40 -23.58 -18.00
CA THR F 436 -2.23 -22.44 -18.34
C THR F 436 -1.37 -21.19 -18.49
N THR F 437 -0.44 -21.00 -17.56
CA THR F 437 0.47 -19.86 -17.62
C THR F 437 1.39 -19.95 -18.83
N TYR F 438 1.82 -21.17 -19.12
CA TYR F 438 2.74 -21.47 -20.22
C TYR F 438 2.17 -21.29 -21.63
N ILE F 439 3.05 -20.97 -22.56
CA ILE F 439 2.67 -20.77 -23.96
C ILE F 439 2.83 -22.07 -24.74
N MET F 440 1.74 -22.80 -24.91
CA MET F 440 1.77 -24.08 -25.63
C MET F 440 1.79 -23.85 -27.13
N ALA F 441 2.70 -24.52 -27.82
CA ALA F 441 2.97 -24.21 -29.21
C ALA F 441 3.18 -25.49 -30.02
N TRP F 442 3.07 -25.35 -31.34
CA TRP F 442 3.37 -26.43 -32.28
C TRP F 442 4.55 -26.06 -33.17
N PHE F 443 5.48 -27.00 -33.31
CA PHE F 443 6.63 -26.87 -34.19
C PHE F 443 6.60 -27.92 -35.29
N ARG F 444 7.00 -27.49 -36.48
CA ARG F 444 7.23 -28.35 -37.64
C ARG F 444 8.72 -28.53 -37.85
N GLN F 445 9.16 -29.78 -37.99
CA GLN F 445 10.54 -30.06 -38.37
C GLN F 445 10.60 -30.77 -39.71
N ALA F 446 10.97 -30.04 -40.75
CA ALA F 446 11.25 -30.64 -42.03
C ALA F 446 12.55 -31.44 -41.93
N PRO F 447 12.74 -32.45 -42.79
CA PRO F 447 14.06 -33.08 -42.92
C PRO F 447 15.09 -32.08 -43.42
N GLY F 448 16.15 -31.93 -42.64
CA GLY F 448 17.11 -30.85 -42.86
C GLY F 448 17.45 -30.13 -41.59
N LYS F 449 17.03 -30.71 -40.46
CA LYS F 449 17.27 -30.21 -39.10
C LYS F 449 16.73 -28.79 -38.92
N GLU F 450 15.46 -28.59 -39.25
CA GLU F 450 14.87 -27.25 -39.25
C GLU F 450 13.57 -27.23 -38.46
N ARG F 451 13.68 -26.97 -37.16
CA ARG F 451 12.50 -26.73 -36.33
C ARG F 451 11.90 -25.40 -36.72
N GLU F 452 10.65 -25.41 -37.18
CA GLU F 452 9.99 -24.19 -37.62
C GLU F 452 8.81 -23.88 -36.71
N PHE F 453 8.64 -22.62 -36.35
CA PHE F 453 7.55 -22.21 -35.48
C PHE F 453 6.23 -22.04 -36.24
N LEU F 454 5.30 -22.96 -36.01
CA LEU F 454 4.00 -22.89 -36.66
C LEU F 454 3.04 -21.96 -35.95
N ALA F 455 2.70 -22.29 -34.71
CA ALA F 455 1.61 -21.61 -34.02
C ALA F 455 1.84 -21.75 -32.53
N ALA F 456 1.41 -20.74 -31.77
CA ALA F 456 1.51 -20.76 -30.30
C ALA F 456 0.42 -19.90 -29.68
N MET F 457 -0.16 -20.34 -28.57
CA MET F 457 -1.20 -19.57 -27.92
C MET F 457 -0.77 -19.20 -26.52
N ASP F 458 -0.91 -17.92 -26.19
CA ASP F 458 -0.54 -17.37 -24.90
C ASP F 458 -1.56 -17.79 -23.83
N GLN F 459 -1.41 -17.42 -22.56
CA GLN F 459 -2.42 -17.65 -21.56
C GLN F 459 -3.62 -16.72 -21.83
N GLY F 460 -3.39 -15.51 -22.39
CA GLY F 460 -4.52 -14.63 -22.62
C GLY F 460 -5.17 -14.79 -23.97
N ARG F 461 -5.27 -16.03 -24.45
CA ARG F 461 -5.97 -16.40 -25.68
C ARG F 461 -5.45 -15.66 -26.92
N ILE F 462 -4.13 -15.63 -27.09
CA ILE F 462 -3.54 -14.88 -28.19
C ILE F 462 -2.80 -15.82 -29.13
N GLN F 463 -3.27 -15.89 -30.37
CA GLN F 463 -2.71 -16.80 -31.36
C GLN F 463 -1.57 -16.14 -32.11
N TYR F 464 -0.40 -16.76 -32.08
CA TYR F 464 0.77 -16.27 -32.80
C TYR F 464 1.00 -17.27 -33.93
N TYR F 465 1.11 -16.78 -35.16
CA TYR F 465 1.27 -17.65 -36.32
C TYR F 465 2.56 -17.33 -37.06
N GLY F 466 3.15 -18.38 -37.61
CA GLY F 466 4.29 -18.23 -38.49
C GLY F 466 3.91 -17.63 -39.83
N ASP F 467 4.96 -17.25 -40.57
CA ASP F 467 4.76 -16.52 -41.82
C ASP F 467 4.24 -17.43 -42.92
N SER F 468 4.70 -18.68 -42.96
CA SER F 468 4.27 -19.59 -44.01
C SER F 468 2.88 -20.15 -43.79
N VAL F 469 2.34 -20.00 -42.59
CA VAL F 469 1.12 -20.67 -42.17
C VAL F 469 0.06 -19.67 -41.75
N ARG F 470 0.31 -18.40 -42.00
CA ARG F 470 -0.60 -17.33 -41.59
C ARG F 470 -1.84 -17.38 -42.44
N GLY F 471 -2.93 -17.82 -41.85
CA GLY F 471 -4.20 -17.93 -42.55
C GLY F 471 -4.58 -19.32 -42.97
N ARG F 472 -3.87 -20.34 -42.52
CA ARG F 472 -4.17 -21.71 -42.89
C ARG F 472 -4.53 -22.55 -41.67
N PHE F 473 -3.72 -22.48 -40.61
CA PHE F 473 -3.90 -23.32 -39.44
C PHE F 473 -4.59 -22.56 -38.31
N THR F 474 -5.37 -23.29 -37.52
CA THR F 474 -6.06 -22.71 -36.38
C THR F 474 -5.66 -23.43 -35.10
N ILE F 475 -5.16 -22.68 -34.14
CA ILE F 475 -4.73 -23.22 -32.85
C ILE F 475 -5.78 -22.87 -31.81
N SER F 476 -6.02 -23.79 -30.87
CA SER F 476 -7.05 -23.59 -29.86
C SER F 476 -6.74 -24.43 -28.64
N ARG F 477 -6.57 -23.80 -27.49
CA ARG F 477 -6.27 -24.51 -26.27
C ARG F 477 -7.53 -24.77 -25.48
N ASP F 478 -7.54 -25.88 -24.76
CA ASP F 478 -8.54 -26.17 -23.74
C ASP F 478 -7.85 -26.12 -22.39
N TYR F 479 -8.07 -25.02 -21.67
CA TYR F 479 -7.35 -24.81 -20.42
C TYR F 479 -7.88 -25.70 -19.32
N ALA F 480 -9.09 -26.22 -19.47
CA ALA F 480 -9.60 -27.18 -18.51
C ALA F 480 -8.88 -28.50 -18.64
N LYS F 481 -8.78 -29.00 -19.87
CA LYS F 481 -8.22 -30.32 -20.10
C LYS F 481 -6.72 -30.24 -20.34
N ASN F 482 -6.15 -29.03 -20.30
CA ASN F 482 -4.71 -28.77 -20.50
C ASN F 482 -4.22 -29.32 -21.83
N SER F 483 -4.76 -28.79 -22.91
CA SER F 483 -4.42 -29.30 -24.23
C SER F 483 -4.18 -28.14 -25.20
N VAL F 484 -3.62 -28.48 -26.36
CA VAL F 484 -3.53 -27.56 -27.48
C VAL F 484 -3.91 -28.33 -28.75
N ASP F 485 -4.64 -27.70 -29.65
CA ASP F 485 -5.29 -28.39 -30.76
C ASP F 485 -5.06 -27.68 -32.08
N LEU F 486 -4.00 -28.02 -32.79
CA LEU F 486 -3.70 -27.37 -34.05
C LEU F 486 -4.57 -27.96 -35.15
N GLN F 487 -5.50 -27.17 -35.67
CA GLN F 487 -6.37 -27.61 -36.77
C GLN F 487 -5.65 -27.43 -38.09
N LEU F 488 -5.65 -28.47 -38.90
CA LEU F 488 -4.97 -28.46 -40.19
C LEU F 488 -5.96 -28.18 -41.31
N ASP F 489 -5.54 -27.40 -42.30
CA ASP F 489 -6.41 -27.11 -43.41
C ASP F 489 -5.57 -26.69 -44.60
N GLY F 490 -6.02 -27.05 -45.80
CA GLY F 490 -5.38 -26.63 -47.04
C GLY F 490 -4.01 -27.25 -47.20
N LEU F 491 -3.95 -28.57 -47.01
CA LEU F 491 -2.68 -29.26 -46.80
C LEU F 491 -1.92 -29.48 -48.09
N ARG F 492 -0.83 -28.77 -48.25
CA ARG F 492 0.06 -28.87 -49.39
C ARG F 492 0.97 -30.09 -49.23
N PRO F 493 1.62 -30.54 -50.30
CA PRO F 493 2.62 -31.61 -50.15
C PRO F 493 3.86 -31.20 -49.37
N GLU F 494 4.11 -29.90 -49.19
CA GLU F 494 5.28 -29.44 -48.46
C GLU F 494 5.09 -29.48 -46.95
N ASP F 495 3.93 -29.89 -46.47
CA ASP F 495 3.68 -30.04 -45.05
C ASP F 495 3.99 -31.45 -44.57
N THR F 496 4.71 -32.22 -45.36
CA THR F 496 5.17 -33.54 -44.95
C THR F 496 6.40 -33.40 -44.08
N ALA F 497 6.20 -33.45 -42.76
CA ALA F 497 7.27 -33.20 -41.80
C ALA F 497 6.79 -33.72 -40.44
N VAL F 498 7.58 -33.44 -39.40
CA VAL F 498 7.26 -33.90 -38.05
C VAL F 498 6.68 -32.74 -37.27
N TYR F 499 5.55 -32.98 -36.60
CA TYR F 499 4.84 -31.95 -35.84
C TYR F 499 5.03 -32.15 -34.35
N TYR F 500 5.80 -31.27 -33.71
CA TYR F 500 6.05 -31.34 -32.28
C TYR F 500 5.07 -30.47 -31.52
N CYS F 501 4.52 -31.00 -30.44
CA CYS F 501 3.90 -30.21 -29.41
C CYS F 501 4.96 -29.66 -28.49
N ALA F 502 4.94 -28.36 -28.25
CA ALA F 502 5.93 -27.69 -27.41
C ALA F 502 5.23 -26.94 -26.29
N ALA F 503 5.99 -26.64 -25.23
CA ALA F 503 5.48 -25.82 -24.15
C ALA F 503 6.65 -25.09 -23.51
N GLY F 504 6.39 -23.87 -23.06
CA GLY F 504 7.42 -23.12 -22.40
C GLY F 504 6.87 -21.81 -21.89
N ALA F 505 7.83 -21.03 -21.40
CA ALA F 505 7.69 -19.67 -20.95
C ALA F 505 8.66 -19.10 -21.98
N GLY F 506 8.19 -18.14 -22.77
CA GLY F 506 9.03 -17.66 -23.85
C GLY F 506 10.07 -16.62 -23.55
N PHE F 507 11.14 -17.03 -22.85
CA PHE F 507 12.18 -16.04 -22.62
C PHE F 507 13.04 -15.95 -23.88
N TRP F 508 13.11 -14.75 -24.46
CA TRP F 508 13.66 -14.69 -25.80
C TRP F 508 12.80 -15.77 -26.51
N GLY F 509 11.48 -15.66 -26.37
CA GLY F 509 10.60 -16.67 -26.93
C GLY F 509 9.57 -16.34 -27.98
N LEU F 510 8.89 -17.41 -28.40
CA LEU F 510 7.79 -17.54 -29.38
C LEU F 510 8.26 -17.65 -30.83
N ARG F 511 9.55 -17.40 -31.05
CA ARG F 511 10.14 -17.51 -32.37
C ARG F 511 11.38 -18.40 -32.35
N THR F 512 11.74 -18.87 -31.15
CA THR F 512 12.90 -19.71 -30.97
C THR F 512 12.51 -21.04 -30.32
N ALA F 513 13.26 -22.09 -30.65
CA ALA F 513 13.01 -23.42 -30.10
C ALA F 513 13.70 -23.64 -28.77
N SER F 514 14.69 -22.82 -28.43
CA SER F 514 15.38 -23.04 -27.17
C SER F 514 14.64 -22.44 -25.99
N SER F 515 13.65 -21.60 -26.26
CA SER F 515 12.90 -20.96 -25.19
C SER F 515 11.93 -21.91 -24.50
N TYR F 516 11.59 -23.00 -25.18
CA TYR F 516 10.67 -23.99 -24.62
C TYR F 516 11.42 -25.06 -23.86
N HIS F 517 11.01 -25.30 -22.61
CA HIS F 517 11.66 -26.30 -21.79
C HIS F 517 10.82 -27.55 -21.61
N TYR F 518 9.73 -27.70 -22.35
CA TYR F 518 8.95 -28.92 -22.32
C TYR F 518 8.53 -29.27 -23.73
N TRP F 519 8.55 -30.56 -24.05
CA TRP F 519 8.41 -31.01 -25.43
C TRP F 519 7.50 -32.21 -25.55
N GLY F 520 6.89 -32.34 -26.73
CA GLY F 520 6.28 -33.58 -27.13
C GLY F 520 7.27 -34.53 -27.75
N GLN F 521 6.76 -35.65 -28.25
CA GLN F 521 7.59 -36.63 -28.93
C GLN F 521 7.71 -36.34 -30.42
N GLY F 522 6.64 -35.86 -31.02
CA GLY F 522 6.60 -35.59 -32.44
C GLY F 522 5.64 -36.51 -33.16
N THR F 523 5.20 -36.07 -34.33
CA THR F 523 4.35 -36.89 -35.20
C THR F 523 4.60 -36.53 -36.66
N GLN F 524 5.00 -37.53 -37.44
CA GLN F 524 5.10 -37.39 -38.89
C GLN F 524 3.71 -37.31 -39.49
N VAL F 525 3.41 -36.22 -40.17
CA VAL F 525 2.18 -36.08 -40.95
C VAL F 525 2.56 -35.98 -42.42
N THR F 526 2.15 -36.97 -43.20
CA THR F 526 2.61 -37.16 -44.57
C THR F 526 1.50 -36.87 -45.56
N VAL F 527 1.78 -36.02 -46.55
CA VAL F 527 0.84 -35.65 -47.59
C VAL F 527 1.23 -36.32 -48.91
N SER F 528 0.31 -37.11 -49.48
CA SER F 528 0.51 -37.81 -50.74
C SER F 528 -0.30 -37.17 -51.85
N SER F 529 0.39 -36.55 -52.81
CA SER F 529 -0.26 -35.93 -53.98
C SER F 529 0.19 -36.62 -55.25
C1 NAG G . -6.51 15.65 -15.41
C2 NAG G . -6.92 17.11 -15.18
C3 NAG G . -7.86 17.20 -13.98
C4 NAG G . -9.05 16.28 -14.17
C5 NAG G . -8.55 14.86 -14.38
C6 NAG G . -9.64 13.87 -14.65
C7 NAG G . -5.48 19.03 -15.68
C8 NAG G . -4.27 19.81 -15.26
N2 NAG G . -5.74 17.94 -14.96
O3 NAG G . -8.26 18.55 -13.85
O4 NAG G . -9.92 16.37 -13.04
O5 NAG G . -7.68 14.84 -15.52
O6 NAG G . -10.36 14.25 -15.81
O7 NAG G . -6.19 19.39 -16.62
C1 NAG G . -11.08 17.03 -13.43
C2 NAG G . -12.33 16.58 -12.68
C3 NAG G . -13.55 17.27 -13.28
C4 NAG G . -13.36 18.79 -13.16
C5 NAG G . -12.09 19.18 -13.89
C6 NAG G . -11.75 20.65 -13.79
C7 NAG G . -12.07 14.33 -11.78
C8 NAG G . -12.36 12.87 -11.97
N2 NAG G . -12.50 15.14 -12.75
O3 NAG G . -14.72 16.84 -12.62
O4 NAG G . -14.51 19.50 -13.65
O5 NAG G . -10.96 18.47 -13.36
O6 NAG G . -11.58 21.06 -12.43
O7 NAG G . -11.49 14.75 -10.79
C1 BMA G . -15.20 20.12 -12.63
C2 BMA G . -16.63 20.41 -13.08
C3 BMA G . -17.45 21.00 -11.93
C4 BMA G . -17.36 20.11 -10.69
C5 BMA G . -15.90 19.90 -10.33
C6 BMA G . -15.67 18.97 -9.15
O2 BMA G . -17.24 19.21 -13.53
O3 BMA G . -18.80 21.17 -12.36
O4 BMA G . -18.02 20.72 -9.59
O5 BMA G . -15.21 19.33 -11.44
O6 BMA G . -16.58 17.90 -9.09
C1 MAN G . -16.06 16.77 -9.69
C2 MAN G . -17.21 15.87 -10.11
C3 MAN G . -17.82 15.22 -8.90
C4 MAN G . -16.77 14.48 -8.09
C5 MAN G . -15.63 15.43 -7.73
C6 MAN G . -14.49 14.73 -7.05
O2 MAN G . -16.72 14.88 -11.01
O3 MAN G . -18.85 14.31 -9.31
O4 MAN G . -17.33 13.97 -6.89
O5 MAN G . -15.11 16.02 -8.92
O6 MAN G . -13.29 15.48 -7.18
C1 MAN G . -20.05 14.75 -8.81
C2 MAN G . -20.95 13.53 -8.57
C3 MAN G . -21.38 12.93 -9.91
C4 MAN G . -22.00 13.99 -10.81
C5 MAN G . -21.03 15.16 -10.95
C6 MAN G . -21.61 16.32 -11.75
O2 MAN G . -22.08 13.91 -7.79
O3 MAN G . -22.29 11.85 -9.72
O4 MAN G . -22.29 13.43 -12.09
O5 MAN G . -20.71 15.69 -9.66
O6 MAN G . -20.67 17.37 -11.91
C1 MAN G . -12.46 15.18 -6.13
C2 MAN G . -11.47 16.31 -5.92
C3 MAN G . -10.54 16.40 -7.13
C4 MAN G . -9.88 15.06 -7.40
C5 MAN G . -10.93 13.97 -7.51
C6 MAN G . -10.33 12.59 -7.62
O2 MAN G . -10.68 16.00 -4.77
O3 MAN G . -9.54 17.38 -6.89
O4 MAN G . -9.16 15.14 -8.62
O5 MAN G . -11.76 13.96 -6.34
O6 MAN G . -11.34 11.59 -7.66
C1 MAN G . -19.21 22.46 -12.13
C2 MAN G . -20.73 22.58 -12.21
C3 MAN G . -21.19 22.54 -13.67
C4 MAN G . -20.46 23.58 -14.50
C5 MAN G . -18.95 23.39 -14.34
C6 MAN G . -18.16 24.46 -15.05
O2 MAN G . -21.17 23.79 -11.61
O3 MAN G . -22.59 22.79 -13.73
O4 MAN G . -20.81 23.45 -15.86
O5 MAN G . -18.59 23.46 -12.96
O6 MAN G . -16.76 24.28 -14.85
C1 NAG H . 2.08 45.52 -14.57
C2 NAG H . 2.55 46.62 -13.62
C3 NAG H . 3.94 47.11 -14.01
C4 NAG H . 4.91 45.94 -14.11
C5 NAG H . 4.34 44.91 -15.08
C6 NAG H . 5.19 43.66 -15.21
C7 NAG H . 0.64 47.86 -12.72
C8 NAG H . -0.28 49.03 -12.92
N2 NAG H . 1.60 47.73 -13.63
O3 NAG H . 4.39 48.02 -13.03
O4 NAG H . 6.17 46.39 -14.56
O5 NAG H . 3.05 44.48 -14.62
O6 NAG H . 4.76 42.83 -16.28
O7 NAG H . 0.53 47.09 -11.79
C1 NAG H . 7.12 46.23 -13.57
C2 NAG H . 8.46 46.82 -14.02
C3 NAG H . 9.52 46.62 -12.93
C4 NAG H . 9.03 47.18 -11.60
C5 NAG H . 7.67 46.58 -11.25
C6 NAG H . 7.06 47.17 -10.00
C7 NAG H . 8.75 46.78 -16.44
C8 NAG H . 9.24 45.99 -17.63
N2 NAG H . 8.90 46.21 -15.26
O3 NAG H . 10.72 47.27 -13.33
O4 NAG H . 9.96 46.88 -10.57
O5 NAG H . 6.75 46.83 -12.32
O6 NAG H . 5.79 46.60 -9.73
O7 NAG H . 8.24 47.89 -16.57
C1 NAG I . 22.42 16.30 -11.74
C2 NAG I . 23.30 17.54 -11.87
C3 NAG I . 23.10 18.29 -13.18
C4 NAG I . 23.17 17.34 -14.38
C5 NAG I . 22.24 16.16 -14.13
C6 NAG I . 22.34 15.16 -15.28
C7 NAG I . 23.77 18.49 -9.68
C8 NAG I . 23.01 18.50 -8.38
N2 NAG I . 23.01 18.45 -10.78
O3 NAG I . 24.11 19.28 -13.31
O4 NAG I . 22.73 18.03 -15.55
O5 NAG I . 22.56 15.49 -12.92
O6 NAG I . 23.58 14.45 -15.18
O7 NAG I . 24.99 18.50 -9.74
C1 NAG I . 23.84 18.40 -16.40
C2 NAG I . 23.36 18.36 -17.84
C3 NAG I . 24.42 18.88 -18.81
C4 NAG I . 24.88 20.25 -18.37
C5 NAG I . 25.36 20.19 -16.93
C6 NAG I . 25.77 21.59 -16.47
C7 NAG I . 21.70 16.65 -18.27
C8 NAG I . 21.43 15.21 -18.56
N2 NAG I . 22.98 17.02 -18.22
O3 NAG I . 23.88 18.94 -20.13
O4 NAG I . 25.94 20.70 -19.23
O5 NAG I . 24.34 19.70 -16.07
O6 NAG I . 26.18 21.53 -15.09
O7 NAG I . 20.79 17.46 -18.08
C1 BMA I . 25.54 21.92 -19.90
C2 BMA I . 26.74 22.83 -20.10
C3 BMA I . 26.33 24.17 -20.70
C4 BMA I . 25.40 23.97 -21.89
C5 BMA I . 24.36 22.85 -21.74
C6 BMA I . 23.79 22.54 -23.13
O2 BMA I . 27.67 22.19 -20.98
O3 BMA I . 27.46 24.79 -21.30
O4 BMA I . 24.71 25.20 -22.14
O5 BMA I . 24.91 21.67 -21.16
O6 BMA I . 23.66 23.77 -23.84
C1 MAN I . 23.34 23.58 -25.24
C2 MAN I . 23.92 22.37 -25.99
C3 MAN I . 25.26 22.75 -26.61
C4 MAN I . 25.13 24.01 -27.46
C5 MAN I . 24.53 25.13 -26.62
C6 MAN I . 24.30 26.40 -27.39
O2 MAN I . 23.00 21.94 -26.99
O3 MAN I . 25.74 21.67 -27.41
O4 MAN I . 26.41 24.41 -27.94
O5 MAN I . 23.26 24.70 -26.11
O6 MAN I . 23.88 27.45 -26.53
C1 MAN I . 26.90 21.23 -26.81
C2 MAN I . 27.82 20.67 -27.89
C3 MAN I . 27.21 19.42 -28.49
C4 MAN I . 26.86 18.41 -27.40
C5 MAN I . 25.99 19.07 -26.34
C6 MAN I . 25.72 18.17 -25.17
O2 MAN I . 29.08 20.36 -27.32
O3 MAN I . 28.11 18.84 -29.42
O4 MAN I . 26.13 17.32 -27.96
O5 MAN I . 26.66 20.23 -25.82
O6 MAN I . 24.88 18.81 -24.21
C1 MAN I . 28.03 25.88 -20.50
C2 MAN I . 28.78 26.87 -21.39
C3 MAN I . 30.18 26.33 -21.66
C4 MAN I . 30.91 26.00 -20.37
C5 MAN I . 30.05 25.11 -19.48
C6 MAN I . 30.65 24.90 -18.10
O2 MAN I . 28.85 28.13 -20.75
O3 MAN I . 30.93 27.30 -22.37
O4 MAN I . 32.12 25.32 -20.66
O5 MAN I . 28.75 25.69 -19.28
O6 MAN I . 29.83 24.09 -17.27
C1 NAG J . -8.69 37.97 15.25
C2 NAG J . -8.87 37.96 16.77
C3 NAG J . -9.65 39.19 17.20
C4 NAG J . -8.99 40.47 16.67
C5 NAG J . -8.80 40.36 15.15
C6 NAG J . -8.02 41.51 14.57
C7 NAG J . -9.19 36.11 18.33
C8 NAG J . -9.98 34.87 18.66
N2 NAG J . -9.53 36.75 17.21
O3 NAG J . -9.68 39.23 18.63
O4 NAG J . -9.82 41.59 16.98
O5 NAG J . -8.04 39.18 14.85
O6 NAG J . -7.65 41.25 13.22
O7 NAG J . -8.28 36.52 19.06
C1 NAG J . -9.21 42.41 17.90
C2 NAG J . -9.67 43.84 17.67
C3 NAG J . -8.97 44.79 18.64
C4 NAG J . -9.16 44.32 20.07
C5 NAG J . -8.74 42.86 20.22
C6 NAG J . -9.06 42.31 21.59
C7 NAG J . -10.40 44.21 15.36
C8 NAG J . -10.00 44.70 13.99
N2 NAG J . -9.44 44.25 16.29
O3 NAG J . -9.51 46.10 18.50
O4 NAG J . -8.36 45.12 20.94
O5 NAG J . -9.45 42.05 19.27
O6 NAG J . -8.64 40.95 21.73
O7 NAG J . -11.52 43.79 15.60
C1 NAG K . -19.97 9.38 -13.36
C2 NAG K . -19.00 10.51 -13.69
C3 NAG K . -19.65 11.48 -14.68
C4 NAG K . -20.18 10.73 -15.89
C5 NAG K . -21.04 9.54 -15.48
C6 NAG K . -21.44 8.66 -16.63
C7 NAG K . -17.45 10.90 -11.83
C8 NAG K . -17.25 11.58 -10.52
N2 NAG K . -18.59 11.20 -12.48
O3 NAG K . -18.69 12.45 -15.09
O4 NAG K . -21.00 11.59 -16.67
O5 NAG K . -20.33 8.70 -14.55
O6 NAG K . -22.26 7.60 -16.21
O7 NAG K . -16.64 10.10 -12.28
C1 NAG K . -20.43 11.96 -17.88
C2 NAG K . -21.57 12.35 -18.79
C3 NAG K . -21.04 12.95 -20.09
C4 NAG K . -20.09 14.10 -19.80
C5 NAG K . -18.97 13.60 -18.89
C6 NAG K . -18.00 14.67 -18.46
C7 NAG K . -23.72 11.22 -19.18
C8 NAG K . -24.39 9.92 -19.53
N2 NAG K . -22.39 11.17 -19.09
O3 NAG K . -22.17 13.42 -20.84
O4 NAG K . -19.55 14.58 -21.03
O5 NAG K . -19.56 13.08 -17.69
O6 NAG K . -17.02 14.15 -17.58
O7 NAG K . -24.35 12.25 -19.01
C1 BMA K . -20.03 15.86 -21.27
C2 BMA K . -18.97 16.72 -21.95
C3 BMA K . -19.48 18.15 -22.06
C4 BMA K . -20.83 18.20 -22.75
C5 BMA K . -21.81 17.24 -22.07
C6 BMA K . -23.13 17.14 -22.80
O2 BMA K . -18.72 16.19 -23.25
O3 BMA K . -18.53 18.95 -22.76
O4 BMA K . -21.36 19.52 -22.66
O5 BMA K . -21.24 15.92 -22.02
O6 BMA K . -22.92 16.92 -24.19
C1 MAN K . -17.63 19.40 -21.83
C2 MAN K . -17.52 20.92 -21.90
C3 MAN K . -16.83 21.33 -23.20
C4 MAN K . -15.51 20.61 -23.38
C5 MAN K . -15.72 19.10 -23.25
C6 MAN K . -14.44 18.31 -23.30
O2 MAN K . -16.79 21.40 -20.77
O3 MAN K . -16.60 22.74 -23.20
O4 MAN K . -14.95 20.90 -24.65
O5 MAN K . -16.34 18.81 -21.99
O6 MAN K . -14.67 16.91 -23.22
C1 MAN K . -24.12 17.07 -24.85
C2 MAN K . -24.09 16.28 -26.17
C3 MAN K . -23.10 16.93 -27.13
C4 MAN K . -23.41 18.41 -27.32
C5 MAN K . -23.47 19.10 -25.96
C6 MAN K . -23.89 20.54 -26.07
O2 MAN K . -25.39 16.27 -26.75
O3 MAN K . -23.15 16.27 -28.38
O4 MAN K . -22.43 19.03 -28.13
O5 MAN K . -24.44 18.44 -25.12
O6 MAN K . -25.15 20.66 -26.72
C1 NAG L . -23.38 -8.44 -37.08
C2 NAG L . -22.44 -9.53 -37.61
C3 NAG L . -23.20 -10.82 -37.86
C4 NAG L . -23.96 -11.23 -36.59
C5 NAG L . -24.84 -10.09 -36.12
C6 NAG L . -25.55 -10.37 -34.82
C7 NAG L . -22.17 -8.62 -39.93
C8 NAG L . -21.15 -8.03 -40.87
N2 NAG L . -21.68 -9.10 -38.78
O3 NAG L . -22.27 -11.83 -38.22
O4 NAG L . -24.74 -12.41 -36.82
O5 NAG L . -24.04 -8.91 -35.90
O6 NAG L . -24.62 -10.69 -33.81
O7 NAG L . -23.37 -8.67 -40.23
C1 NAG L . -24.20 -13.47 -36.13
C2 NAG L . -25.23 -14.58 -35.88
C3 NAG L . -24.61 -15.68 -35.01
C4 NAG L . -23.31 -16.18 -35.64
C5 NAG L . -22.37 -15.01 -35.94
C6 NAG L . -21.14 -15.42 -36.70
C7 NAG L . -27.53 -13.74 -35.93
C8 NAG L . -28.69 -13.23 -35.12
N2 NAG L . -26.43 -14.06 -35.25
O3 NAG L . -25.53 -16.74 -34.88
O4 NAG L . -22.66 -17.06 -34.74
O5 NAG L . -23.05 -14.03 -36.74
O6 NAG L . -21.49 -15.96 -37.96
O7 NAG L . -27.59 -13.85 -37.16
C1 NAG M . -21.70 -19.05 -2.39
C2 NAG M . -22.27 -20.33 -2.98
C3 NAG M . -23.52 -20.02 -3.80
C4 NAG M . -24.54 -19.30 -2.92
C5 NAG M . -23.91 -18.07 -2.27
C6 NAG M . -24.80 -17.45 -1.23
C7 NAG M . -20.71 -20.82 -4.89
C8 NAG M . -19.97 -21.93 -5.55
N2 NAG M . -21.31 -21.13 -3.73
O3 NAG M . -24.06 -21.25 -4.30
O4 NAG M . -25.62 -18.83 -3.72
O5 NAG M . -22.69 -18.42 -1.59
O6 NAG M . -24.99 -18.33 -0.15
O7 NAG M . -20.75 -19.70 -5.38
C1 NAG M . -26.78 -19.57 -3.59
C2 NAG M . -27.94 -18.66 -4.01
C3 NAG M . -29.22 -19.47 -4.20
C4 NAG M . -28.99 -20.64 -5.15
C5 NAG M . -27.85 -21.49 -4.60
C6 NAG M . -27.48 -22.67 -5.45
C7 NAG M . -27.59 -16.40 -3.10
C8 NAG M . -27.88 -15.48 -1.95
N2 NAG M . -28.15 -17.61 -3.01
O3 NAG M . -30.22 -18.61 -4.74
O4 NAG M . -30.19 -21.39 -5.25
O5 NAG M . -26.68 -20.67 -4.50
O6 NAG M . -26.98 -22.25 -6.71
O7 NAG M . -26.89 -16.08 -4.04
C1 BMA M . -30.68 -21.36 -6.54
C2 BMA M . -31.43 -22.66 -6.82
C3 BMA M . -31.88 -22.71 -8.27
C4 BMA M . -32.66 -21.44 -8.65
C5 BMA M . -31.87 -20.19 -8.27
C6 BMA M . -32.68 -18.93 -8.47
O2 BMA M . -32.56 -22.71 -5.95
O3 BMA M . -32.69 -23.85 -8.50
O4 BMA M . -32.90 -21.43 -10.05
O5 BMA M . -31.52 -20.25 -6.87
O6 BMA M . -34.02 -19.13 -8.08
C1 MAN M . -34.60 -17.92 -7.78
C2 MAN M . -35.46 -18.10 -6.53
C3 MAN M . -36.64 -19.01 -6.85
C4 MAN M . -37.41 -18.51 -8.05
C5 MAN M . -36.46 -18.30 -9.23
C6 MAN M . -37.15 -17.67 -10.43
O2 MAN M . -35.94 -16.82 -6.11
O3 MAN M . -37.51 -19.07 -5.71
O4 MAN M . -38.42 -19.45 -8.41
O5 MAN M . -35.40 -17.42 -8.85
O6 MAN M . -36.25 -17.49 -11.51
C1 MAN M . -37.50 -20.36 -5.23
C2 MAN M . -38.94 -20.70 -4.87
C3 MAN M . -39.42 -19.77 -3.78
C4 MAN M . -38.47 -19.79 -2.59
C5 MAN M . -37.03 -19.54 -3.05
C6 MAN M . -36.03 -19.70 -1.92
O2 MAN M . -38.99 -22.05 -4.40
O3 MAN M . -40.72 -20.16 -3.36
O4 MAN M . -38.83 -18.79 -1.65
O5 MAN M . -36.67 -20.48 -4.07
O6 MAN M . -36.32 -18.82 -0.85
C1 MAN M . -32.04 -24.80 -9.27
C2 MAN M . -33.07 -25.60 -10.07
C3 MAN M . -33.96 -26.36 -9.09
C4 MAN M . -33.13 -27.22 -8.15
C5 MAN M . -32.05 -26.37 -7.46
C6 MAN M . -31.10 -27.20 -6.65
O2 MAN M . -32.42 -26.52 -10.92
O3 MAN M . -34.83 -27.19 -9.85
O4 MAN M . -33.96 -27.74 -7.12
O5 MAN M . -31.26 -25.68 -8.46
O6 MAN M . -30.06 -26.41 -6.09
C1 PIO N . 32.97 -43.59 23.47
O1 PIO N . 32.01 -42.65 22.98
P1 PIO N . 31.97 -42.19 21.46
C2 PIO N . 32.32 -44.95 23.57
O2 PIO N . 31.19 -44.89 24.43
C3 PIO N . 33.29 -45.98 24.13
O3 PIO N . 32.63 -47.22 24.30
C4 PIO N . 33.83 -45.51 25.49
O4 PIO N . 34.89 -46.41 25.88
P4 PIO N . 34.89 -47.85 26.53
C5 PIO N . 34.43 -44.11 25.40
O5 PIO N . 34.78 -43.70 26.74
P5 PIO N . 36.02 -42.79 27.13
C6 PIO N . 33.45 -43.11 24.83
O6 PIO N . 34.07 -41.84 24.71
O11 PIO N . 30.92 -41.11 21.35
O12 PIO N . 33.29 -41.79 20.96
O13 PIO N . 31.42 -43.45 20.68
C1A PIO N . 30.76 -44.99 17.11
O1A PIO N . 31.22 -46.06 17.39
C1B PIO N . 26.56 -45.23 18.26
O1B PIO N . 26.53 -46.42 18.10
C1C PIO N . 30.05 -43.54 20.27
C2A PIO N . 30.86 -44.35 15.75
C2B PIO N . 25.51 -44.26 17.78
C2C PIO N . 29.93 -44.71 19.33
O2C PIO N . 30.08 -44.21 17.96
C3A PIO N . 29.51 -44.24 15.06
C3B PIO N . 25.91 -43.54 16.50
C3C PIO N . 28.62 -45.42 19.44
O3C PIO N . 27.55 -44.60 18.91
O41 PIO N . 33.43 -48.15 26.88
O42 PIO N . 35.80 -47.88 27.70
O43 PIO N . 35.33 -48.77 25.40
C4A PIO N . 29.54 -43.40 13.80
C4B PIO N . 24.80 -42.65 15.96
O51 PIO N . 37.15 -43.74 27.46
O52 PIO N . 35.61 -42.08 28.41
O53 PIO N . 36.30 -41.85 26.02
C5A PIO N . 28.18 -43.06 13.25
C5B PIO N . 25.29 -41.55 15.04
C6A PIO N . 28.19 -41.97 12.21
C6B PIO N . 24.25 -40.49 14.73
C7A PIO N . 26.82 -41.61 11.66
C7B PIO N . 24.79 -39.30 13.95
C8A PIO N . 26.86 -40.46 10.69
C8B PIO N . 23.76 -38.22 13.71
N ABU O . 8.54 16.05 -26.43
CD ABU O . 7.44 15.14 -26.64
CB ABU O . 7.78 14.06 -27.64
CG ABU O . 6.63 13.08 -27.87
C ABU O . 6.96 12.01 -28.87
O ABU O . 6.02 11.21 -29.07
OXT ABU O . 8.06 11.93 -29.45
C1 DZP P . 23.75 -14.40 10.45
C2 DZP P . 22.45 -13.95 10.44
C3 DZP P . 22.13 -12.80 9.76
C4 DZP P . 23.11 -12.09 9.09
C5 DZP P . 25.47 -11.79 8.35
C6 DZP P . 25.65 -9.50 7.32
C7 DZP P . 25.66 -8.11 7.46
C8 DZP P . 25.58 -7.54 8.70
C9 DZP P . 25.47 -8.34 9.81
C11 DZP P . 24.74 -13.69 9.77
C12 DZP P . 24.42 -12.53 9.09
C13 DZP P . 25.49 -10.30 8.45
C14 DZP P . 25.41 -9.71 9.71
N15 DZP P . 26.33 -12.46 7.69
C17 DZP P . 27.35 -11.69 6.95
C18 DZP P . 26.69 -11.05 5.76
C20 DZP P . 25.15 -9.41 4.90
N2 DZP P . 25.83 -10.04 6.02
O1 DZP P . 26.97 -11.38 4.61
CL DZP P . 25.49 -7.61 11.39
C1 DZP Q . -24.22 23.63 7.96
C2 DZP Q . -25.37 23.02 8.42
C3 DZP Q . -25.50 22.74 9.76
C4 DZP Q . -24.50 23.07 10.64
C5 DZP Q . -22.25 24.04 11.13
C6 DZP Q . -21.46 23.28 13.40
C7 DZP Q . -20.94 22.28 14.22
C8 DZP Q . -20.71 21.02 13.72
C9 DZP Q . -20.99 20.76 12.41
C11 DZP Q . -23.20 23.95 8.83
C12 DZP Q . -23.33 23.67 10.19
C13 DZP Q . -21.74 23.00 12.06
C14 DZP Q . -21.51 21.72 11.57
N15 DZP Q . -21.80 25.24 11.08
C17 DZP Q . -20.73 25.60 12.01
C18 DZP Q . -21.35 25.73 13.38
C20 DZP Q . -22.33 24.61 15.30
N2 DZP Q . -21.71 24.55 13.98
O1 DZP Q . -21.51 26.80 13.94
CL DZP Q . -20.72 19.16 11.78
C1 PIO R . 18.67 -19.57 55.05
O1 PIO R . 18.47 -18.85 53.80
P1 PIO R . 16.98 -18.49 53.32
C2 PIO R . 18.91 -18.56 56.16
O2 PIO R . 20.11 -17.82 55.90
C3 PIO R . 19.03 -19.29 57.48
O3 PIO R . 19.31 -18.36 58.53
C4 PIO R . 20.12 -20.35 57.43
O4 PIO R . 19.98 -21.17 58.61
P4 PIO R . 20.98 -21.62 59.74
C5 PIO R . 20.01 -21.26 56.22
O5 PIO R . 21.21 -22.05 56.15
P5 PIO R . 21.36 -23.57 55.65
C6 PIO R . 19.85 -20.51 54.91
O6 PIO R . 19.60 -21.43 53.85
O11 PIO R . 17.04 -18.23 51.83
O12 PIO R . 16.01 -19.53 53.72
O13 PIO R . 16.67 -17.11 54.03
C1A PIO R . 12.91 -15.64 56.40
O1A PIO R . 13.46 -15.74 57.45
C1B PIO R . 15.30 -12.41 54.19
O1B PIO R . 15.99 -11.89 55.03
C1C PIO R . 15.35 -16.56 53.91
C2A PIO R . 11.44 -15.38 56.22
C2B PIO R . 14.67 -11.67 53.04
C2C PIO R . 14.96 -15.87 55.19
O2C PIO R . 13.52 -15.71 55.21
C3A PIO R . 11.16 -14.35 55.15
C3B PIO R . 13.39 -12.30 52.52
C3C PIO R . 15.55 -14.49 55.26
O3C PIO R . 15.02 -13.71 54.18
O41 PIO R . 21.42 -20.30 60.39
O42 PIO R . 20.32 -22.55 60.69
O43 PIO R . 22.17 -22.24 59.01
C4A PIO R . 9.78 -14.49 54.53
C4B PIO R . 12.68 -11.40 51.51
O51 PIO R . 20.04 -24.24 56.00
O52 PIO R . 22.44 -24.20 56.51
O53 PIO R . 21.66 -23.59 54.19
C5A PIO R . 9.62 -13.77 53.20
C5B PIO R . 11.71 -12.12 50.59
C6A PIO R . 8.40 -14.22 52.41
C6B PIO R . 11.16 -11.23 49.47
C7A PIO R . 8.36 -13.66 51.01
C7B PIO R . 10.34 -11.98 48.42
C8A PIO R . 7.21 -14.19 50.20
C8B PIO R . 9.86 -11.09 47.29
N ABU S . -31.81 -1.87 -6.43
CD ABU S . -31.44 -0.59 -5.83
CB ABU S . -32.44 -0.17 -4.77
CG ABU S . -32.09 1.17 -4.13
C ABU S . -33.07 1.59 -3.06
O ABU S . -32.80 2.68 -2.54
OXT ABU S . -34.06 0.90 -2.75
C1 DZP T . 4.41 -16.06 24.67
C2 DZP T . 4.37 -15.04 23.74
C3 DZP T . 3.42 -15.06 22.75
C4 DZP T . 2.49 -16.07 22.68
C5 DZP T . 1.48 -18.17 23.58
C6 DZP T . -0.03 -19.19 21.83
C7 DZP T . -0.19 -19.89 20.65
C8 DZP T . 0.91 -20.31 19.93
C9 DZP T . 2.17 -20.01 20.40
C11 DZP T . 3.48 -17.08 24.61
C12 DZP T . 2.51 -17.09 23.62
C13 DZP T . 1.25 -18.88 22.30
C14 DZP T . 2.36 -19.31 21.56
N15 DZP T . 0.87 -18.44 24.67
C17 DZP T . -0.16 -19.50 24.62
C18 DZP T . -1.36 -18.97 23.89
C20 DZP T . -2.33 -18.27 21.78
N2 DZP T . -1.20 -18.80 22.53
O1 DZP T . -2.42 -18.76 24.43
CL DZP T . 3.55 -20.60 19.54
#